data_8UCN
#
_entry.id   8UCN
#
_cell.length_a   1.00
_cell.length_b   1.00
_cell.length_c   1.00
_cell.angle_alpha   90.00
_cell.angle_beta   90.00
_cell.angle_gamma   90.00
#
_symmetry.space_group_name_H-M   'P 1'
#
loop_
_entity.id
_entity.type
_entity.pdbx_description
1 polymer 'Synaptic vesicular amine transporter'
2 polymer 'Cytochrome c oxidase subunit 1'
3 polymer 'Cytochrome c oxidase subunit 2'
4 polymer 'Cytochrome c oxidase subunit 3'
5 polymer 'Cytochrome c oxidase subunit 4'
6 polymer 'Cytochrome c oxidase subunit 5'
7 polymer 'Cytochrome c oxidase subunit 6'
8 polymer 'Cytochrome c oxidase subunit 7'
9 polymer 'Cytochrome c oxidase subunit 8'
10 polymer 'Cytochrome c oxidase subunit 9'
11 non-polymer HISTAMINE
12 non-polymer 'COPPER (II) ION'
13 non-polymer HEME-A
14 non-polymer 'DINUCLEAR COPPER ION'
15 non-polymer PHOSPHATIDYLETHANOLAMINE
16 non-polymer 'ZINC ION'
#
loop_
_entity_poly.entity_id
_entity_poly.type
_entity_poly.pdbx_seq_one_letter_code
_entity_poly.pdbx_strand_id
1 'polypeptide(L)'
;MALSELALVRWLQESRRSRKLILFIVFLALLLDNMLLTVVVPIIPSYLYSIKHEKNATEIQTARPVHTASISDSFQSIFS
YYDNSTMVTGNATRDLTLHQTATQHMVTNASAVPSDCPSEDKDLLNENVQVGLLFASKATVQLITNPFIGLLTNRIGYPI
PIFAGFCIMFVSTIMFAFSSSYAFLLIARSLQGIGSSCSSVAGMGMLASVYTDDEERGNVMGIALGGLAMGVLVGPPFGS
VLYEFVGKTAPFLVLAALVLLDGAIQLFVLQPSRVQPESQKGTPLTTLLKDPYILIAAGSICFANMGIAMLEPALPIWMM
ETMCSRKWQLGVAFLPASISYLIGTNIFGILAHKMGRWLCALLGMIIVGVSILCIPFAKNIYGLIAPNFGVGFAIGMVDS
SMMPIMGYLVDLRHVSVYGSVYAIADVAFCMGYAIGPSAGGAIAKAIGFPWLMTIIGIIDILFAPLCFFLRSPPAKEEKM
AILMDHNCPIKTKMYTQNNIQSYPIGEDEESESD
;
A
2 'polypeptide(L)'
;MNYINRWLFSTNAKDIAVLYFIFALFCGLLGSIMSLILRLELSAPGNQILMGNHQLFNVVATAHAVLMVFFLVMPAAIGF
FGNYLLPLMIGASDMSFARLNNISFWLLPPALVSLLASALIENGAGTGWTVYPPLAGVQSHSGPSVDLAIFALHLTSISS
LLGAINFITTTLNMRTIGMTMSKLPLFVWAVVFTSILLLLSLPVLSAGVTLLLLDRNFNTSFFEPAGGGDPILYQHLFWF
FGHPEVYILIIPGFGIISHIVSTYSKKPVFGAIGMVYAMGSIGFLGLLVWSHHMYTVGLDVDSRAYFTSATMVIAVPTGI
KIFSWLATLYGGSIRYTTPMLYAFAFLFLFTVGGLSGVVLSNASLDIAFHDTYYVIGHFHYVLSLGAVFSLFAGYYYWSP
LITGLYYNNNLANIQFWLLFIGTNVTFFPMHFLGLNGMPRRIPDYPDAFAGWNAISSFGSLISIISVILFAYVIYDQLVN
GLTNKQLSTNSLFKNPDFIESNIIFNDNSIKSSSIDFLLTSPPLPHTFNTPAIQS
;
a
3 'polypeptide(L)'
;DVPTPWGIFFQDSATPNMEGIIELHNNIMFYLVLILTFVSYILYTIIYNYSNATIVHKYMNHGQLIEIVWTTLPAVILLI
IAFPSFILLYLCDEVISPAMTIKAIGLQWYWKYEYSDFINDDGEIVEFESYVIPEELLEDGQLRLLDVDASVVVPVDTHI
RFIVSSADVIHDFCVPALGVKVDASPGRLNQTSALIQREGVYYGQCSELCGVMHSAMPIKIEAVSLYEFINWLDEQ
;
b
4 'polypeptide(L)'
;MRIQNRENLQLFPFHLVTNSPWPLTTSLALMSLALTLGLTMHGYIGNHLWLFLAISLVLSSIFLWVRDVVIEGTYLGDHT
IAVRKGLNIGFMLFVLSEILIFAALFWSYFHSAMGPTIEIGCQWPPVGITSIKPTELPLLNTIILLASGATVTWAHHSIL
YKDRQGTLVGLFITTLLIILFVGCQVLEYTWATFTIADSVFGSIFYAGTGLHFIHMVMLIVMLAICYARMYFYHFTSNHH
LGLETTILYLHVLDIIWLFLYIVFYWWG
;
c
5 'polypeptide(L)'
;QFKTATSIAEVEGLENLVGPGAKTGTVPTDLEQATGLERYELLGKLEGIEVFDETPLEAVRKGTMKDPILIDSYDDYRYV
GCTGVPADSHNIEWLKPTTEKNARCWECGSVYKLNFL
;
d
6 'polypeptide(L)'
;NATVTNLEKRWEDLPETDQKDIISQLSERQKLPWKDLTLSEKKAAWYISFGEWGPRRPVHTKEDKLYIFWGTVIGIVISA
TIFGAFRYNRNVPKTMNREWQAASDEYLKSKNAEPFTGYSQIQS
;
e
7 'polypeptide(L)'
;EETYEEFSQRYEKEFDEAYDLFEVQRVLNNCFSYDIVPSPAVIGKALNACRRVNDYATAVRVFEGLKHKVETKEQYDAYL
EELKDVREELGIDLKEELFP
;
f
8 'polypeptide(L)' TATEKIIELQKFYQSTNKPIYAAHPRSKYYLIPYFGLLGVSVAATLFYTGRACFGIKD g
9 'polypeptide(L)' DVGPYSNLPFKVKNRRVPYAVPHFLFFAIGMGIPFFACYVQLKRSGSI h
10 'polypeptide(L)' SLTRIQGSVKRRILTDISVGLTLGFGFASYWWWGVHKPTVAHRENYYIELAKKKKA i
#
# COMPACT_ATOMS: atom_id res chain seq x y z
N SER A 18 -21.45 27.13 9.44
CA SER A 18 -21.40 27.51 8.03
C SER A 18 -22.16 26.51 7.17
N ARG A 19 -21.99 26.61 5.85
CA ARG A 19 -22.64 25.69 4.94
C ARG A 19 -22.10 24.28 5.11
N LYS A 20 -20.80 24.14 5.37
CA LYS A 20 -20.18 22.83 5.46
C LYS A 20 -20.62 22.08 6.71
N LEU A 21 -20.99 22.81 7.77
CA LEU A 21 -21.29 22.17 9.05
C LEU A 21 -22.54 21.30 8.96
N ILE A 22 -23.58 21.79 8.29
CA ILE A 22 -24.81 21.02 8.18
C ILE A 22 -24.58 19.76 7.34
N LEU A 23 -23.83 19.90 6.26
CA LEU A 23 -23.46 18.75 5.44
C LEU A 23 -22.74 17.70 6.28
N PHE A 24 -21.75 18.13 7.06
CA PHE A 24 -20.98 17.19 7.86
C PHE A 24 -21.85 16.53 8.92
N ILE A 25 -22.74 17.29 9.55
CA ILE A 25 -23.58 16.74 10.60
C ILE A 25 -24.54 15.70 10.03
N VAL A 26 -25.16 16.01 8.89
CA VAL A 26 -26.07 15.04 8.27
C VAL A 26 -25.32 13.78 7.84
N PHE A 27 -24.14 13.96 7.24
CA PHE A 27 -23.33 12.82 6.84
C PHE A 27 -22.99 11.93 8.03
N LEU A 28 -22.54 12.53 9.12
CA LEU A 28 -22.16 11.76 10.30
C LEU A 28 -23.37 11.06 10.92
N ALA A 29 -24.51 11.74 10.98
CA ALA A 29 -25.70 11.12 11.57
C ALA A 29 -26.14 9.90 10.77
N LEU A 30 -26.23 10.05 9.44
CA LEU A 30 -26.62 8.92 8.61
C LEU A 30 -25.61 7.79 8.71
N LEU A 31 -24.32 8.11 8.72
CA LEU A 31 -23.28 7.09 8.83
C LEU A 31 -23.41 6.31 10.13
N LEU A 32 -23.59 7.03 11.25
CA LEU A 32 -23.68 6.38 12.54
C LEU A 32 -24.92 5.50 12.63
N ASP A 33 -26.06 6.01 12.16
CA ASP A 33 -27.29 5.21 12.19
C ASP A 33 -27.13 3.94 11.34
N ASN A 34 -26.56 4.09 10.15
CA ASN A 34 -26.42 2.94 9.26
C ASN A 34 -25.46 1.90 9.85
N MET A 35 -24.35 2.35 10.45
CA MET A 35 -23.39 1.38 10.97
C MET A 35 -23.81 0.82 12.32
N LEU A 36 -24.75 1.46 13.02
CA LEU A 36 -25.31 0.85 14.22
C LEU A 36 -26.46 -0.08 13.88
N LEU A 37 -27.09 0.10 12.72
CA LEU A 37 -28.15 -0.81 12.30
C LEU A 37 -27.62 -2.22 12.03
N THR A 38 -26.32 -2.35 11.76
CA THR A 38 -25.74 -3.63 11.33
C THR A 38 -24.84 -4.24 12.39
N VAL A 39 -25.09 -3.95 13.67
CA VAL A 39 -24.35 -4.61 14.73
C VAL A 39 -24.67 -6.10 14.72
N VAL A 40 -23.64 -6.93 14.83
CA VAL A 40 -23.83 -8.38 14.76
C VAL A 40 -24.67 -8.86 15.93
N VAL A 41 -24.39 -8.36 17.13
CA VAL A 41 -25.13 -8.72 18.33
C VAL A 41 -24.99 -10.20 18.63
N LEU A 133 -38.07 -9.88 14.21
CA LEU A 133 -38.88 -9.25 15.25
C LEU A 133 -38.17 -8.01 15.80
N LEU A 134 -36.94 -8.19 16.27
CA LEU A 134 -36.19 -7.08 16.84
C LEU A 134 -35.88 -6.02 15.79
N PHE A 135 -35.48 -6.44 14.58
CA PHE A 135 -35.17 -5.48 13.53
C PHE A 135 -36.39 -4.64 13.17
N ALA A 136 -37.52 -5.28 12.90
CA ALA A 136 -38.75 -4.59 12.57
C ALA A 136 -39.35 -3.83 13.75
N SER A 137 -38.71 -3.91 14.92
CA SER A 137 -39.07 -3.09 16.05
C SER A 137 -38.41 -1.71 16.04
N LYS A 138 -37.35 -1.52 15.24
CA LYS A 138 -36.75 -0.20 15.21
C LYS A 138 -37.49 0.74 14.27
N ALA A 139 -37.84 0.26 13.07
CA ALA A 139 -38.45 1.14 12.08
C ALA A 139 -39.83 1.61 12.53
N THR A 140 -40.67 0.68 13.00
CA THR A 140 -42.06 1.03 13.28
C THR A 140 -42.18 2.11 14.35
N VAL A 141 -41.42 1.98 15.45
CA VAL A 141 -41.41 3.03 16.46
C VAL A 141 -40.91 4.33 15.86
N GLN A 142 -39.88 4.25 15.02
CA GLN A 142 -39.39 5.44 14.32
C GLN A 142 -40.49 6.08 13.50
N LEU A 143 -41.35 5.26 12.87
CA LEU A 143 -42.46 5.82 12.12
C LEU A 143 -43.36 6.65 13.03
N ILE A 144 -43.64 6.13 14.23
CA ILE A 144 -44.50 6.87 15.16
C ILE A 144 -43.82 8.16 15.59
N THR A 145 -42.49 8.20 15.55
CA THR A 145 -41.80 9.42 15.92
C THR A 145 -41.71 10.42 14.78
N ASN A 146 -42.00 9.99 13.54
CA ASN A 146 -41.68 10.84 12.39
C ASN A 146 -42.50 12.13 12.35
N PRO A 147 -43.83 12.09 12.39
CA PRO A 147 -44.59 13.36 12.31
C PRO A 147 -44.31 14.31 13.45
N PHE A 148 -44.11 13.79 14.67
CA PHE A 148 -43.98 14.65 15.84
C PHE A 148 -42.79 15.59 15.71
N ILE A 149 -41.65 15.07 15.25
CA ILE A 149 -40.47 15.90 15.04
C ILE A 149 -40.79 17.02 14.07
N GLY A 150 -41.56 16.71 13.03
CA GLY A 150 -41.92 17.74 12.06
C GLY A 150 -42.67 18.89 12.68
N LEU A 151 -43.41 18.63 13.76
CA LEU A 151 -44.05 19.73 14.47
C LEU A 151 -43.03 20.53 15.29
N LEU A 152 -42.12 19.83 15.97
CA LEU A 152 -41.22 20.51 16.90
C LEU A 152 -40.34 21.51 16.19
N THR A 153 -39.80 21.14 15.03
CA THR A 153 -38.94 22.04 14.28
C THR A 153 -39.69 23.29 13.83
N ASN A 154 -41.01 23.24 13.73
CA ASN A 154 -41.76 24.43 13.37
C ASN A 154 -41.74 25.46 14.50
N ARG A 155 -41.61 25.00 15.74
CA ARG A 155 -41.63 25.89 16.90
C ARG A 155 -40.30 25.87 17.67
N ILE A 156 -39.85 24.69 18.09
CA ILE A 156 -38.68 24.62 18.98
C ILE A 156 -37.43 25.05 18.25
N GLY A 157 -37.23 24.57 17.03
CA GLY A 157 -36.01 24.83 16.27
C GLY A 157 -35.35 23.54 15.82
N TYR A 158 -34.35 23.71 14.98
CA TYR A 158 -33.60 22.59 14.42
C TYR A 158 -32.54 22.04 15.38
N PRO A 159 -31.56 22.85 15.80
CA PRO A 159 -30.40 22.29 16.51
C PRO A 159 -30.74 21.62 17.84
N ILE A 160 -31.76 22.10 18.55
CA ILE A 160 -32.13 21.46 19.81
C ILE A 160 -32.55 20.02 19.61
N PRO A 161 -33.52 19.70 18.74
CA PRO A 161 -33.79 18.29 18.44
C PRO A 161 -32.62 17.57 17.80
N ILE A 162 -31.78 18.27 17.04
CA ILE A 162 -30.62 17.60 16.45
C ILE A 162 -29.72 17.03 17.55
N PHE A 163 -29.38 17.85 18.54
CA PHE A 163 -28.52 17.38 19.63
C PHE A 163 -29.26 16.38 20.50
N ALA A 164 -30.52 16.66 20.84
CA ALA A 164 -31.35 15.74 21.61
C ALA A 164 -31.92 14.72 20.64
N GLY A 165 -31.10 13.72 20.35
CA GLY A 165 -31.39 12.76 19.30
C GLY A 165 -30.11 12.34 18.64
N PHE A 166 -29.09 13.19 18.72
CA PHE A 166 -27.73 12.76 18.43
C PHE A 166 -27.06 12.16 19.66
N CYS A 167 -27.45 12.60 20.86
CA CYS A 167 -26.95 11.97 22.08
C CYS A 167 -27.60 10.62 22.36
N ILE A 168 -28.82 10.41 21.86
CA ILE A 168 -29.52 9.17 22.13
C ILE A 168 -28.83 8.00 21.44
N MET A 169 -28.20 8.24 20.28
CA MET A 169 -27.42 7.17 19.66
C MET A 169 -26.25 6.76 20.54
N PHE A 170 -25.59 7.72 21.19
CA PHE A 170 -24.50 7.37 22.10
C PHE A 170 -25.01 6.55 23.29
N VAL A 171 -26.13 6.97 23.87
CA VAL A 171 -26.65 6.19 24.99
C VAL A 171 -27.07 4.79 24.51
N SER A 172 -27.61 4.70 23.30
CA SER A 172 -28.01 3.40 22.76
C SER A 172 -26.80 2.50 22.49
N THR A 173 -25.69 3.09 22.03
CA THR A 173 -24.51 2.25 21.78
C THR A 173 -23.92 1.76 23.09
N ILE A 174 -23.96 2.58 24.14
CA ILE A 174 -23.55 2.08 25.45
C ILE A 174 -24.47 0.96 25.91
N MET A 175 -25.79 1.13 25.69
CA MET A 175 -26.76 0.08 26.01
C MET A 175 -26.45 -1.22 25.29
N PHE A 176 -26.13 -1.13 23.99
CA PHE A 176 -25.75 -2.32 23.23
C PHE A 176 -24.48 -2.95 23.78
N ALA A 177 -23.49 -2.13 24.12
CA ALA A 177 -22.19 -2.66 24.52
C ALA A 177 -22.28 -3.41 25.83
N PHE A 178 -22.94 -2.84 26.84
CA PHE A 178 -22.87 -3.43 28.17
C PHE A 178 -23.91 -4.52 28.43
N SER A 179 -25.15 -4.33 28.01
CA SER A 179 -26.23 -5.25 28.35
C SER A 179 -26.28 -6.42 27.37
N SER A 180 -26.72 -7.58 27.87
CA SER A 180 -26.82 -8.79 27.06
C SER A 180 -28.15 -9.51 27.18
N SER A 181 -28.99 -9.19 28.16
CA SER A 181 -30.26 -9.87 28.31
C SER A 181 -31.22 -9.49 27.18
N TYR A 182 -32.25 -10.33 27.00
CA TYR A 182 -33.18 -10.13 25.89
C TYR A 182 -33.94 -8.81 26.01
N ALA A 183 -34.46 -8.52 27.21
CA ALA A 183 -35.16 -7.25 27.40
C ALA A 183 -34.22 -6.07 27.24
N PHE A 184 -32.98 -6.21 27.72
CA PHE A 184 -32.00 -5.14 27.55
C PHE A 184 -31.68 -4.90 26.08
N LEU A 185 -31.52 -5.98 25.31
CA LEU A 185 -31.30 -5.83 23.88
C LEU A 185 -32.51 -5.24 23.18
N LEU A 186 -33.72 -5.59 23.64
CA LEU A 186 -34.92 -5.00 23.06
C LEU A 186 -34.98 -3.51 23.31
N ILE A 187 -34.59 -3.08 24.52
CA ILE A 187 -34.52 -1.65 24.81
C ILE A 187 -33.45 -0.99 23.94
N ALA A 188 -32.31 -1.66 23.75
CA ALA A 188 -31.24 -1.10 22.94
C ALA A 188 -31.67 -0.93 21.49
N ARG A 189 -32.37 -1.92 20.94
CA ARG A 189 -32.87 -1.79 19.57
C ARG A 189 -33.91 -0.70 19.46
N SER A 190 -34.69 -0.48 20.52
CA SER A 190 -35.47 0.74 20.61
C SER A 190 -34.57 1.90 20.99
N LEU A 191 -35.11 3.11 20.87
CA LEU A 191 -34.40 4.36 21.11
C LEU A 191 -33.42 4.67 19.98
N GLN A 192 -33.25 3.73 19.04
CA GLN A 192 -32.60 4.05 17.78
C GLN A 192 -33.59 4.63 16.80
N GLY A 193 -34.85 4.19 16.86
CA GLY A 193 -35.86 4.76 15.99
C GLY A 193 -36.08 6.23 16.25
N ILE A 194 -36.25 6.60 17.52
CA ILE A 194 -36.53 7.99 17.86
C ILE A 194 -35.33 8.88 17.54
N GLY A 195 -34.13 8.45 17.95
CA GLY A 195 -32.95 9.24 17.70
C GLY A 195 -32.65 9.37 16.22
N SER A 196 -32.75 8.26 15.48
CA SER A 196 -32.50 8.30 14.05
C SER A 196 -33.52 9.17 13.34
N SER A 197 -34.79 9.07 13.71
CA SER A 197 -35.82 9.89 13.08
C SER A 197 -35.56 11.36 13.33
N CYS A 198 -35.31 11.74 14.59
CA CYS A 198 -35.04 13.13 14.91
C CYS A 198 -33.83 13.64 14.16
N SER A 199 -32.73 12.87 14.20
CA SER A 199 -31.50 13.30 13.54
C SER A 199 -31.69 13.48 12.05
N SER A 200 -32.24 12.46 11.37
CA SER A 200 -32.38 12.52 9.93
C SER A 200 -33.32 13.63 9.50
N VAL A 201 -34.50 13.73 10.14
CA VAL A 201 -35.46 14.74 9.74
C VAL A 201 -34.91 16.14 9.98
N ALA A 202 -34.34 16.37 11.17
CA ALA A 202 -33.81 17.69 11.48
C ALA A 202 -32.64 18.05 10.58
N GLY A 203 -31.74 17.10 10.33
CA GLY A 203 -30.59 17.38 9.49
C GLY A 203 -30.98 17.70 8.07
N MET A 204 -31.87 16.89 7.50
CA MET A 204 -32.29 17.14 6.12
C MET A 204 -33.10 18.44 6.02
N GLY A 205 -33.94 18.73 7.00
CA GLY A 205 -34.68 19.98 6.98
C GLY A 205 -33.79 21.20 7.07
N MET A 206 -32.80 21.16 7.97
CA MET A 206 -31.91 22.31 8.10
C MET A 206 -30.97 22.41 6.91
N LEU A 207 -30.62 21.28 6.29
CA LEU A 207 -29.86 21.33 5.05
C LEU A 207 -30.66 22.00 3.95
N ALA A 208 -31.95 21.68 3.85
CA ALA A 208 -32.81 22.36 2.88
C ALA A 208 -32.91 23.84 3.19
N SER A 209 -32.99 24.19 4.48
CA SER A 209 -33.09 25.59 4.85
C SER A 209 -31.83 26.37 4.52
N VAL A 210 -30.66 25.78 4.78
CA VAL A 210 -29.41 26.51 4.60
C VAL A 210 -29.13 26.75 3.12
N TYR A 211 -29.28 25.72 2.30
CA TYR A 211 -29.07 25.85 0.86
C TYR A 211 -30.40 26.15 0.20
N THR A 212 -30.49 27.32 -0.43
CA THR A 212 -31.73 27.74 -1.06
C THR A 212 -31.72 27.59 -2.58
N ASP A 213 -30.56 27.68 -3.21
CA ASP A 213 -30.48 27.49 -4.65
C ASP A 213 -30.77 26.03 -5.00
N ASP A 214 -31.49 25.83 -6.11
CA ASP A 214 -31.96 24.48 -6.44
C ASP A 214 -30.82 23.55 -6.81
N GLU A 215 -29.93 23.98 -7.69
CA GLU A 215 -28.83 23.11 -8.11
C GLU A 215 -27.89 22.80 -6.95
N GLU A 216 -27.58 23.81 -6.15
CA GLU A 216 -26.75 23.59 -4.97
C GLU A 216 -27.43 22.64 -4.00
N ARG A 217 -28.76 22.77 -3.84
CA ARG A 217 -29.49 21.86 -2.99
C ARG A 217 -29.40 20.44 -3.50
N GLY A 218 -29.55 20.24 -4.81
CA GLY A 218 -29.45 18.91 -5.37
C GLY A 218 -28.08 18.29 -5.14
N ASN A 219 -27.02 19.06 -5.39
CA ASN A 219 -25.67 18.55 -5.18
C ASN A 219 -25.43 18.19 -3.71
N VAL A 220 -25.83 19.07 -2.79
CA VAL A 220 -25.59 18.82 -1.38
C VAL A 220 -26.43 17.63 -0.90
N MET A 221 -27.67 17.51 -1.40
CA MET A 221 -28.52 16.40 -1.00
C MET A 221 -27.93 15.08 -1.47
N GLY A 222 -27.42 15.04 -2.70
CA GLY A 222 -26.78 13.82 -3.18
C GLY A 222 -25.56 13.44 -2.35
N ILE A 223 -24.69 14.43 -2.10
CA ILE A 223 -23.48 14.14 -1.33
C ILE A 223 -23.82 13.69 0.08
N ALA A 224 -24.84 14.29 0.69
CA ALA A 224 -25.22 13.92 2.05
C ALA A 224 -25.84 12.53 2.09
N LEU A 225 -26.79 12.25 1.19
CA LEU A 225 -27.41 10.94 1.16
C LEU A 225 -26.44 9.84 0.75
N GLY A 226 -25.28 10.20 0.18
CA GLY A 226 -24.24 9.22 -0.04
C GLY A 226 -23.73 8.55 1.22
N GLY A 227 -23.98 9.15 2.38
CA GLY A 227 -23.54 8.54 3.63
C GLY A 227 -24.17 7.17 3.86
N LEU A 228 -25.48 7.07 3.64
CA LEU A 228 -26.12 5.76 3.63
C LEU A 228 -25.50 4.90 2.54
N ALA A 229 -25.26 3.64 2.87
CA ALA A 229 -24.49 2.68 2.07
C ALA A 229 -23.00 2.95 2.15
N MET A 230 -22.57 3.98 2.88
CA MET A 230 -21.17 4.18 3.21
C MET A 230 -20.83 3.70 4.61
N GLY A 231 -21.73 3.89 5.57
CA GLY A 231 -21.50 3.36 6.90
C GLY A 231 -21.43 1.84 6.92
N VAL A 232 -22.20 1.19 6.06
CA VAL A 232 -22.13 -0.26 5.93
C VAL A 232 -20.74 -0.68 5.46
N LEU A 233 -20.06 0.19 4.71
CA LEU A 233 -18.76 -0.12 4.15
C LEU A 233 -17.61 0.43 5.00
N VAL A 234 -17.73 1.68 5.46
CA VAL A 234 -16.59 2.32 6.11
C VAL A 234 -16.21 1.61 7.40
N GLY A 235 -17.18 1.41 8.30
CA GLY A 235 -17.04 0.46 9.38
C GLY A 235 -18.34 -0.30 9.58
N PRO A 236 -18.33 -1.59 9.29
CA PRO A 236 -19.55 -2.38 9.46
C PRO A 236 -19.87 -2.60 10.93
N PRO A 237 -18.88 -3.02 11.78
CA PRO A 237 -19.18 -3.00 13.22
C PRO A 237 -19.11 -1.60 13.81
N PHE A 238 -19.35 -1.53 15.11
CA PHE A 238 -18.95 -0.38 15.92
C PHE A 238 -18.91 -0.85 17.37
N GLY A 239 -17.71 -1.01 17.92
CA GLY A 239 -17.61 -1.68 19.20
C GLY A 239 -18.02 -3.13 19.10
N SER A 240 -17.22 -3.93 18.39
CA SER A 240 -17.52 -5.33 18.13
C SER A 240 -16.90 -6.21 19.21
N VAL A 241 -16.84 -7.52 18.95
CA VAL A 241 -16.44 -8.48 19.98
C VAL A 241 -15.01 -8.24 20.42
N LEU A 242 -14.09 -8.12 19.47
CA LEU A 242 -12.68 -7.98 19.79
C LEU A 242 -12.34 -6.52 20.13
N TYR A 243 -11.38 -6.36 21.02
CA TYR A 243 -10.95 -5.01 21.41
C TYR A 243 -10.35 -4.25 20.24
N GLU A 244 -9.73 -4.96 19.29
CA GLU A 244 -9.09 -4.33 18.15
C GLU A 244 -10.07 -3.69 17.19
N PHE A 245 -11.37 -3.90 17.36
CA PHE A 245 -12.36 -3.14 16.61
C PHE A 245 -12.45 -1.69 17.08
N VAL A 246 -11.81 -1.37 18.20
CA VAL A 246 -11.66 0.02 18.64
C VAL A 246 -10.23 0.40 18.29
N GLY A 247 -9.66 -0.32 17.32
CA GLY A 247 -8.37 0.02 16.76
C GLY A 247 -8.49 0.24 15.27
N LYS A 248 -9.69 0.02 14.73
CA LYS A 248 -10.02 0.36 13.35
C LYS A 248 -10.97 1.53 13.23
N THR A 249 -11.90 1.68 14.17
CA THR A 249 -12.78 2.84 14.23
C THR A 249 -12.18 3.99 15.01
N ALA A 250 -10.99 3.81 15.57
CA ALA A 250 -10.29 4.86 16.29
C ALA A 250 -9.74 5.92 15.35
N PRO A 251 -9.04 5.54 14.26
CA PRO A 251 -8.55 6.56 13.32
C PRO A 251 -9.63 7.39 12.66
N PHE A 252 -10.89 6.94 12.65
CA PHE A 252 -11.96 7.66 11.98
C PHE A 252 -12.65 8.68 12.86
N LEU A 253 -12.78 8.39 14.16
CA LEU A 253 -13.31 9.39 15.08
C LEU A 253 -12.39 10.61 15.15
N VAL A 254 -11.09 10.39 15.07
CA VAL A 254 -10.15 11.52 15.05
C VAL A 254 -10.37 12.39 13.82
N LEU A 255 -10.56 11.75 12.65
CA LEU A 255 -10.83 12.53 11.44
C LEU A 255 -12.15 13.28 11.57
N ALA A 256 -13.16 12.64 12.17
CA ALA A 256 -14.43 13.32 12.37
C ALA A 256 -14.28 14.56 13.25
N ALA A 257 -13.54 14.45 14.34
CA ALA A 257 -13.31 15.60 15.20
C ALA A 257 -12.50 16.68 14.49
N LEU A 258 -11.47 16.28 13.76
CA LEU A 258 -10.63 17.22 13.03
C LEU A 258 -11.39 17.94 11.92
N VAL A 259 -12.45 17.33 11.38
CA VAL A 259 -13.20 17.97 10.31
C VAL A 259 -14.34 18.79 10.89
N LEU A 260 -14.79 18.42 12.11
CA LEU A 260 -15.78 19.24 12.78
C LEU A 260 -15.18 20.51 13.38
N LEU A 261 -13.89 20.48 13.72
CA LEU A 261 -13.23 21.71 14.17
C LEU A 261 -13.27 22.79 13.09
N ASP A 262 -13.17 22.39 11.82
CA ASP A 262 -13.25 23.38 10.74
C ASP A 262 -14.60 24.06 10.72
N GLY A 263 -15.68 23.30 10.90
CA GLY A 263 -17.00 23.91 10.98
C GLY A 263 -17.16 24.79 12.20
N ALA A 264 -16.55 24.38 13.32
CA ALA A 264 -16.69 25.14 14.55
C ALA A 264 -15.94 26.46 14.47
N ILE A 265 -14.63 26.42 14.18
CA ILE A 265 -13.80 27.62 14.15
C ILE A 265 -14.27 28.59 13.09
N GLN A 266 -14.76 28.10 11.96
CA GLN A 266 -15.25 28.97 10.90
C GLN A 266 -16.50 29.74 11.30
N LEU A 267 -17.37 29.15 12.14
CA LEU A 267 -18.66 29.74 12.42
C LEU A 267 -18.57 30.57 13.69
N PHE A 268 -18.20 30.00 14.84
CA PHE A 268 -18.24 30.75 16.08
C PHE A 268 -16.85 31.16 16.58
N VAL A 269 -15.92 31.41 15.67
CA VAL A 269 -14.62 31.97 16.04
C VAL A 269 -14.32 33.09 15.05
N LEU A 270 -15.11 33.14 13.97
CA LEU A 270 -14.86 34.02 12.84
C LEU A 270 -16.12 34.82 12.51
N GLN A 271 -16.16 35.39 11.30
CA GLN A 271 -17.20 36.30 10.84
C GLN A 271 -18.59 35.85 11.27
N PRO A 272 -19.44 36.76 11.78
CA PRO A 272 -20.79 36.51 12.25
C PRO A 272 -21.83 36.56 11.13
N GLU A 278 -34.99 35.09 12.06
CA GLU A 278 -36.15 35.05 11.19
C GLU A 278 -36.89 33.73 11.33
N SER A 279 -38.19 33.80 11.62
CA SER A 279 -39.04 32.64 11.76
C SER A 279 -40.34 32.84 11.01
N GLN A 280 -40.89 31.75 10.48
CA GLN A 280 -42.17 31.77 9.79
C GLN A 280 -43.02 30.59 10.26
N LYS A 281 -44.32 30.70 10.01
CA LYS A 281 -45.26 29.67 10.42
C LYS A 281 -46.19 29.33 9.27
N GLY A 282 -46.66 28.09 9.25
CA GLY A 282 -47.57 27.63 8.23
C GLY A 282 -47.35 26.17 7.92
N THR A 283 -47.84 25.75 6.76
CA THR A 283 -47.75 24.39 6.24
C THR A 283 -48.35 23.39 7.22
N PRO A 284 -49.66 23.43 7.45
CA PRO A 284 -50.28 22.37 8.25
C PRO A 284 -50.13 21.02 7.57
N LEU A 285 -49.92 19.99 8.36
CA LEU A 285 -49.71 18.65 7.79
C LEU A 285 -50.95 18.14 7.09
N THR A 286 -52.12 18.41 7.66
CA THR A 286 -53.37 17.91 7.08
C THR A 286 -53.60 18.47 5.69
N THR A 287 -53.36 19.78 5.51
CA THR A 287 -53.48 20.37 4.18
C THR A 287 -52.45 19.80 3.23
N LEU A 288 -51.22 19.60 3.71
CA LEU A 288 -50.15 19.10 2.84
C LEU A 288 -50.43 17.68 2.37
N LEU A 289 -51.11 16.88 3.19
CA LEU A 289 -51.38 15.49 2.79
C LEU A 289 -52.30 15.43 1.58
N LYS A 290 -53.14 16.45 1.37
CA LYS A 290 -54.11 16.42 0.28
C LYS A 290 -53.48 16.70 -1.07
N ASP A 291 -52.31 17.32 -1.11
CA ASP A 291 -51.68 17.67 -2.39
C ASP A 291 -51.28 16.41 -3.14
N PRO A 292 -51.77 16.20 -4.37
CA PRO A 292 -51.45 14.95 -5.08
C PRO A 292 -49.97 14.74 -5.35
N TYR A 293 -49.22 15.81 -5.62
CA TYR A 293 -47.82 15.65 -5.99
C TYR A 293 -46.98 15.14 -4.81
N ILE A 294 -47.33 15.58 -3.59
CA ILE A 294 -46.64 15.08 -2.41
C ILE A 294 -46.87 13.58 -2.28
N LEU A 295 -48.11 13.14 -2.49
CA LEU A 295 -48.40 11.72 -2.44
C LEU A 295 -47.66 10.96 -3.53
N ILE A 296 -47.52 11.58 -4.71
CA ILE A 296 -46.79 10.94 -5.81
C ILE A 296 -45.34 10.71 -5.41
N ALA A 297 -44.71 11.73 -4.83
CA ALA A 297 -43.33 11.60 -4.38
C ALA A 297 -43.21 10.55 -3.28
N ALA A 298 -44.17 10.53 -2.35
CA ALA A 298 -44.13 9.57 -1.25
C ALA A 298 -44.21 8.15 -1.78
N GLY A 299 -45.14 7.89 -2.69
CA GLY A 299 -45.24 6.56 -3.27
C GLY A 299 -44.02 6.19 -4.09
N SER A 300 -43.44 7.16 -4.79
CA SER A 300 -42.24 6.90 -5.57
C SER A 300 -41.09 6.44 -4.67
N ILE A 301 -40.93 7.07 -3.51
CA ILE A 301 -39.91 6.60 -2.59
C ILE A 301 -40.30 5.25 -2.00
N CYS A 302 -41.59 5.09 -1.67
CA CYS A 302 -42.04 3.93 -0.89
C CYS A 302 -41.87 2.64 -1.67
N PHE A 303 -42.24 2.63 -2.95
CA PHE A 303 -42.18 1.37 -3.69
C PHE A 303 -40.74 0.93 -3.95
N ALA A 304 -39.87 1.88 -4.30
CA ALA A 304 -38.47 1.56 -4.46
C ALA A 304 -37.87 1.04 -3.17
N ASN A 305 -38.30 1.60 -2.03
CA ASN A 305 -37.85 1.04 -0.76
C ASN A 305 -38.40 -0.36 -0.52
N MET A 306 -39.66 -0.59 -0.92
CA MET A 306 -40.29 -1.90 -0.80
C MET A 306 -39.42 -2.96 -1.46
N GLY A 307 -38.94 -2.66 -2.66
CA GLY A 307 -38.20 -3.64 -3.43
C GLY A 307 -36.98 -4.17 -2.71
N ILE A 308 -36.08 -3.27 -2.31
CA ILE A 308 -34.86 -3.69 -1.65
C ILE A 308 -35.16 -4.26 -0.26
N ALA A 309 -36.18 -3.73 0.42
CA ALA A 309 -36.51 -4.24 1.74
C ALA A 309 -36.90 -5.70 1.68
N MET A 310 -37.73 -6.07 0.70
CA MET A 310 -38.08 -7.47 0.55
C MET A 310 -36.92 -8.30 0.00
N LEU A 311 -36.09 -7.72 -0.87
CA LEU A 311 -35.04 -8.50 -1.51
C LEU A 311 -33.95 -8.89 -0.51
N GLU A 312 -33.58 -7.99 0.40
CA GLU A 312 -32.39 -8.23 1.23
C GLU A 312 -32.46 -9.48 2.09
N PRO A 313 -33.55 -9.77 2.84
CA PRO A 313 -33.49 -10.90 3.78
C PRO A 313 -33.71 -12.25 3.12
N ALA A 314 -34.56 -12.29 2.09
CA ALA A 314 -34.95 -13.57 1.48
C ALA A 314 -33.92 -14.12 0.51
N LEU A 315 -32.96 -13.31 0.08
CA LEU A 315 -31.97 -13.78 -0.88
C LEU A 315 -31.13 -14.93 -0.34
N PRO A 316 -30.54 -14.86 0.87
CA PRO A 316 -29.69 -15.97 1.33
C PRO A 316 -30.41 -17.31 1.40
N ILE A 317 -31.67 -17.33 1.83
CA ILE A 317 -32.39 -18.60 1.94
C ILE A 317 -32.53 -19.25 0.57
N TRP A 318 -32.93 -18.47 -0.43
CA TRP A 318 -33.06 -19.01 -1.78
C TRP A 318 -31.71 -19.43 -2.33
N MET A 319 -30.65 -18.70 -1.99
CA MET A 319 -29.33 -19.07 -2.48
C MET A 319 -28.86 -20.40 -1.87
N MET A 320 -29.11 -20.61 -0.57
CA MET A 320 -28.82 -21.91 0.01
C MET A 320 -29.65 -23.02 -0.63
N GLU A 321 -30.93 -22.74 -0.92
CA GLU A 321 -31.76 -23.76 -1.53
C GLU A 321 -31.29 -24.10 -2.94
N THR A 322 -30.83 -23.10 -3.70
CA THR A 322 -30.50 -23.31 -5.10
C THR A 322 -29.11 -23.93 -5.27
N MET A 323 -28.10 -23.39 -4.56
CA MET A 323 -26.72 -23.73 -4.85
C MET A 323 -25.92 -24.10 -3.61
N CYS A 324 -26.55 -24.20 -2.44
CA CYS A 324 -25.84 -24.46 -1.18
C CYS A 324 -24.79 -23.38 -0.93
N SER A 325 -25.27 -22.14 -0.82
CA SER A 325 -24.39 -20.98 -0.73
C SER A 325 -23.56 -21.03 0.55
N ARG A 326 -22.28 -20.68 0.43
CA ARG A 326 -21.39 -20.60 1.56
C ARG A 326 -21.59 -19.29 2.31
N LYS A 327 -21.05 -19.23 3.53
CA LYS A 327 -21.27 -18.06 4.39
C LYS A 327 -20.64 -16.81 3.78
N TRP A 328 -19.40 -16.93 3.28
CA TRP A 328 -18.73 -15.76 2.71
C TRP A 328 -19.39 -15.33 1.41
N GLN A 329 -19.86 -16.28 0.61
CA GLN A 329 -20.52 -15.94 -0.65
C GLN A 329 -21.80 -15.15 -0.41
N LEU A 330 -22.52 -15.49 0.67
CA LEU A 330 -23.75 -14.77 0.99
C LEU A 330 -23.48 -13.30 1.20
N GLY A 331 -22.44 -12.97 1.98
CA GLY A 331 -22.09 -11.58 2.20
C GLY A 331 -21.55 -10.91 0.95
N VAL A 332 -20.71 -11.62 0.18
CA VAL A 332 -20.07 -10.99 -0.97
C VAL A 332 -21.08 -10.71 -2.08
N ALA A 333 -22.17 -11.49 -2.14
CA ALA A 333 -23.13 -11.32 -3.23
C ALA A 333 -23.81 -9.96 -3.19
N PHE A 334 -24.22 -9.52 -1.99
CA PHE A 334 -25.05 -8.32 -1.88
C PHE A 334 -24.24 -7.03 -1.73
N LEU A 335 -22.93 -7.12 -1.59
CA LEU A 335 -22.08 -5.96 -1.36
C LEU A 335 -22.11 -4.91 -2.48
N PRO A 336 -22.05 -5.30 -3.76
CA PRO A 336 -21.97 -4.28 -4.83
C PRO A 336 -23.12 -3.29 -4.86
N ALA A 337 -24.27 -3.61 -4.25
CA ALA A 337 -25.38 -2.66 -4.24
C ALA A 337 -25.00 -1.37 -3.54
N SER A 338 -24.16 -1.46 -2.50
CA SER A 338 -23.73 -0.25 -1.79
C SER A 338 -22.92 0.66 -2.70
N ILE A 339 -21.96 0.09 -3.44
CA ILE A 339 -21.14 0.89 -4.34
C ILE A 339 -21.99 1.48 -5.46
N SER A 340 -22.95 0.70 -5.97
CA SER A 340 -23.85 1.22 -6.98
C SER A 340 -24.66 2.39 -6.45
N TYR A 341 -25.16 2.27 -5.22
CA TYR A 341 -25.89 3.35 -4.59
C TYR A 341 -25.03 4.60 -4.47
N LEU A 342 -23.78 4.43 -4.03
CA LEU A 342 -22.89 5.57 -3.86
C LEU A 342 -22.65 6.28 -5.19
N ILE A 343 -22.29 5.50 -6.22
CA ILE A 343 -21.99 6.10 -7.52
C ILE A 343 -23.22 6.79 -8.09
N GLY A 344 -24.37 6.12 -8.02
CA GLY A 344 -25.57 6.70 -8.59
C GLY A 344 -25.99 7.99 -7.91
N THR A 345 -26.01 7.99 -6.58
CA THR A 345 -26.37 9.19 -5.85
C THR A 345 -25.43 10.33 -6.14
N ASN A 346 -24.11 10.06 -6.08
CA ASN A 346 -23.15 11.13 -6.29
C ASN A 346 -23.24 11.71 -7.70
N ILE A 347 -23.37 10.85 -8.70
CA ILE A 347 -23.42 11.33 -10.07
C ILE A 347 -24.71 12.11 -10.33
N PHE A 348 -25.85 11.55 -9.94
CA PHE A 348 -27.10 12.18 -10.34
C PHE A 348 -27.50 13.35 -9.47
N GLY A 349 -26.93 13.52 -8.28
CA GLY A 349 -27.16 14.74 -7.54
C GLY A 349 -26.74 15.99 -8.30
N ILE A 350 -25.73 15.84 -9.16
CA ILE A 350 -25.31 16.96 -10.00
C ILE A 350 -25.85 16.83 -11.43
N LEU A 351 -26.11 15.61 -11.90
CA LEU A 351 -26.51 15.44 -13.30
C LEU A 351 -28.02 15.54 -13.52
N ALA A 352 -28.84 15.48 -12.47
CA ALA A 352 -30.28 15.33 -12.70
C ALA A 352 -30.94 16.62 -13.14
N HIS A 353 -30.40 17.77 -12.75
CA HIS A 353 -31.11 19.03 -12.96
C HIS A 353 -31.29 19.34 -14.44
N LYS A 354 -30.27 19.05 -15.26
CA LYS A 354 -30.35 19.38 -16.68
C LYS A 354 -31.46 18.60 -17.38
N MET A 355 -31.57 17.31 -17.08
CA MET A 355 -32.53 16.45 -17.75
C MET A 355 -33.93 16.51 -17.17
N GLY A 356 -34.12 17.18 -16.05
CA GLY A 356 -35.40 17.13 -15.36
C GLY A 356 -35.48 15.93 -14.46
N ARG A 357 -35.90 16.13 -13.21
CA ARG A 357 -35.85 15.06 -12.23
C ARG A 357 -36.86 13.96 -12.52
N TRP A 358 -37.97 14.28 -13.18
CA TRP A 358 -38.98 13.26 -13.45
C TRP A 358 -38.44 12.18 -14.39
N LEU A 359 -37.62 12.56 -15.36
CA LEU A 359 -37.04 11.56 -16.26
C LEU A 359 -36.10 10.63 -15.52
N CYS A 360 -35.28 11.17 -14.61
CA CYS A 360 -34.39 10.33 -13.83
C CYS A 360 -35.20 9.38 -12.94
N ALA A 361 -36.28 9.88 -12.33
CA ALA A 361 -37.11 9.03 -11.49
C ALA A 361 -37.73 7.89 -12.30
N LEU A 362 -38.28 8.22 -13.48
CA LEU A 362 -38.90 7.21 -14.32
C LEU A 362 -37.89 6.15 -14.78
N LEU A 363 -36.72 6.60 -15.23
CA LEU A 363 -35.70 5.66 -15.69
C LEU A 363 -35.21 4.78 -14.54
N GLY A 364 -35.06 5.37 -13.35
CA GLY A 364 -34.67 4.57 -12.20
C GLY A 364 -35.70 3.53 -11.83
N MET A 365 -36.98 3.89 -11.88
CA MET A 365 -38.04 2.93 -11.61
C MET A 365 -38.00 1.77 -12.60
N ILE A 366 -37.85 2.10 -13.89
CA ILE A 366 -37.82 1.05 -14.91
C ILE A 366 -36.62 0.13 -14.70
N ILE A 367 -35.45 0.71 -14.44
CA ILE A 367 -34.24 -0.09 -14.29
C ILE A 367 -34.32 -0.97 -13.04
N VAL A 368 -34.85 -0.43 -11.94
CA VAL A 368 -34.94 -1.23 -10.73
C VAL A 368 -35.92 -2.38 -10.91
N GLY A 369 -37.06 -2.11 -11.58
CA GLY A 369 -38.00 -3.20 -11.85
C GLY A 369 -37.39 -4.28 -12.70
N VAL A 370 -36.69 -3.90 -13.78
CA VAL A 370 -36.09 -4.89 -14.66
C VAL A 370 -35.01 -5.68 -13.94
N SER A 371 -34.17 -5.00 -13.16
CA SER A 371 -33.09 -5.68 -12.44
C SER A 371 -33.63 -6.65 -11.41
N ILE A 372 -34.68 -6.26 -10.68
CA ILE A 372 -35.27 -7.17 -9.71
C ILE A 372 -35.90 -8.37 -10.41
N LEU A 373 -36.51 -8.14 -11.58
CA LEU A 373 -37.10 -9.25 -12.31
C LEU A 373 -36.04 -10.24 -12.79
N CYS A 374 -34.90 -9.73 -13.25
CA CYS A 374 -33.88 -10.59 -13.84
C CYS A 374 -33.17 -11.48 -12.84
N ILE A 375 -33.37 -11.27 -11.53
CA ILE A 375 -32.61 -12.02 -10.53
C ILE A 375 -32.88 -13.52 -10.58
N PRO A 376 -34.13 -13.99 -10.59
CA PRO A 376 -34.37 -15.45 -10.50
C PRO A 376 -33.74 -16.26 -11.64
N PHE A 377 -33.54 -15.66 -12.81
CA PHE A 377 -33.02 -16.43 -13.95
C PHE A 377 -31.58 -16.89 -13.71
N ALA A 378 -30.82 -16.17 -12.90
CA ALA A 378 -29.42 -16.51 -12.68
C ALA A 378 -29.30 -17.84 -11.93
N LYS A 379 -28.30 -18.63 -12.32
CA LYS A 379 -28.00 -19.90 -11.65
C LYS A 379 -26.58 -19.92 -11.10
N ASN A 380 -25.98 -18.76 -10.86
CA ASN A 380 -24.64 -18.66 -10.31
C ASN A 380 -24.45 -17.26 -9.73
N ILE A 381 -23.46 -17.12 -8.86
CA ILE A 381 -23.21 -15.85 -8.18
C ILE A 381 -22.71 -14.81 -9.18
N TYR A 382 -21.93 -15.25 -10.18
CA TYR A 382 -21.43 -14.33 -11.19
C TYR A 382 -22.58 -13.66 -11.94
N GLY A 383 -23.65 -14.41 -12.21
CA GLY A 383 -24.85 -13.82 -12.76
C GLY A 383 -25.54 -12.89 -11.78
N LEU A 384 -25.48 -13.20 -10.48
CA LEU A 384 -26.12 -12.38 -9.47
C LEU A 384 -25.40 -11.06 -9.22
N ILE A 385 -24.15 -10.95 -9.65
CA ILE A 385 -23.38 -9.73 -9.38
C ILE A 385 -24.03 -8.51 -10.04
N ALA A 386 -24.35 -8.61 -11.34
CA ALA A 386 -24.84 -7.46 -12.08
C ALA A 386 -26.18 -6.93 -11.60
N PRO A 387 -27.21 -7.76 -11.43
CA PRO A 387 -28.54 -7.22 -11.04
C PRO A 387 -28.53 -6.46 -9.72
N ASN A 388 -27.72 -6.86 -8.74
CA ASN A 388 -27.64 -6.10 -7.51
C ASN A 388 -27.09 -4.70 -7.77
N PHE A 389 -26.07 -4.59 -8.63
CA PHE A 389 -25.54 -3.29 -9.01
C PHE A 389 -26.61 -2.46 -9.70
N GLY A 390 -27.38 -3.07 -10.59
CA GLY A 390 -28.45 -2.34 -11.25
C GLY A 390 -29.50 -1.85 -10.27
N VAL A 391 -29.86 -2.68 -9.30
CA VAL A 391 -30.86 -2.27 -8.30
C VAL A 391 -30.34 -1.11 -7.48
N GLY A 392 -29.08 -1.18 -7.04
CA GLY A 392 -28.51 -0.07 -6.29
C GLY A 392 -28.47 1.22 -7.09
N PHE A 393 -28.10 1.13 -8.36
CA PHE A 393 -28.04 2.31 -9.21
C PHE A 393 -29.43 2.91 -9.40
N ALA A 394 -30.44 2.07 -9.62
CA ALA A 394 -31.79 2.59 -9.78
C ALA A 394 -32.32 3.22 -8.51
N ILE A 395 -32.03 2.62 -7.35
CA ILE A 395 -32.49 3.19 -6.09
C ILE A 395 -31.81 4.54 -5.84
N GLY A 396 -30.52 4.63 -6.18
CA GLY A 396 -29.84 5.91 -6.09
C GLY A 396 -30.46 6.95 -7.01
N MET A 397 -30.80 6.54 -8.24
CA MET A 397 -31.59 7.37 -9.14
C MET A 397 -32.82 7.94 -8.44
N VAL A 398 -33.64 7.04 -7.89
CA VAL A 398 -34.94 7.45 -7.36
C VAL A 398 -34.74 8.40 -6.18
N ASP A 399 -33.82 8.06 -5.27
CA ASP A 399 -33.62 8.89 -4.08
C ASP A 399 -33.08 10.26 -4.45
N SER A 400 -32.00 10.30 -5.25
CA SER A 400 -31.37 11.58 -5.59
C SER A 400 -32.30 12.45 -6.43
N SER A 401 -33.24 11.85 -7.16
CA SER A 401 -34.17 12.65 -7.95
C SER A 401 -35.37 13.10 -7.13
N MET A 402 -35.84 12.28 -6.19
CA MET A 402 -37.08 12.57 -5.49
C MET A 402 -36.86 13.47 -4.26
N MET A 403 -35.72 13.33 -3.57
CA MET A 403 -35.53 14.15 -2.36
C MET A 403 -35.52 15.64 -2.64
N PRO A 404 -34.72 16.16 -3.57
CA PRO A 404 -34.73 17.61 -3.81
C PRO A 404 -36.06 18.15 -4.30
N ILE A 405 -36.81 17.39 -5.10
CA ILE A 405 -38.02 17.93 -5.71
C ILE A 405 -39.10 18.23 -4.69
N MET A 406 -39.04 17.60 -3.52
CA MET A 406 -40.07 17.80 -2.52
C MET A 406 -40.04 19.23 -1.97
N GLY A 407 -38.83 19.73 -1.69
CA GLY A 407 -38.70 21.11 -1.27
C GLY A 407 -39.08 22.09 -2.35
N TYR A 408 -38.78 21.76 -3.61
CA TYR A 408 -39.22 22.61 -4.70
C TYR A 408 -40.74 22.70 -4.75
N LEU A 409 -41.41 21.57 -4.57
CA LEU A 409 -42.87 21.57 -4.57
C LEU A 409 -43.42 22.41 -3.42
N VAL A 410 -42.83 22.24 -2.23
CA VAL A 410 -43.36 22.99 -1.08
C VAL A 410 -43.11 24.48 -1.25
N ASP A 411 -41.98 24.86 -1.83
CA ASP A 411 -41.75 26.28 -2.13
C ASP A 411 -42.74 26.80 -3.15
N LEU A 412 -43.02 26.00 -4.20
CA LEU A 412 -43.89 26.46 -5.27
C LEU A 412 -45.33 26.66 -4.79
N ARG A 413 -45.86 25.69 -4.05
CA ARG A 413 -47.30 25.69 -3.73
C ARG A 413 -47.63 25.92 -2.27
N HIS A 414 -46.65 26.22 -1.42
CA HIS A 414 -46.89 26.42 0.00
C HIS A 414 -45.93 27.45 0.56
N VAL A 415 -46.07 27.72 1.86
CA VAL A 415 -45.14 28.59 2.56
C VAL A 415 -43.90 27.80 2.95
N SER A 416 -42.78 28.51 3.10
CA SER A 416 -41.47 27.88 3.24
C SER A 416 -41.28 27.37 4.67
N VAL A 417 -41.71 26.13 4.90
CA VAL A 417 -41.39 25.39 6.12
C VAL A 417 -41.05 23.98 5.71
N TYR A 418 -39.92 23.46 6.20
CA TYR A 418 -39.38 22.19 5.74
C TYR A 418 -39.50 21.08 6.78
N GLY A 419 -40.42 21.19 7.72
CA GLY A 419 -40.57 20.15 8.72
C GLY A 419 -41.51 19.02 8.33
N SER A 420 -42.77 19.37 8.06
CA SER A 420 -43.79 18.36 7.82
C SER A 420 -43.52 17.59 6.54
N VAL A 421 -43.00 18.28 5.51
CA VAL A 421 -42.82 17.66 4.21
C VAL A 421 -41.76 16.56 4.28
N TYR A 422 -40.63 16.87 4.92
CA TYR A 422 -39.62 15.84 5.10
C TYR A 422 -39.99 14.84 6.17
N ALA A 423 -40.89 15.18 7.08
CA ALA A 423 -41.46 14.15 7.94
C ALA A 423 -42.22 13.13 7.11
N ILE A 424 -42.99 13.59 6.12
CA ILE A 424 -43.70 12.67 5.22
C ILE A 424 -42.69 11.82 4.45
N ALA A 425 -41.63 12.46 3.96
CA ALA A 425 -40.61 11.71 3.22
C ALA A 425 -39.99 10.62 4.08
N ASP A 426 -39.64 10.95 5.33
CA ASP A 426 -39.00 9.96 6.19
C ASP A 426 -39.97 8.87 6.60
N VAL A 427 -41.25 9.19 6.75
CA VAL A 427 -42.26 8.14 6.92
C VAL A 427 -42.24 7.19 5.74
N ALA A 428 -42.13 7.75 4.53
CA ALA A 428 -42.08 6.93 3.33
C ALA A 428 -40.86 6.01 3.34
N PHE A 429 -39.69 6.54 3.71
CA PHE A 429 -38.50 5.69 3.79
C PHE A 429 -38.67 4.58 4.83
N CYS A 430 -39.13 4.94 6.03
CA CYS A 430 -39.14 3.99 7.14
C CYS A 430 -40.22 2.92 7.01
N MET A 431 -41.29 3.21 6.28
CA MET A 431 -42.33 2.20 6.08
C MET A 431 -41.78 0.98 5.34
N GLY A 432 -40.75 1.18 4.51
CA GLY A 432 -40.19 0.06 3.78
C GLY A 432 -39.54 -0.98 4.68
N TYR A 433 -38.72 -0.52 5.62
CA TYR A 433 -38.08 -1.45 6.54
C TYR A 433 -39.02 -1.89 7.65
N ALA A 434 -40.03 -1.07 7.98
CA ALA A 434 -40.98 -1.45 9.01
C ALA A 434 -41.76 -2.70 8.61
N ILE A 435 -42.28 -2.72 7.39
CA ILE A 435 -43.08 -3.83 6.87
C ILE A 435 -42.45 -4.31 5.58
N GLY A 436 -42.30 -5.62 5.44
CA GLY A 436 -41.75 -6.19 4.24
C GLY A 436 -40.78 -7.33 4.48
N PRO A 437 -39.95 -7.25 5.53
CA PRO A 437 -39.21 -8.45 5.93
C PRO A 437 -40.13 -9.58 6.37
N SER A 438 -41.05 -9.30 7.30
CA SER A 438 -42.03 -10.30 7.68
C SER A 438 -42.95 -10.63 6.52
N ALA A 439 -43.38 -9.62 5.76
CA ALA A 439 -44.21 -9.88 4.59
C ALA A 439 -43.46 -10.69 3.54
N GLY A 440 -42.20 -10.38 3.31
CA GLY A 440 -41.41 -11.15 2.37
C GLY A 440 -41.24 -12.60 2.80
N GLY A 441 -40.98 -12.81 4.10
CA GLY A 441 -40.90 -14.16 4.61
C GLY A 441 -42.21 -14.92 4.47
N ALA A 442 -43.33 -14.24 4.75
CA ALA A 442 -44.63 -14.90 4.61
C ALA A 442 -44.92 -15.27 3.16
N ILE A 443 -44.62 -14.38 2.23
CA ILE A 443 -44.79 -14.72 0.81
C ILE A 443 -43.83 -15.83 0.42
N ALA A 444 -42.62 -15.81 0.95
CA ALA A 444 -41.69 -16.89 0.73
C ALA A 444 -42.21 -18.18 1.38
N LYS A 445 -41.98 -19.30 0.72
CA LYS A 445 -42.44 -20.64 1.09
C LYS A 445 -43.93 -20.81 0.81
N ALA A 446 -44.64 -19.75 0.43
CA ALA A 446 -46.06 -19.84 0.07
C ALA A 446 -46.27 -19.76 -1.43
N ILE A 447 -45.56 -18.88 -2.12
CA ILE A 447 -45.69 -18.73 -3.56
C ILE A 447 -44.37 -18.91 -4.30
N GLY A 448 -43.24 -18.73 -3.66
CA GLY A 448 -41.96 -18.90 -4.32
C GLY A 448 -41.20 -17.59 -4.46
N PHE A 449 -39.88 -17.68 -4.33
CA PHE A 449 -39.03 -16.50 -4.47
C PHE A 449 -39.11 -15.87 -5.86
N PRO A 450 -38.97 -16.62 -6.96
CA PRO A 450 -39.11 -15.99 -8.28
C PRO A 450 -40.44 -15.32 -8.50
N TRP A 451 -41.52 -15.90 -7.98
CA TRP A 451 -42.82 -15.26 -8.08
C TRP A 451 -42.83 -13.93 -7.31
N LEU A 452 -42.19 -13.89 -6.16
CA LEU A 452 -42.14 -12.65 -5.38
C LEU A 452 -41.41 -11.56 -6.14
N MET A 453 -40.23 -11.88 -6.69
CA MET A 453 -39.50 -10.88 -7.45
C MET A 453 -40.25 -10.47 -8.72
N THR A 454 -40.94 -11.41 -9.37
CA THR A 454 -41.75 -11.06 -10.52
C THR A 454 -42.86 -10.09 -10.14
N ILE A 455 -43.56 -10.37 -9.05
CA ILE A 455 -44.65 -9.49 -8.63
C ILE A 455 -44.14 -8.10 -8.35
N ILE A 456 -43.03 -8.01 -7.61
CA ILE A 456 -42.48 -6.69 -7.28
C ILE A 456 -42.02 -5.97 -8.55
N GLY A 457 -41.44 -6.70 -9.50
CA GLY A 457 -40.95 -6.07 -10.72
C GLY A 457 -42.06 -5.49 -11.56
N ILE A 458 -43.11 -6.27 -11.82
CA ILE A 458 -44.22 -5.74 -12.61
C ILE A 458 -44.95 -4.62 -11.85
N ILE A 459 -45.06 -4.71 -10.52
CA ILE A 459 -45.70 -3.62 -9.79
C ILE A 459 -44.90 -2.32 -9.95
N ASP A 460 -43.57 -2.41 -9.78
CA ASP A 460 -42.73 -1.23 -9.92
C ASP A 460 -42.80 -0.66 -11.33
N ILE A 461 -42.79 -1.53 -12.34
CA ILE A 461 -42.85 -1.06 -13.71
C ILE A 461 -44.18 -0.39 -13.99
N LEU A 462 -45.29 -0.98 -13.53
CA LEU A 462 -46.60 -0.38 -13.76
C LEU A 462 -46.74 0.96 -13.04
N PHE A 463 -46.05 1.13 -11.92
CA PHE A 463 -46.08 2.43 -11.25
C PHE A 463 -45.37 3.52 -12.05
N ALA A 464 -44.60 3.15 -13.06
CA ALA A 464 -43.75 4.11 -13.77
C ALA A 464 -44.51 5.28 -14.41
N PRO A 465 -45.63 5.08 -15.11
CA PRO A 465 -46.25 6.22 -15.83
C PRO A 465 -46.67 7.38 -14.93
N LEU A 466 -46.84 7.17 -13.63
CA LEU A 466 -47.27 8.25 -12.76
C LEU A 466 -46.24 9.37 -12.63
N CYS A 467 -44.99 9.12 -13.02
CA CYS A 467 -43.94 10.13 -12.89
C CYS A 467 -44.09 11.28 -13.87
N PHE A 468 -44.99 11.17 -14.84
CA PHE A 468 -45.14 12.24 -15.83
C PHE A 468 -45.73 13.51 -15.21
N PHE A 469 -46.48 13.37 -14.12
CA PHE A 469 -47.18 14.52 -13.55
C PHE A 469 -46.20 15.53 -12.93
N LEU A 470 -45.08 15.06 -12.39
CA LEU A 470 -44.17 15.92 -11.66
C LEU A 470 -43.29 16.78 -12.56
N ARG A 471 -43.40 16.64 -13.89
CA ARG A 471 -42.53 17.40 -14.79
C ARG A 471 -42.77 18.90 -14.65
N SER A 472 -44.03 19.33 -14.76
CA SER A 472 -44.39 20.74 -14.73
C SER A 472 -45.56 20.93 -13.78
N PRO A 473 -45.30 20.99 -12.48
CA PRO A 473 -46.37 21.22 -11.51
C PRO A 473 -46.99 22.59 -11.68
N PRO A 474 -48.28 22.72 -11.41
CA PRO A 474 -48.94 24.03 -11.53
C PRO A 474 -48.46 24.99 -10.44
N ALA A 475 -48.60 26.28 -10.74
CA ALA A 475 -48.18 27.30 -9.80
C ALA A 475 -49.14 27.38 -8.62
N LYS A 476 -48.71 28.08 -7.58
CA LYS A 476 -49.52 28.24 -6.37
C LYS A 476 -50.80 29.03 -6.66
N MET B 1 20.29 -28.75 -22.68
CA MET B 1 18.90 -28.34 -22.79
C MET B 1 18.26 -28.22 -21.43
N ASN B 2 18.77 -28.95 -20.45
CA ASN B 2 18.24 -28.87 -19.09
C ASN B 2 18.41 -27.49 -18.49
N TYR B 3 19.41 -26.74 -18.94
CA TYR B 3 19.56 -25.35 -18.52
C TYR B 3 18.37 -24.52 -18.97
N ILE B 4 17.91 -24.72 -20.20
CA ILE B 4 16.86 -23.86 -20.75
C ILE B 4 15.51 -24.18 -20.12
N ASN B 5 15.31 -25.40 -19.62
CA ASN B 5 14.04 -25.81 -19.04
C ASN B 5 13.96 -25.54 -17.56
N ARG B 6 14.97 -24.88 -16.99
CA ARG B 6 14.96 -24.59 -15.57
C ARG B 6 15.26 -23.13 -15.24
N TRP B 7 15.75 -22.34 -16.18
CA TRP B 7 16.09 -20.95 -15.92
C TRP B 7 15.60 -19.98 -17.00
N LEU B 8 15.03 -20.47 -18.08
CA LEU B 8 14.40 -19.65 -19.10
C LEU B 8 12.95 -20.03 -19.33
N PHE B 9 12.64 -21.32 -19.31
CA PHE B 9 11.27 -21.84 -19.37
C PHE B 9 11.00 -22.45 -18.00
N SER B 10 10.56 -21.63 -17.06
CA SER B 10 10.48 -22.05 -15.67
C SER B 10 9.05 -21.97 -15.16
N THR B 11 8.79 -22.74 -14.11
CA THR B 11 7.50 -22.77 -13.45
C THR B 11 7.65 -22.69 -11.94
N ASN B 12 8.82 -23.08 -11.43
CA ASN B 12 9.05 -23.09 -10.00
C ASN B 12 9.22 -21.67 -9.49
N ALA B 13 8.51 -21.34 -8.41
CA ALA B 13 8.47 -19.96 -7.92
C ALA B 13 9.79 -19.54 -7.28
N LYS B 14 10.51 -20.46 -6.66
CA LYS B 14 11.71 -20.09 -5.93
C LYS B 14 12.94 -19.97 -6.81
N ASP B 15 12.86 -20.37 -8.07
CA ASP B 15 13.97 -20.17 -8.99
C ASP B 15 13.84 -18.88 -9.78
N ILE B 16 12.76 -18.13 -9.59
CA ILE B 16 12.63 -16.81 -10.19
C ILE B 16 13.05 -15.69 -9.24
N ALA B 17 12.94 -15.93 -7.93
CA ALA B 17 13.32 -14.93 -6.95
C ALA B 17 14.81 -14.60 -7.05
N VAL B 18 15.64 -15.61 -7.32
CA VAL B 18 17.07 -15.36 -7.50
C VAL B 18 17.30 -14.46 -8.70
N LEU B 19 16.53 -14.63 -9.77
CA LEU B 19 16.66 -13.76 -10.93
C LEU B 19 16.24 -12.33 -10.60
N TYR B 20 15.18 -12.17 -9.81
CA TYR B 20 14.85 -10.84 -9.28
C TYR B 20 16.02 -10.23 -8.52
N PHE B 21 16.66 -11.01 -7.65
CA PHE B 21 17.75 -10.44 -6.86
C PHE B 21 18.92 -10.01 -7.74
N ILE B 22 19.32 -10.87 -8.67
CA ILE B 22 20.41 -10.55 -9.57
C ILE B 22 20.10 -9.37 -10.48
N PHE B 23 18.82 -9.13 -10.78
CA PHE B 23 18.46 -7.93 -11.52
C PHE B 23 18.45 -6.68 -10.65
N ALA B 24 17.98 -6.83 -9.40
CA ALA B 24 17.91 -5.70 -8.49
C ALA B 24 19.29 -5.14 -8.15
N LEU B 25 20.28 -6.03 -7.99
CA LEU B 25 21.63 -5.55 -7.73
C LEU B 25 22.14 -4.65 -8.87
N PHE B 26 21.95 -5.08 -10.11
CA PHE B 26 22.41 -4.31 -11.26
C PHE B 26 21.69 -2.97 -11.33
N CYS B 27 20.36 -3.00 -11.21
CA CYS B 27 19.56 -1.79 -11.32
C CYS B 27 19.68 -0.89 -10.11
N GLY B 28 20.31 -1.35 -9.03
CA GLY B 28 20.57 -0.49 -7.90
C GLY B 28 21.99 0.04 -7.90
N LEU B 29 22.89 -0.64 -8.61
CA LEU B 29 24.23 -0.10 -8.81
C LEU B 29 24.23 1.03 -9.83
N LEU B 30 23.44 0.88 -10.91
CA LEU B 30 23.35 1.93 -11.92
C LEU B 30 22.87 3.24 -11.31
N GLY B 31 21.77 3.18 -10.55
CA GLY B 31 21.24 4.39 -9.95
C GLY B 31 22.19 5.02 -8.95
N SER B 32 22.92 4.20 -8.20
CA SER B 32 23.84 4.75 -7.21
C SER B 32 24.99 5.48 -7.87
N ILE B 33 25.52 4.95 -8.97
CA ILE B 33 26.57 5.69 -9.67
C ILE B 33 25.99 6.97 -10.27
N MET B 34 24.75 6.92 -10.77
CA MET B 34 24.14 8.16 -11.24
C MET B 34 23.94 9.18 -10.13
N SER B 35 23.66 8.73 -8.91
CA SER B 35 23.54 9.64 -7.78
C SER B 35 24.88 10.26 -7.41
N LEU B 36 25.95 9.45 -7.47
CA LEU B 36 27.28 10.02 -7.25
C LEU B 36 27.63 11.04 -8.32
N ILE B 37 27.15 10.84 -9.55
CA ILE B 37 27.38 11.84 -10.59
C ILE B 37 26.67 13.14 -10.25
N LEU B 38 25.47 13.06 -9.67
CA LEU B 38 24.76 14.27 -9.25
C LEU B 38 25.52 14.97 -8.12
N ARG B 39 25.90 14.22 -7.10
CA ARG B 39 26.50 14.83 -5.91
C ARG B 39 27.92 15.31 -6.14
N LEU B 40 28.54 14.95 -7.25
CA LEU B 40 29.87 15.45 -7.60
C LEU B 40 29.82 16.77 -8.34
N GLU B 41 28.68 17.13 -8.93
CA GLU B 41 28.51 18.42 -9.57
C GLU B 41 27.97 19.47 -8.63
N LEU B 42 27.20 19.08 -7.62
CA LEU B 42 26.73 19.97 -6.57
C LEU B 42 27.68 19.96 -5.38
N SER B 43 28.97 20.18 -5.64
CA SER B 43 30.00 20.20 -4.62
C SER B 43 30.47 21.60 -4.28
N ALA B 44 30.94 22.35 -5.27
CA ALA B 44 31.27 23.75 -5.12
C ALA B 44 30.67 24.52 -6.29
N PRO B 45 30.46 25.82 -6.12
CA PRO B 45 29.80 26.60 -7.18
C PRO B 45 30.57 26.58 -8.49
N GLY B 46 29.84 26.50 -9.59
CA GLY B 46 30.39 26.52 -10.93
C GLY B 46 29.93 25.33 -11.71
N ASN B 47 30.61 25.08 -12.83
CA ASN B 47 30.34 23.95 -13.70
C ASN B 47 31.56 23.03 -13.71
N GLN B 48 31.51 21.97 -12.90
CA GLN B 48 32.71 21.21 -12.57
C GLN B 48 32.84 20.00 -13.50
N ILE B 49 31.91 19.04 -13.47
CA ILE B 49 32.11 17.82 -14.25
C ILE B 49 31.37 17.91 -15.57
N LEU B 50 30.06 18.01 -15.53
CA LEU B 50 29.27 18.30 -16.71
C LEU B 50 29.58 19.74 -17.11
N MET B 51 30.17 19.93 -18.29
CA MET B 51 30.90 21.15 -18.59
C MET B 51 30.00 22.38 -18.54
N GLY B 52 28.90 22.36 -19.28
CA GLY B 52 27.93 23.43 -19.19
C GLY B 52 26.52 22.96 -19.43
N ASN B 53 26.35 21.65 -19.51
CA ASN B 53 25.11 21.05 -20.00
C ASN B 53 24.11 20.94 -18.86
N HIS B 54 23.07 21.77 -18.90
CA HIS B 54 21.99 21.62 -17.94
C HIS B 54 21.06 20.46 -18.32
N GLN B 55 20.85 20.24 -19.61
CA GLN B 55 20.49 18.90 -20.03
C GLN B 55 21.66 17.97 -19.73
N LEU B 56 21.36 16.68 -19.58
CA LEU B 56 22.26 15.66 -19.06
C LEU B 56 22.41 15.76 -17.54
N PHE B 57 21.81 16.77 -16.91
CA PHE B 57 21.71 16.83 -15.47
C PHE B 57 20.31 16.47 -14.98
N ASN B 58 19.28 17.01 -15.63
CA ASN B 58 17.91 16.60 -15.32
C ASN B 58 17.66 15.17 -15.79
N VAL B 59 18.30 14.78 -16.90
CA VAL B 59 18.22 13.40 -17.37
C VAL B 59 18.77 12.45 -16.32
N VAL B 60 19.89 12.82 -15.69
CA VAL B 60 20.46 11.97 -14.64
C VAL B 60 19.51 11.86 -13.46
N ALA B 61 18.84 12.94 -13.10
CA ALA B 61 17.88 12.88 -12.00
C ALA B 61 16.71 11.97 -12.32
N THR B 62 16.14 12.11 -13.52
CA THR B 62 15.01 11.24 -13.89
C THR B 62 15.42 9.78 -13.95
N ALA B 63 16.57 9.49 -14.55
CA ALA B 63 17.08 8.13 -14.64
C ALA B 63 17.51 7.57 -13.31
N HIS B 64 17.83 8.43 -12.34
CA HIS B 64 18.12 7.97 -10.99
C HIS B 64 16.87 7.68 -10.19
N ALA B 65 15.80 8.43 -10.40
CA ALA B 65 14.55 8.15 -9.71
C ALA B 65 13.88 6.91 -10.25
N VAL B 66 13.79 6.77 -11.58
CA VAL B 66 13.07 5.65 -12.16
C VAL B 66 13.78 4.33 -11.89
N LEU B 67 15.12 4.33 -11.95
CA LEU B 67 15.84 3.07 -11.78
C LEU B 67 15.71 2.51 -10.38
N MET B 68 15.49 3.34 -9.37
CA MET B 68 15.44 2.83 -8.01
C MET B 68 14.06 2.86 -7.38
N VAL B 69 13.08 3.50 -7.98
CA VAL B 69 11.72 3.38 -7.47
C VAL B 69 10.99 2.20 -8.10
N PHE B 70 11.33 1.89 -9.36
CA PHE B 70 10.65 0.83 -10.10
C PHE B 70 11.51 -0.39 -10.39
N PHE B 71 12.83 -0.28 -10.33
CA PHE B 71 13.70 -1.38 -10.70
C PHE B 71 14.53 -1.93 -9.55
N LEU B 72 14.55 -1.27 -8.39
CA LEU B 72 15.30 -1.78 -7.24
C LEU B 72 14.40 -2.16 -6.08
N VAL B 73 13.57 -1.26 -5.58
CA VAL B 73 12.82 -1.53 -4.35
C VAL B 73 11.68 -2.51 -4.62
N MET B 74 10.92 -2.29 -5.69
CA MET B 74 9.80 -3.16 -5.97
C MET B 74 10.23 -4.58 -6.31
N PRO B 75 11.15 -4.78 -7.26
CA PRO B 75 11.61 -6.15 -7.53
C PRO B 75 12.21 -6.84 -6.32
N ALA B 76 12.98 -6.13 -5.51
CA ALA B 76 13.60 -6.74 -4.34
C ALA B 76 12.55 -7.12 -3.29
N ALA B 77 11.54 -6.26 -3.12
CA ALA B 77 10.60 -6.46 -2.01
C ALA B 77 9.39 -7.31 -2.38
N ILE B 78 9.11 -7.50 -3.67
CA ILE B 78 7.97 -8.30 -4.10
C ILE B 78 8.43 -9.59 -4.79
N GLY B 79 9.60 -9.58 -5.42
CA GLY B 79 10.07 -10.74 -6.14
C GLY B 79 10.93 -11.68 -5.32
N PHE B 80 11.92 -11.14 -4.62
CA PHE B 80 12.86 -12.00 -3.91
C PHE B 80 12.34 -12.36 -2.53
N PHE B 81 11.61 -11.45 -1.87
CA PHE B 81 11.05 -11.74 -0.57
C PHE B 81 9.57 -12.10 -0.61
N GLY B 82 8.85 -11.72 -1.65
CA GLY B 82 7.44 -12.10 -1.75
C GLY B 82 7.24 -13.45 -2.39
N ASN B 83 7.83 -13.65 -3.56
CA ASN B 83 7.66 -14.91 -4.28
C ASN B 83 8.26 -16.07 -3.50
N TYR B 84 9.42 -15.87 -2.89
CA TYR B 84 10.16 -16.97 -2.29
C TYR B 84 9.56 -17.40 -0.96
N LEU B 85 9.06 -16.46 -0.16
CA LEU B 85 8.72 -16.73 1.23
C LEU B 85 7.24 -16.95 1.47
N LEU B 86 6.35 -16.32 0.69
CA LEU B 86 4.92 -16.49 0.90
C LEU B 86 4.45 -17.94 0.76
N PRO B 87 4.76 -18.65 -0.33
CA PRO B 87 4.36 -20.06 -0.42
C PRO B 87 4.91 -20.93 0.69
N LEU B 88 6.14 -20.71 1.13
CA LEU B 88 6.70 -21.53 2.19
C LEU B 88 6.05 -21.22 3.53
N MET B 89 5.71 -19.96 3.78
CA MET B 89 5.11 -19.60 5.05
C MET B 89 3.64 -19.98 5.13
N ILE B 90 2.94 -20.06 3.99
CA ILE B 90 1.55 -20.49 4.05
C ILE B 90 1.39 -21.99 3.83
N GLY B 91 2.43 -22.69 3.41
CA GLY B 91 2.38 -24.12 3.26
C GLY B 91 1.98 -24.64 1.90
N ALA B 92 2.33 -23.96 0.83
CA ALA B 92 1.97 -24.39 -0.52
C ALA B 92 3.22 -24.75 -1.31
N SER B 93 3.05 -25.65 -2.27
CA SER B 93 4.16 -26.11 -3.10
C SER B 93 4.62 -25.02 -4.05
N ASP B 94 3.74 -24.56 -4.93
CA ASP B 94 4.02 -23.49 -5.88
C ASP B 94 2.82 -22.55 -5.97
N MET B 95 2.99 -21.49 -6.74
CA MET B 95 1.95 -20.47 -6.87
C MET B 95 0.79 -21.04 -7.69
N SER B 96 -0.30 -20.28 -7.77
CA SER B 96 -1.46 -20.73 -8.53
C SER B 96 -1.28 -20.56 -10.03
N PHE B 97 -0.64 -19.48 -10.46
CA PHE B 97 -0.40 -19.19 -11.88
C PHE B 97 1.09 -18.94 -12.05
N ALA B 98 1.82 -20.00 -12.41
CA ALA B 98 3.27 -19.90 -12.49
C ALA B 98 3.72 -19.15 -13.75
N ARG B 99 3.04 -19.38 -14.87
CA ARG B 99 3.42 -18.71 -16.11
C ARG B 99 3.25 -17.20 -16.01
N LEU B 100 2.25 -16.74 -15.26
CA LEU B 100 2.14 -15.32 -15.01
C LEU B 100 3.32 -14.80 -14.22
N ASN B 101 3.86 -15.58 -13.28
CA ASN B 101 5.06 -15.17 -12.58
C ASN B 101 6.24 -15.05 -13.54
N ASN B 102 6.37 -16.01 -14.45
CA ASN B 102 7.48 -15.96 -15.40
C ASN B 102 7.37 -14.72 -16.29
N ILE B 103 6.17 -14.40 -16.77
CA ILE B 103 6.03 -13.19 -17.58
C ILE B 103 6.27 -11.94 -16.75
N SER B 104 5.85 -11.94 -15.49
CA SER B 104 6.08 -10.80 -14.62
C SER B 104 7.56 -10.52 -14.45
N PHE B 105 8.38 -11.58 -14.35
CA PHE B 105 9.81 -11.34 -14.37
C PHE B 105 10.25 -10.82 -15.73
N TRP B 106 9.93 -11.54 -16.81
CA TRP B 106 10.59 -11.28 -18.08
C TRP B 106 10.11 -10.03 -18.77
N LEU B 107 9.10 -9.34 -18.24
CA LEU B 107 8.73 -8.05 -18.82
C LEU B 107 9.66 -6.91 -18.40
N LEU B 108 10.51 -7.11 -17.40
CA LEU B 108 11.37 -6.05 -16.88
C LEU B 108 12.65 -5.83 -17.70
N PRO B 109 13.40 -6.89 -18.05
CA PRO B 109 14.62 -6.69 -18.84
C PRO B 109 14.34 -6.02 -20.18
N PRO B 110 13.21 -6.31 -20.83
CA PRO B 110 12.80 -5.49 -21.98
C PRO B 110 12.40 -4.07 -21.62
N ALA B 111 12.17 -3.78 -20.34
CA ALA B 111 11.83 -2.43 -19.93
C ALA B 111 13.04 -1.59 -19.57
N LEU B 112 14.14 -2.23 -19.16
CA LEU B 112 15.37 -1.48 -18.92
C LEU B 112 15.96 -0.95 -20.22
N VAL B 113 15.80 -1.70 -21.31
CA VAL B 113 16.37 -1.30 -22.60
C VAL B 113 15.74 0.00 -23.08
N SER B 114 14.43 0.14 -22.92
CA SER B 114 13.76 1.36 -23.36
C SER B 114 14.26 2.57 -22.58
N LEU B 115 14.42 2.42 -21.26
CA LEU B 115 14.91 3.52 -20.44
C LEU B 115 16.34 3.89 -20.81
N LEU B 116 17.19 2.89 -21.05
CA LEU B 116 18.57 3.19 -21.43
C LEU B 116 18.63 3.79 -22.83
N ALA B 117 17.69 3.45 -23.69
CA ALA B 117 17.64 3.98 -25.05
C ALA B 117 16.89 5.30 -25.14
N SER B 118 16.32 5.78 -24.03
CA SER B 118 15.73 7.10 -23.98
C SER B 118 16.72 8.14 -23.48
N ALA B 119 17.97 7.74 -23.26
CA ALA B 119 19.02 8.66 -22.82
C ALA B 119 20.19 8.74 -23.78
N LEU B 120 20.08 8.18 -24.98
CA LEU B 120 21.19 8.23 -25.92
C LEU B 120 20.78 8.62 -27.33
N ILE B 121 19.50 8.55 -27.67
CA ILE B 121 19.10 8.69 -29.08
C ILE B 121 18.79 10.16 -29.37
N GLU B 122 18.96 11.01 -28.36
CA GLU B 122 18.83 12.46 -28.49
C GLU B 122 19.29 13.13 -27.20
N ASN B 123 19.01 14.44 -27.08
CA ASN B 123 19.40 15.19 -25.90
C ASN B 123 18.94 14.52 -24.61
N GLY B 124 17.75 13.93 -24.61
CA GLY B 124 17.31 13.15 -23.48
C GLY B 124 15.91 13.52 -23.05
N ALA B 125 15.52 13.02 -21.89
CA ALA B 125 14.19 13.27 -21.32
C ALA B 125 14.37 13.92 -19.95
N GLY B 126 14.53 15.23 -19.94
CA GLY B 126 14.71 15.98 -18.72
C GLY B 126 13.43 16.57 -18.17
N THR B 127 12.44 15.72 -17.91
CA THR B 127 11.15 16.16 -17.41
C THR B 127 10.95 15.87 -15.92
N GLY B 128 11.93 15.27 -15.27
CA GLY B 128 11.77 14.84 -13.90
C GLY B 128 11.07 13.49 -13.80
N TRP B 129 11.02 12.97 -12.57
CA TRP B 129 10.33 11.71 -12.34
C TRP B 129 8.84 11.83 -12.67
N THR B 130 8.22 12.92 -12.26
CA THR B 130 6.84 13.20 -12.64
C THR B 130 6.85 13.99 -13.94
N VAL B 131 6.39 13.37 -15.02
CA VAL B 131 6.50 13.96 -16.36
C VAL B 131 5.31 14.91 -16.51
N TYR B 132 5.52 16.15 -16.10
CA TYR B 132 4.46 17.14 -16.18
C TYR B 132 4.14 17.49 -17.63
N PRO B 133 2.89 17.81 -17.93
CA PRO B 133 2.42 17.80 -19.33
C PRO B 133 3.02 18.89 -20.19
N PRO B 134 2.99 20.17 -19.79
CA PRO B 134 3.36 21.23 -20.74
C PRO B 134 4.85 21.35 -21.01
N LEU B 135 5.69 20.67 -20.25
CA LEU B 135 7.12 20.59 -20.54
C LEU B 135 7.45 19.35 -21.35
N ALA B 136 6.80 18.23 -21.06
CA ALA B 136 7.00 17.00 -21.82
C ALA B 136 6.16 17.01 -23.09
N GLY B 137 6.32 18.03 -23.91
CA GLY B 137 5.54 18.17 -25.14
C GLY B 137 6.36 17.90 -26.38
N VAL B 138 6.14 18.69 -27.42
CA VAL B 138 6.87 18.51 -28.67
C VAL B 138 7.63 19.81 -28.94
N GLN B 139 7.58 20.72 -27.96
CA GLN B 139 8.26 22.00 -28.09
C GLN B 139 9.53 22.11 -27.26
N SER B 140 9.61 21.45 -26.11
CA SER B 140 10.80 21.47 -25.28
C SER B 140 11.60 20.17 -25.36
N HIS B 141 10.93 19.03 -25.41
CA HIS B 141 11.55 17.73 -25.63
C HIS B 141 10.97 17.16 -26.92
N SER B 142 11.73 17.26 -28.00
CA SER B 142 11.25 16.91 -29.34
C SER B 142 12.10 15.76 -29.88
N GLY B 143 11.69 14.53 -29.60
CA GLY B 143 12.38 13.36 -30.08
C GLY B 143 11.85 12.10 -29.43
N PRO B 144 12.39 10.95 -29.84
CA PRO B 144 11.94 9.68 -29.26
C PRO B 144 12.47 9.42 -27.86
N SER B 145 12.28 10.36 -26.93
CA SER B 145 12.87 10.20 -25.61
C SER B 145 11.81 10.01 -24.54
N VAL B 146 10.84 10.91 -24.47
CA VAL B 146 9.77 10.77 -23.49
C VAL B 146 8.89 9.58 -23.84
N ASP B 147 8.67 9.35 -25.15
CA ASP B 147 7.83 8.23 -25.56
C ASP B 147 8.43 6.90 -25.14
N LEU B 148 9.74 6.73 -25.29
CA LEU B 148 10.38 5.50 -24.90
C LEU B 148 10.53 5.36 -23.39
N ALA B 149 10.30 6.44 -22.64
CA ALA B 149 10.29 6.36 -21.18
C ALA B 149 8.90 6.10 -20.63
N ILE B 150 7.85 6.51 -21.34
CA ILE B 150 6.49 6.17 -20.91
C ILE B 150 6.15 4.72 -21.23
N PHE B 151 6.88 4.09 -22.13
CA PHE B 151 6.70 2.66 -22.38
C PHE B 151 7.45 1.79 -21.38
N ALA B 152 8.32 2.39 -20.57
CA ALA B 152 8.95 1.67 -19.47
C ALA B 152 8.12 1.72 -18.18
N LEU B 153 7.05 2.50 -18.17
CA LEU B 153 6.11 2.54 -17.06
C LEU B 153 4.86 1.72 -17.33
N HIS B 154 4.66 1.25 -18.56
CA HIS B 154 3.58 0.36 -18.90
C HIS B 154 3.93 -1.11 -18.66
N LEU B 155 5.13 -1.52 -19.08
CA LEU B 155 5.54 -2.91 -18.87
C LEU B 155 5.70 -3.21 -17.39
N THR B 156 6.29 -2.28 -16.63
CA THR B 156 6.40 -2.48 -15.19
C THR B 156 5.04 -2.54 -14.53
N SER B 157 4.10 -1.70 -14.99
CA SER B 157 2.74 -1.74 -14.45
C SER B 157 2.07 -3.08 -14.73
N ILE B 158 2.24 -3.61 -15.94
CA ILE B 158 1.69 -4.91 -16.28
C ILE B 158 2.27 -5.98 -15.38
N SER B 159 3.58 -5.95 -15.15
CA SER B 159 4.23 -6.93 -14.29
C SER B 159 3.69 -6.84 -12.86
N SER B 160 3.57 -5.63 -12.33
CA SER B 160 3.09 -5.46 -10.97
C SER B 160 1.65 -5.95 -10.82
N LEU B 161 0.79 -5.63 -11.80
CA LEU B 161 -0.59 -6.09 -11.72
C LEU B 161 -0.68 -7.61 -11.79
N LEU B 162 0.09 -8.22 -12.69
CA LEU B 162 0.04 -9.67 -12.83
C LEU B 162 0.60 -10.37 -11.61
N GLY B 163 1.56 -9.76 -10.92
CA GLY B 163 2.01 -10.33 -9.66
C GLY B 163 1.01 -10.16 -8.54
N ALA B 164 0.35 -9.00 -8.48
CA ALA B 164 -0.60 -8.74 -7.41
C ALA B 164 -1.79 -9.69 -7.49
N ILE B 165 -2.28 -9.93 -8.71
CA ILE B 165 -3.41 -10.86 -8.87
C ILE B 165 -3.04 -12.25 -8.38
N ASN B 166 -1.83 -12.70 -8.72
CA ASN B 166 -1.36 -13.99 -8.27
C ASN B 166 -1.23 -14.06 -6.75
N PHE B 167 -0.72 -13.00 -6.13
CA PHE B 167 -0.57 -13.00 -4.68
C PHE B 167 -1.92 -13.06 -3.99
N ILE B 168 -2.91 -12.32 -4.49
CA ILE B 168 -4.21 -12.34 -3.85
C ILE B 168 -4.91 -13.68 -4.07
N THR B 169 -4.70 -14.31 -5.23
CA THR B 169 -5.34 -15.59 -5.51
C THR B 169 -4.69 -16.76 -4.79
N THR B 170 -3.39 -16.69 -4.51
CA THR B 170 -2.69 -17.76 -3.81
C THR B 170 -2.96 -17.78 -2.32
N THR B 171 -3.12 -16.61 -1.71
CA THR B 171 -3.31 -16.54 -0.27
C THR B 171 -4.74 -16.87 0.16
N LEU B 172 -5.66 -17.06 -0.80
CA LEU B 172 -7.04 -17.33 -0.41
C LEU B 172 -7.38 -18.81 -0.49
N ASN B 173 -6.87 -19.52 -1.51
CA ASN B 173 -7.27 -20.91 -1.69
C ASN B 173 -6.13 -21.91 -1.78
N MET B 174 -4.93 -21.59 -1.30
CA MET B 174 -3.83 -22.53 -1.27
C MET B 174 -3.13 -22.58 0.07
N ARG B 175 -3.88 -22.67 1.16
CA ARG B 175 -3.30 -22.80 2.48
C ARG B 175 -3.32 -24.25 2.94
N THR B 176 -2.72 -24.50 4.10
CA THR B 176 -2.58 -25.84 4.63
C THR B 176 -3.88 -26.30 5.28
N ILE B 177 -3.82 -27.39 6.03
CA ILE B 177 -5.03 -28.04 6.53
C ILE B 177 -5.77 -27.15 7.52
N GLY B 178 -5.03 -26.48 8.40
CA GLY B 178 -5.67 -25.75 9.47
C GLY B 178 -5.23 -24.31 9.63
N MET B 179 -4.98 -23.61 8.54
CA MET B 179 -4.53 -22.22 8.59
C MET B 179 -5.66 -21.33 8.08
N THR B 180 -6.44 -20.80 9.00
CA THR B 180 -7.49 -19.87 8.65
C THR B 180 -6.91 -18.47 8.44
N MET B 181 -7.75 -17.54 8.01
CA MET B 181 -7.31 -16.16 7.81
C MET B 181 -7.32 -15.36 9.11
N SER B 182 -6.75 -15.93 10.16
CA SER B 182 -6.42 -15.19 11.36
C SER B 182 -5.11 -15.69 11.96
N LYS B 183 -4.50 -16.72 11.38
CA LYS B 183 -3.26 -17.31 11.87
C LYS B 183 -2.11 -17.12 10.88
N LEU B 184 -2.34 -16.40 9.80
CA LEU B 184 -1.26 -16.12 8.85
C LEU B 184 -0.18 -15.29 9.53
N PRO B 185 1.08 -15.49 9.17
CA PRO B 185 2.13 -14.59 9.61
C PRO B 185 1.91 -13.19 9.08
N LEU B 186 2.67 -12.24 9.62
CA LEU B 186 2.46 -10.84 9.29
C LEU B 186 2.94 -10.48 7.89
N PHE B 187 3.97 -11.18 7.39
CA PHE B 187 4.50 -10.87 6.07
C PHE B 187 3.46 -11.12 4.98
N VAL B 188 2.71 -12.21 5.10
CA VAL B 188 1.68 -12.51 4.10
C VAL B 188 0.59 -11.45 4.13
N TRP B 189 0.24 -10.97 5.32
CA TRP B 189 -0.71 -9.87 5.42
C TRP B 189 -0.19 -8.63 4.74
N ALA B 190 1.09 -8.32 4.92
CA ALA B 190 1.68 -7.14 4.27
C ALA B 190 1.62 -7.27 2.76
N VAL B 191 1.95 -8.44 2.23
CA VAL B 191 1.93 -8.63 0.79
C VAL B 191 0.50 -8.53 0.24
N VAL B 192 -0.48 -9.07 0.95
CA VAL B 192 -1.87 -8.97 0.51
C VAL B 192 -2.31 -7.50 0.48
N PHE B 193 -2.00 -6.76 1.55
CA PHE B 193 -2.41 -5.36 1.62
C PHE B 193 -1.74 -4.52 0.56
N THR B 194 -0.49 -4.80 0.22
CA THR B 194 0.15 -4.06 -0.87
C THR B 194 -0.40 -4.47 -2.24
N SER B 195 -0.76 -5.73 -2.41
CA SER B 195 -1.30 -6.22 -3.68
C SER B 195 -2.69 -5.68 -3.97
N ILE B 196 -3.47 -5.33 -2.94
CA ILE B 196 -4.74 -4.66 -3.18
C ILE B 196 -4.57 -3.22 -3.65
N LEU B 197 -3.66 -2.46 -3.06
CA LEU B 197 -3.37 -1.11 -3.53
C LEU B 197 -2.80 -1.12 -4.95
N LEU B 198 -1.98 -2.12 -5.29
CA LEU B 198 -1.47 -2.19 -6.65
C LEU B 198 -2.60 -2.37 -7.66
N LEU B 199 -3.63 -3.12 -7.31
CA LEU B 199 -4.79 -3.25 -8.20
C LEU B 199 -5.57 -1.95 -8.27
N LEU B 200 -5.76 -1.27 -7.13
CA LEU B 200 -6.62 -0.10 -7.09
C LEU B 200 -5.93 1.19 -7.51
N SER B 201 -4.63 1.19 -7.80
CA SER B 201 -3.96 2.43 -8.13
C SER B 201 -3.38 2.51 -9.54
N LEU B 202 -2.86 1.41 -10.09
CA LEU B 202 -2.09 1.43 -11.33
C LEU B 202 -2.87 1.91 -12.56
N PRO B 203 -4.12 1.47 -12.75
CA PRO B 203 -4.88 1.89 -13.95
C PRO B 203 -4.98 3.40 -14.13
N VAL B 204 -5.09 4.18 -13.05
CA VAL B 204 -5.16 5.63 -13.19
C VAL B 204 -3.87 6.17 -13.79
N LEU B 205 -2.72 5.68 -13.31
CA LEU B 205 -1.44 6.11 -13.87
C LEU B 205 -1.30 5.68 -15.32
N SER B 206 -1.75 4.47 -15.65
CA SER B 206 -1.70 4.01 -17.02
C SER B 206 -2.52 4.92 -17.93
N ALA B 207 -3.73 5.27 -17.50
CA ALA B 207 -4.57 6.17 -18.28
C ALA B 207 -3.90 7.54 -18.44
N GLY B 208 -3.33 8.07 -17.37
CA GLY B 208 -2.69 9.37 -17.46
C GLY B 208 -1.54 9.40 -18.44
N VAL B 209 -0.65 8.41 -18.36
CA VAL B 209 0.51 8.39 -19.25
C VAL B 209 0.08 8.14 -20.69
N THR B 210 -0.93 7.29 -20.90
CA THR B 210 -1.39 7.06 -22.27
C THR B 210 -2.01 8.32 -22.86
N LEU B 211 -2.77 9.07 -22.06
CA LEU B 211 -3.31 10.33 -22.55
C LEU B 211 -2.21 11.33 -22.86
N LEU B 212 -1.15 11.36 -22.05
CA LEU B 212 -0.02 12.22 -22.36
C LEU B 212 0.62 11.83 -23.69
N LEU B 213 0.78 10.53 -23.93
CA LEU B 213 1.37 10.08 -25.19
C LEU B 213 0.49 10.47 -26.38
N LEU B 214 -0.83 10.31 -26.23
CA LEU B 214 -1.75 10.71 -27.29
C LEU B 214 -1.66 12.21 -27.57
N ASP B 215 -1.57 13.02 -26.51
CA ASP B 215 -1.43 14.45 -26.68
C ASP B 215 -0.13 14.80 -27.38
N ARG B 216 0.95 14.09 -27.07
CA ARG B 216 2.23 14.36 -27.73
C ARG B 216 2.16 14.05 -29.22
N ASN B 217 1.63 12.88 -29.58
CA ASN B 217 1.83 12.36 -30.93
C ASN B 217 0.62 12.42 -31.84
N PHE B 218 -0.60 12.50 -31.31
CA PHE B 218 -1.80 12.48 -32.15
C PHE B 218 -2.65 13.73 -31.98
N ASN B 219 -2.04 14.84 -31.56
CA ASN B 219 -2.64 16.18 -31.35
C ASN B 219 -4.09 16.13 -30.86
N THR B 220 -4.28 15.48 -29.70
CA THR B 220 -5.61 15.29 -29.15
C THR B 220 -6.08 16.42 -28.26
N SER B 221 -5.17 17.22 -27.70
CA SER B 221 -5.52 18.42 -26.94
C SER B 221 -6.28 18.09 -25.64
N PHE B 222 -5.70 17.20 -24.84
CA PHE B 222 -6.21 16.99 -23.48
C PHE B 222 -5.71 18.07 -22.54
N PHE B 223 -4.39 18.27 -22.51
CA PHE B 223 -3.75 19.16 -21.54
C PHE B 223 -3.24 20.44 -22.17
N GLU B 224 -3.72 20.80 -23.36
CA GLU B 224 -3.37 22.07 -23.94
C GLU B 224 -4.43 23.09 -23.60
N PRO B 225 -4.07 24.21 -22.99
CA PRO B 225 -5.08 25.19 -22.58
C PRO B 225 -5.50 26.11 -23.71
N ALA B 226 -5.14 25.77 -24.94
CA ALA B 226 -5.57 26.52 -26.12
C ALA B 226 -6.73 25.83 -26.84
N GLY B 227 -7.26 24.76 -26.27
CA GLY B 227 -8.36 24.04 -26.88
C GLY B 227 -9.43 23.67 -25.89
N GLY B 228 -9.19 23.93 -24.60
CA GLY B 228 -10.20 23.69 -23.60
C GLY B 228 -9.79 22.72 -22.51
N GLY B 229 -8.48 22.55 -22.30
CA GLY B 229 -7.96 21.63 -21.31
C GLY B 229 -7.18 22.35 -20.23
N ASP B 230 -6.84 21.60 -19.18
CA ASP B 230 -6.04 22.10 -18.08
C ASP B 230 -4.93 21.11 -17.75
N PRO B 231 -3.70 21.58 -17.58
CA PRO B 231 -2.62 20.67 -17.16
C PRO B 231 -2.85 20.05 -15.79
N ILE B 232 -3.56 20.74 -14.90
CA ILE B 232 -3.74 20.28 -13.53
C ILE B 232 -4.38 18.90 -13.48
N LEU B 233 -5.21 18.56 -14.47
CA LEU B 233 -5.81 17.24 -14.55
C LEU B 233 -4.77 16.15 -14.44
N TYR B 234 -3.67 16.27 -15.20
CA TYR B 234 -2.62 15.26 -15.15
C TYR B 234 -2.11 15.07 -13.74
N GLN B 235 -1.93 16.18 -13.02
CA GLN B 235 -1.43 16.09 -11.65
C GLN B 235 -2.35 15.21 -10.81
N HIS B 236 -3.67 15.44 -10.90
CA HIS B 236 -4.62 14.58 -10.22
C HIS B 236 -4.41 13.14 -10.65
N LEU B 237 -4.42 12.90 -11.95
CA LEU B 237 -4.31 11.54 -12.46
C LEU B 237 -2.94 10.93 -12.18
N PHE B 238 -1.96 11.73 -11.78
CA PHE B 238 -0.72 11.12 -11.37
C PHE B 238 -0.71 10.82 -9.88
N TRP B 239 -1.23 11.75 -9.08
CA TRP B 239 -0.97 11.65 -7.64
C TRP B 239 -1.86 10.64 -6.95
N PHE B 240 -2.98 10.26 -7.58
CA PHE B 240 -3.72 9.10 -7.13
C PHE B 240 -2.84 7.85 -7.12
N PHE B 241 -1.88 7.78 -8.04
CA PHE B 241 -0.88 6.72 -7.99
C PHE B 241 0.29 7.10 -7.10
N GLY B 242 0.56 8.40 -6.95
CA GLY B 242 1.76 8.83 -6.26
C GLY B 242 1.82 8.43 -4.81
N HIS B 243 0.73 8.62 -4.08
CA HIS B 243 0.80 8.35 -2.65
C HIS B 243 0.67 6.87 -2.29
N PRO B 244 -0.25 6.13 -2.91
CA PRO B 244 -0.24 4.67 -2.70
C PRO B 244 1.10 4.05 -3.02
N GLU B 245 1.76 4.55 -4.07
CA GLU B 245 3.05 4.01 -4.49
C GLU B 245 4.06 4.04 -3.36
N VAL B 246 4.20 5.20 -2.71
CA VAL B 246 5.18 5.33 -1.64
C VAL B 246 4.85 4.47 -0.43
N TYR B 247 3.62 3.99 -0.31
CA TYR B 247 3.32 3.04 0.75
C TYR B 247 3.62 1.61 0.34
N ILE B 248 3.48 1.31 -0.96
CA ILE B 248 3.79 -0.03 -1.46
C ILE B 248 5.25 -0.37 -1.19
N LEU B 249 6.11 0.63 -1.16
CA LEU B 249 7.53 0.40 -0.91
C LEU B 249 7.83 0.19 0.56
N ILE B 250 6.93 0.53 1.46
CA ILE B 250 7.23 0.49 2.89
C ILE B 250 6.46 -0.58 3.65
N ILE B 251 5.27 -0.99 3.21
CA ILE B 251 4.53 -2.02 3.95
C ILE B 251 5.26 -3.35 3.97
N PRO B 252 5.82 -3.85 2.86
CA PRO B 252 6.61 -5.09 2.95
C PRO B 252 7.79 -5.00 3.88
N GLY B 253 8.40 -3.82 4.03
CA GLY B 253 9.48 -3.67 4.98
C GLY B 253 9.06 -3.91 6.41
N PHE B 254 7.95 -3.30 6.83
CA PHE B 254 7.47 -3.38 8.21
C PHE B 254 7.38 -4.81 8.69
N GLY B 255 6.71 -5.67 7.90
CA GLY B 255 6.55 -7.06 8.29
C GLY B 255 7.87 -7.75 8.56
N ILE B 256 8.88 -7.48 7.71
CA ILE B 256 10.18 -8.10 7.90
C ILE B 256 10.74 -7.77 9.28
N ILE B 257 10.64 -6.49 9.67
CA ILE B 257 11.16 -6.06 10.96
C ILE B 257 10.51 -6.84 12.09
N SER B 258 9.21 -7.12 11.95
CA SER B 258 8.49 -7.87 12.97
C SER B 258 9.17 -9.20 13.24
N HIS B 259 9.47 -9.95 12.17
CA HIS B 259 10.11 -11.24 12.35
C HIS B 259 11.45 -11.09 13.06
N ILE B 260 12.23 -10.07 12.68
CA ILE B 260 13.51 -9.86 13.34
C ILE B 260 13.30 -9.57 14.82
N VAL B 261 12.33 -8.70 15.13
CA VAL B 261 12.07 -8.34 16.52
C VAL B 261 11.52 -9.54 17.28
N SER B 262 10.98 -10.52 16.56
CA SER B 262 10.48 -11.71 17.22
C SER B 262 11.58 -12.76 17.40
N THR B 263 12.66 -12.68 16.63
CA THR B 263 13.65 -13.76 16.66
C THR B 263 14.75 -13.48 17.68
N TYR B 264 15.49 -12.38 17.50
CA TYR B 264 16.63 -12.13 18.35
C TYR B 264 16.25 -11.52 19.70
N SER B 265 15.00 -11.10 19.85
CA SER B 265 14.39 -10.83 21.15
C SER B 265 13.32 -11.89 21.34
N LYS B 266 13.61 -12.88 22.19
CA LYS B 266 12.83 -14.11 22.25
C LYS B 266 11.48 -13.85 22.90
N LYS B 267 10.62 -13.17 22.14
CA LYS B 267 9.29 -12.79 22.60
C LYS B 267 8.35 -12.69 21.41
N PRO B 268 7.08 -13.05 21.56
CA PRO B 268 6.12 -12.86 20.49
C PRO B 268 5.80 -11.37 20.30
N VAL B 269 5.25 -11.06 19.12
CA VAL B 269 4.91 -9.69 18.81
C VAL B 269 3.75 -9.23 19.68
N PHE B 270 3.88 -8.03 20.23
CA PHE B 270 2.85 -7.43 21.09
C PHE B 270 1.63 -7.08 20.26
N GLY B 271 0.55 -7.85 20.41
CA GLY B 271 -0.69 -7.53 19.73
C GLY B 271 -0.64 -7.67 18.23
N ALA B 272 -0.57 -8.92 17.74
CA ALA B 272 -0.51 -9.15 16.30
C ALA B 272 -1.75 -8.62 15.60
N ILE B 273 -2.92 -8.83 16.20
CA ILE B 273 -4.17 -8.34 15.62
C ILE B 273 -4.14 -6.82 15.50
N GLY B 274 -3.56 -6.15 16.50
CA GLY B 274 -3.36 -4.72 16.39
C GLY B 274 -2.52 -4.34 15.20
N MET B 275 -1.46 -5.12 14.93
CA MET B 275 -0.62 -4.81 13.79
C MET B 275 -1.36 -4.99 12.47
N VAL B 276 -2.16 -6.07 12.35
CA VAL B 276 -2.87 -6.26 11.10
C VAL B 276 -3.92 -5.17 10.89
N TYR B 277 -4.65 -4.80 11.95
CA TYR B 277 -5.61 -3.70 11.81
C TYR B 277 -4.93 -2.39 11.47
N ALA B 278 -3.77 -2.11 12.07
CA ALA B 278 -3.05 -0.88 11.77
C ALA B 278 -2.57 -0.86 10.33
N MET B 279 -2.09 -1.99 9.82
CA MET B 279 -1.68 -2.05 8.42
C MET B 279 -2.86 -1.81 7.49
N GLY B 280 -4.01 -2.40 7.82
CA GLY B 280 -5.19 -2.15 7.02
C GLY B 280 -5.60 -0.68 7.02
N SER B 281 -5.57 -0.04 8.19
CA SER B 281 -5.95 1.36 8.26
C SER B 281 -4.96 2.25 7.51
N ILE B 282 -3.67 1.96 7.61
CA ILE B 282 -2.67 2.72 6.86
C ILE B 282 -2.89 2.56 5.37
N GLY B 283 -3.23 1.34 4.93
CA GLY B 283 -3.51 1.13 3.52
C GLY B 283 -4.74 1.88 3.04
N PHE B 284 -5.80 1.90 3.85
CA PHE B 284 -7.05 2.51 3.40
C PHE B 284 -6.98 4.03 3.44
N LEU B 285 -6.30 4.61 4.43
CA LEU B 285 -6.24 6.07 4.53
C LEU B 285 -5.12 6.64 3.68
N GLY B 286 -4.62 5.86 2.72
CA GLY B 286 -3.59 6.34 1.83
C GLY B 286 -4.15 6.65 0.46
N LEU B 287 -5.44 6.38 0.27
CA LEU B 287 -6.11 6.63 -0.99
C LEU B 287 -6.98 7.88 -0.96
N LEU B 288 -7.36 8.36 0.22
CA LEU B 288 -8.18 9.54 0.38
C LEU B 288 -7.37 10.82 0.52
N VAL B 289 -6.04 10.75 0.43
CA VAL B 289 -5.19 11.92 0.55
C VAL B 289 -4.14 11.86 -0.56
N TRP B 290 -4.35 12.67 -1.59
CA TRP B 290 -3.40 12.76 -2.70
C TRP B 290 -3.11 14.19 -3.11
N SER B 291 -3.70 15.20 -2.46
CA SER B 291 -3.57 16.58 -2.88
C SER B 291 -2.56 17.36 -2.07
N HIS B 292 -1.89 16.74 -1.11
CA HIS B 292 -0.88 17.48 -0.38
C HIS B 292 0.42 17.61 -1.16
N HIS B 293 0.55 16.89 -2.27
CA HIS B 293 1.64 17.13 -3.19
C HIS B 293 1.42 18.39 -4.02
N MET B 294 0.19 18.89 -4.07
CA MET B 294 -0.19 20.05 -4.86
C MET B 294 -0.99 21.02 -3.98
N TYR B 295 -0.27 21.87 -3.25
CA TYR B 295 -0.88 22.90 -2.42
C TYR B 295 -0.83 24.29 -3.02
N THR B 296 0.11 24.53 -3.94
CA THR B 296 0.34 25.86 -4.48
C THR B 296 -0.22 26.02 -5.90
N VAL B 297 -1.05 25.08 -6.35
CA VAL B 297 -1.65 25.19 -7.68
C VAL B 297 -2.87 26.10 -7.70
N GLY B 298 -3.39 26.48 -6.53
CA GLY B 298 -4.55 27.35 -6.47
C GLY B 298 -5.81 26.63 -6.04
N LEU B 299 -5.71 25.74 -5.07
CA LEU B 299 -6.88 25.06 -4.54
C LEU B 299 -7.70 26.02 -3.68
N ASP B 300 -8.94 25.63 -3.41
CA ASP B 300 -9.85 26.44 -2.62
C ASP B 300 -9.42 26.48 -1.16
N VAL B 301 -10.16 27.20 -0.32
CA VAL B 301 -9.82 27.33 1.09
C VAL B 301 -10.58 26.33 1.94
N ASP B 302 -11.53 25.60 1.36
CA ASP B 302 -12.24 24.55 2.06
C ASP B 302 -11.76 23.15 1.68
N SER B 303 -10.80 23.04 0.76
CA SER B 303 -10.21 21.77 0.41
C SER B 303 -8.87 21.54 1.09
N ARG B 304 -8.13 22.62 1.38
CA ARG B 304 -6.91 22.49 2.17
C ARG B 304 -7.20 21.97 3.57
N ALA B 305 -8.30 22.43 4.16
CA ALA B 305 -8.65 22.01 5.52
C ALA B 305 -8.89 20.51 5.60
N TYR B 306 -9.57 19.94 4.62
CA TYR B 306 -9.80 18.49 4.63
C TYR B 306 -8.49 17.74 4.47
N PHE B 307 -7.61 18.22 3.60
CA PHE B 307 -6.38 17.51 3.29
C PHE B 307 -5.30 17.67 4.35
N THR B 308 -5.38 18.69 5.21
CA THR B 308 -4.50 18.73 6.37
C THR B 308 -4.97 17.78 7.45
N SER B 309 -6.29 17.61 7.60
CA SER B 309 -6.81 16.70 8.61
C SER B 309 -6.60 15.25 8.21
N ALA B 310 -6.87 14.91 6.94
CA ALA B 310 -6.79 13.54 6.48
C ALA B 310 -5.37 13.04 6.33
N THR B 311 -4.36 13.90 6.46
CA THR B 311 -2.98 13.45 6.37
C THR B 311 -2.39 13.15 7.74
N MET B 312 -2.66 14.01 8.72
CA MET B 312 -2.14 13.78 10.07
C MET B 312 -2.76 12.56 10.74
N VAL B 313 -3.91 12.08 10.26
CA VAL B 313 -4.55 10.95 10.92
C VAL B 313 -3.77 9.66 10.69
N ILE B 314 -2.92 9.63 9.66
CA ILE B 314 -2.10 8.44 9.42
C ILE B 314 -1.08 8.25 10.55
N ALA B 315 -0.74 9.30 11.29
CA ALA B 315 0.25 9.17 12.35
C ALA B 315 -0.25 8.26 13.47
N VAL B 316 -1.57 8.20 13.68
CA VAL B 316 -2.15 7.38 14.75
C VAL B 316 -1.82 5.89 14.53
N PRO B 317 -2.07 5.32 13.35
CA PRO B 317 -1.77 3.90 13.17
C PRO B 317 -0.29 3.56 13.20
N THR B 318 0.59 4.40 12.63
CA THR B 318 2.00 4.06 12.62
C THR B 318 2.61 4.13 14.02
N GLY B 319 2.10 5.03 14.87
CA GLY B 319 2.52 5.05 16.25
C GLY B 319 2.23 3.75 16.96
N ILE B 320 1.10 3.11 16.63
CA ILE B 320 0.77 1.82 17.22
C ILE B 320 1.84 0.79 16.88
N LYS B 321 2.27 0.74 15.62
CA LYS B 321 3.30 -0.22 15.23
C LYS B 321 4.63 0.08 15.92
N ILE B 322 5.02 1.35 15.99
CA ILE B 322 6.29 1.70 16.64
C ILE B 322 6.25 1.30 18.11
N PHE B 323 5.17 1.63 18.80
CA PHE B 323 5.09 1.32 20.22
C PHE B 323 4.98 -0.17 20.47
N SER B 324 4.32 -0.92 19.57
CA SER B 324 4.28 -2.36 19.71
C SER B 324 5.66 -2.98 19.50
N TRP B 325 6.45 -2.44 18.59
CA TRP B 325 7.82 -2.93 18.44
C TRP B 325 8.65 -2.65 19.68
N LEU B 326 8.49 -1.47 20.27
CA LEU B 326 9.19 -1.19 21.53
C LEU B 326 8.75 -2.15 22.63
N ALA B 327 7.45 -2.42 22.72
CA ALA B 327 6.96 -3.38 23.71
C ALA B 327 7.51 -4.78 23.47
N THR B 328 7.71 -5.15 22.20
CA THR B 328 8.29 -6.45 21.90
C THR B 328 9.75 -6.53 22.33
N LEU B 329 10.53 -5.47 22.10
CA LEU B 329 11.92 -5.46 22.53
C LEU B 329 12.09 -5.28 24.04
N TYR B 330 11.05 -4.81 24.75
CA TYR B 330 11.24 -4.39 26.13
C TYR B 330 11.69 -5.54 27.04
N GLY B 331 10.83 -6.53 27.24
CA GLY B 331 11.07 -7.51 28.27
C GLY B 331 12.09 -8.59 27.98
N GLY B 332 12.30 -8.91 26.70
CA GLY B 332 13.06 -10.09 26.33
C GLY B 332 14.55 -9.86 26.31
N SER B 333 15.27 -10.95 26.00
CA SER B 333 16.72 -10.92 25.86
C SER B 333 17.10 -10.50 24.46
N ILE B 334 18.16 -9.68 24.34
CA ILE B 334 18.59 -9.12 23.08
C ILE B 334 20.03 -9.52 22.82
N ARG B 335 20.29 -10.10 21.65
CA ARG B 335 21.63 -10.39 21.18
C ARG B 335 21.85 -9.63 19.88
N TYR B 336 22.97 -8.91 19.80
CA TYR B 336 23.20 -7.96 18.71
C TYR B 336 23.88 -8.67 17.55
N THR B 337 23.08 -9.38 16.76
CA THR B 337 23.52 -9.91 15.48
C THR B 337 23.29 -8.85 14.40
N THR B 338 23.72 -9.19 13.18
CA THR B 338 23.66 -8.21 12.10
C THR B 338 22.24 -7.76 11.75
N PRO B 339 21.24 -8.64 11.62
CA PRO B 339 19.89 -8.15 11.34
C PRO B 339 19.30 -7.28 12.43
N MET B 340 19.61 -7.55 13.70
CA MET B 340 19.07 -6.73 14.77
C MET B 340 19.65 -5.33 14.81
N LEU B 341 20.90 -5.14 14.36
CA LEU B 341 21.42 -3.79 14.24
C LEU B 341 20.64 -2.99 13.21
N TYR B 342 20.35 -3.59 12.06
CA TYR B 342 19.54 -2.90 11.06
C TYR B 342 18.13 -2.67 11.55
N ALA B 343 17.59 -3.60 12.34
CA ALA B 343 16.27 -3.40 12.93
C ALA B 343 16.27 -2.20 13.89
N PHE B 344 17.30 -2.08 14.72
CA PHE B 344 17.42 -0.93 15.60
C PHE B 344 17.58 0.38 14.83
N ALA B 345 18.33 0.39 13.73
CA ALA B 345 18.54 1.61 12.96
C ALA B 345 17.30 2.04 12.17
N PHE B 346 16.26 1.22 12.15
CA PHE B 346 15.03 1.54 11.44
C PHE B 346 13.95 2.11 12.35
N LEU B 347 13.98 1.79 13.64
CA LEU B 347 13.00 2.32 14.59
C LEU B 347 13.29 3.75 15.01
N PHE B 348 14.50 4.24 14.77
CA PHE B 348 14.85 5.63 15.09
C PHE B 348 14.86 6.53 13.87
N LEU B 349 15.52 6.10 12.79
CA LEU B 349 15.65 6.97 11.62
C LEU B 349 14.32 7.12 10.88
N PHE B 350 13.49 6.08 10.86
CA PHE B 350 12.16 6.24 10.28
C PHE B 350 11.34 7.26 11.04
N THR B 351 11.48 7.29 12.37
CA THR B 351 10.76 8.29 13.16
C THR B 351 11.21 9.70 12.80
N VAL B 352 12.52 9.92 12.65
CA VAL B 352 13.02 11.22 12.25
C VAL B 352 12.52 11.59 10.86
N GLY B 353 12.47 10.61 9.97
CA GLY B 353 12.00 10.86 8.63
C GLY B 353 10.51 11.14 8.54
N GLY B 354 9.74 10.57 9.47
CA GLY B 354 8.30 10.73 9.42
C GLY B 354 7.76 11.88 10.25
N LEU B 355 8.44 12.22 11.35
CA LEU B 355 8.03 13.37 12.14
C LEU B 355 8.14 14.67 11.38
N SER B 356 9.05 14.77 10.41
CA SER B 356 9.09 15.94 9.55
C SER B 356 7.85 16.01 8.68
N GLY B 357 7.20 14.87 8.44
CA GLY B 357 6.02 14.85 7.58
C GLY B 357 4.82 15.53 8.18
N VAL B 358 4.73 15.61 9.51
CA VAL B 358 3.65 16.36 10.14
C VAL B 358 3.90 17.85 10.12
N VAL B 359 5.12 18.28 9.77
CA VAL B 359 5.42 19.69 9.55
C VAL B 359 5.11 20.12 8.12
N LEU B 360 4.99 19.16 7.20
CA LEU B 360 4.73 19.46 5.81
C LEU B 360 3.30 19.21 5.37
N SER B 361 2.48 18.58 6.21
CA SER B 361 1.09 18.34 5.86
C SER B 361 0.23 19.58 6.06
N ASN B 362 0.67 20.51 6.90
CA ASN B 362 -0.08 21.73 7.13
C ASN B 362 -0.12 22.58 5.88
N ALA B 363 -1.30 23.12 5.57
CA ALA B 363 -1.45 23.96 4.39
C ALA B 363 -0.81 25.33 4.56
N SER B 364 -0.81 25.86 5.79
CA SER B 364 -0.20 27.16 6.03
C SER B 364 1.31 27.10 5.88
N LEU B 365 1.94 26.02 6.34
CA LEU B 365 3.39 25.90 6.32
C LEU B 365 3.94 25.40 5.00
N ASP B 366 3.08 25.08 4.03
CA ASP B 366 3.58 24.53 2.77
C ASP B 366 4.01 25.61 1.80
N ILE B 367 3.79 26.88 2.12
CA ILE B 367 4.28 27.95 1.25
C ILE B 367 5.72 28.32 1.54
N ALA B 368 6.37 27.65 2.48
CA ALA B 368 7.78 27.87 2.77
C ALA B 368 8.64 26.64 2.53
N PHE B 369 8.04 25.46 2.41
CA PHE B 369 8.79 24.22 2.27
C PHE B 369 8.56 23.52 0.93
N HIS B 370 7.68 24.04 0.08
CA HIS B 370 7.39 23.39 -1.19
C HIS B 370 8.44 23.71 -2.23
N ASP B 371 8.85 22.69 -3.00
CA ASP B 371 9.93 22.82 -3.96
C ASP B 371 11.21 23.32 -3.28
N THR B 372 11.57 22.64 -2.20
CA THR B 372 12.74 22.99 -1.42
C THR B 372 13.38 21.70 -0.91
N TYR B 373 14.64 21.80 -0.51
CA TYR B 373 15.39 20.61 -0.13
C TYR B 373 14.91 19.99 1.17
N TYR B 374 13.98 20.64 1.88
CA TYR B 374 13.37 20.01 3.04
C TYR B 374 12.62 18.75 2.66
N VAL B 375 11.90 18.77 1.54
CA VAL B 375 11.16 17.58 1.11
C VAL B 375 12.13 16.46 0.76
N ILE B 376 13.23 16.80 0.11
CA ILE B 376 14.25 15.83 -0.25
C ILE B 376 14.82 15.17 1.01
N GLY B 377 15.22 15.98 1.99
CA GLY B 377 15.71 15.45 3.24
C GLY B 377 14.67 14.63 3.98
N HIS B 378 13.40 15.01 3.82
CA HIS B 378 12.30 14.17 4.31
C HIS B 378 12.36 12.77 3.73
N PHE B 379 12.24 12.66 2.42
CA PHE B 379 11.99 11.34 1.88
C PHE B 379 13.23 10.48 1.75
N HIS B 380 14.43 11.03 1.96
CA HIS B 380 15.55 10.10 2.03
C HIS B 380 15.57 9.32 3.34
N TYR B 381 15.16 9.93 4.45
CA TYR B 381 15.16 9.21 5.71
C TYR B 381 14.16 8.05 5.70
N VAL B 382 13.07 8.19 4.95
CA VAL B 382 12.07 7.13 4.90
C VAL B 382 12.22 6.21 3.70
N LEU B 383 12.97 6.60 2.67
CA LEU B 383 13.26 5.70 1.55
C LEU B 383 14.66 5.10 1.65
N SER B 384 15.69 5.95 1.70
CA SER B 384 17.05 5.44 1.71
C SER B 384 17.38 4.76 3.04
N LEU B 385 16.80 5.23 4.14
CA LEU B 385 17.05 4.67 5.45
C LEU B 385 15.88 3.86 6.00
N GLY B 386 14.77 3.79 5.27
CA GLY B 386 13.64 3.00 5.70
C GLY B 386 13.40 1.75 4.88
N ALA B 387 13.64 1.83 3.57
CA ALA B 387 13.44 0.68 2.69
C ALA B 387 14.72 -0.10 2.46
N VAL B 388 15.83 0.60 2.19
CA VAL B 388 17.09 -0.09 1.92
C VAL B 388 17.58 -0.82 3.16
N PHE B 389 17.41 -0.23 4.34
CA PHE B 389 17.82 -0.92 5.57
C PHE B 389 17.00 -2.18 5.78
N SER B 390 15.70 -2.11 5.51
CA SER B 390 14.86 -3.30 5.63
C SER B 390 15.28 -4.38 4.63
N LEU B 391 15.61 -3.99 3.39
CA LEU B 391 16.06 -4.97 2.42
C LEU B 391 17.37 -5.61 2.86
N PHE B 392 18.30 -4.82 3.38
CA PHE B 392 19.56 -5.39 3.87
C PHE B 392 19.32 -6.34 5.04
N ALA B 393 18.41 -5.98 5.94
CA ALA B 393 18.09 -6.86 7.06
C ALA B 393 17.49 -8.16 6.57
N GLY B 394 16.57 -8.09 5.61
CA GLY B 394 15.99 -9.30 5.07
C GLY B 394 17.00 -10.19 4.40
N TYR B 395 17.93 -9.59 3.64
CA TYR B 395 18.99 -10.38 3.02
C TYR B 395 19.85 -11.06 4.06
N TYR B 396 20.36 -10.30 5.04
CA TYR B 396 21.22 -10.89 6.06
C TYR B 396 20.47 -11.90 6.93
N TYR B 397 19.15 -11.82 6.98
CA TYR B 397 18.35 -12.77 7.76
C TYR B 397 18.14 -14.07 7.01
N TRP B 398 17.67 -14.00 5.77
CA TRP B 398 17.23 -15.18 5.04
C TRP B 398 18.26 -15.74 4.07
N SER B 399 19.42 -15.11 3.91
CA SER B 399 20.39 -15.60 2.92
C SER B 399 20.94 -16.98 3.26
N PRO B 400 21.35 -17.24 4.51
CA PRO B 400 21.82 -18.60 4.84
C PRO B 400 20.78 -19.69 4.64
N LEU B 401 19.50 -19.39 4.86
CA LEU B 401 18.47 -20.41 4.67
C LEU B 401 18.24 -20.71 3.19
N ILE B 402 18.43 -19.73 2.32
CA ILE B 402 18.18 -19.94 0.90
C ILE B 402 19.40 -20.54 0.21
N THR B 403 20.59 -20.01 0.51
CA THR B 403 21.80 -20.44 -0.19
C THR B 403 22.53 -21.58 0.51
N GLY B 404 22.49 -21.62 1.83
CA GLY B 404 23.24 -22.64 2.56
C GLY B 404 24.68 -22.29 2.85
N LEU B 405 25.09 -21.05 2.59
CA LEU B 405 26.45 -20.59 2.83
C LEU B 405 26.38 -19.36 3.73
N TYR B 406 27.29 -19.29 4.70
CA TYR B 406 27.27 -18.22 5.69
C TYR B 406 28.24 -17.10 5.31
N TYR B 407 28.17 -16.00 6.04
CA TYR B 407 28.86 -14.78 5.68
C TYR B 407 29.66 -14.27 6.87
N ASN B 408 30.73 -13.53 6.58
CA ASN B 408 31.59 -13.00 7.63
C ASN B 408 30.86 -11.91 8.40
N ASN B 409 30.93 -11.99 9.74
CA ASN B 409 30.20 -11.04 10.57
C ASN B 409 30.88 -9.68 10.66
N ASN B 410 32.22 -9.68 10.76
CA ASN B 410 32.94 -8.43 10.95
C ASN B 410 32.79 -7.48 9.76
N LEU B 411 32.87 -8.00 8.55
CA LEU B 411 32.70 -7.18 7.36
C LEU B 411 31.28 -6.63 7.26
N ALA B 412 30.27 -7.43 7.64
CA ALA B 412 28.91 -6.93 7.65
C ALA B 412 28.74 -5.79 8.64
N ASN B 413 29.33 -5.93 9.82
CA ASN B 413 29.26 -4.84 10.80
C ASN B 413 29.95 -3.58 10.29
N ILE B 414 31.12 -3.73 9.66
CA ILE B 414 31.82 -2.57 9.11
C ILE B 414 30.96 -1.88 8.06
N GLN B 415 30.34 -2.67 7.19
CA GLN B 415 29.48 -2.10 6.16
C GLN B 415 28.30 -1.35 6.79
N PHE B 416 27.70 -1.93 7.83
CA PHE B 416 26.57 -1.28 8.46
C PHE B 416 26.97 0.06 9.05
N TRP B 417 28.11 0.11 9.73
CA TRP B 417 28.53 1.36 10.34
C TRP B 417 28.85 2.42 9.28
N LEU B 418 29.52 2.01 8.20
CA LEU B 418 29.83 2.97 7.14
C LEU B 418 28.55 3.51 6.50
N LEU B 419 27.58 2.64 6.23
CA LEU B 419 26.33 3.10 5.64
C LEU B 419 25.59 4.04 6.57
N PHE B 420 25.55 3.71 7.86
CA PHE B 420 24.92 4.56 8.86
C PHE B 420 25.52 5.95 8.85
N ILE B 421 26.85 6.03 8.97
CA ILE B 421 27.53 7.32 9.04
C ILE B 421 27.31 8.10 7.76
N GLY B 422 27.48 7.46 6.60
CA GLY B 422 27.35 8.16 5.34
C GLY B 422 25.95 8.71 5.10
N THR B 423 24.93 7.88 5.33
CA THR B 423 23.57 8.32 5.08
C THR B 423 23.12 9.37 6.10
N ASN B 424 23.62 9.31 7.33
CA ASN B 424 23.28 10.34 8.31
C ASN B 424 24.08 11.62 8.11
N VAL B 425 25.17 11.57 7.36
CA VAL B 425 25.93 12.79 7.04
C VAL B 425 25.46 13.44 5.73
N THR B 426 24.90 12.68 4.81
CA THR B 426 24.53 13.22 3.51
C THR B 426 23.12 13.84 3.49
N PHE B 427 22.20 13.34 4.30
CA PHE B 427 20.81 13.77 4.21
C PHE B 427 20.40 14.76 5.30
N PHE B 428 21.24 15.00 6.29
CA PHE B 428 20.84 15.88 7.39
C PHE B 428 20.95 17.35 7.01
N PRO B 429 22.07 17.84 6.47
CA PRO B 429 22.18 19.26 6.13
C PRO B 429 21.18 19.74 5.10
N MET B 430 20.55 18.84 4.35
CA MET B 430 19.52 19.25 3.41
C MET B 430 18.36 19.94 4.11
N HIS B 431 18.09 19.59 5.38
CA HIS B 431 17.11 20.32 6.15
C HIS B 431 17.50 21.78 6.29
N PHE B 432 18.77 22.05 6.61
CA PHE B 432 19.22 23.42 6.77
C PHE B 432 19.15 24.18 5.45
N LEU B 433 19.61 23.55 4.37
CA LEU B 433 19.57 24.22 3.07
C LEU B 433 18.13 24.52 2.66
N GLY B 434 17.21 23.59 2.96
CA GLY B 434 15.81 23.86 2.66
C GLY B 434 15.22 24.97 3.48
N LEU B 435 15.55 25.02 4.78
CA LEU B 435 15.06 26.09 5.62
C LEU B 435 15.57 27.45 5.17
N ASN B 436 16.80 27.50 4.66
CA ASN B 436 17.34 28.79 4.23
C ASN B 436 16.91 29.20 2.84
N GLY B 437 16.31 28.30 2.06
CA GLY B 437 15.71 28.71 0.80
C GLY B 437 16.33 28.20 -0.49
N MET B 438 16.86 26.97 -0.50
CA MET B 438 17.44 26.42 -1.71
C MET B 438 16.40 25.63 -2.47
N PRO B 439 16.10 25.98 -3.72
CA PRO B 439 15.08 25.26 -4.48
C PRO B 439 15.61 23.94 -5.04
N ARG B 440 14.68 23.14 -5.54
CA ARG B 440 14.98 21.81 -6.08
C ARG B 440 15.32 21.89 -7.56
N ARG B 441 16.12 20.91 -8.01
CA ARG B 441 16.40 20.73 -9.43
C ARG B 441 17.16 21.91 -10.02
N ILE B 442 18.32 22.22 -9.44
CA ILE B 442 19.19 23.28 -9.94
C ILE B 442 20.63 22.77 -9.90
N PRO B 443 21.35 22.78 -11.01
CA PRO B 443 22.75 22.33 -11.00
C PRO B 443 23.66 23.29 -10.24
N ASP B 444 23.61 24.56 -10.58
CA ASP B 444 24.45 25.58 -9.97
C ASP B 444 23.58 26.41 -9.03
N TYR B 445 24.16 26.77 -7.90
CA TYR B 445 23.46 27.46 -6.83
C TYR B 445 24.24 28.71 -6.46
N PRO B 446 23.60 29.65 -5.77
CA PRO B 446 24.32 30.84 -5.31
C PRO B 446 25.46 30.49 -4.38
N ASP B 447 26.35 31.46 -4.17
CA ASP B 447 27.55 31.22 -3.37
C ASP B 447 27.23 30.91 -1.91
N ALA B 448 26.06 31.30 -1.43
CA ALA B 448 25.76 31.14 -0.01
C ALA B 448 25.63 29.68 0.40
N PHE B 449 25.06 28.82 -0.45
CA PHE B 449 24.77 27.45 -0.08
C PHE B 449 25.95 26.51 -0.31
N ALA B 450 27.17 27.03 -0.36
CA ALA B 450 28.31 26.19 -0.69
C ALA B 450 28.64 25.21 0.44
N GLY B 451 28.72 25.71 1.67
CA GLY B 451 29.38 24.95 2.72
C GLY B 451 28.74 23.60 3.00
N TRP B 452 27.44 23.61 3.31
CA TRP B 452 26.76 22.34 3.56
C TRP B 452 26.79 21.42 2.35
N ASN B 453 26.84 21.99 1.14
CA ASN B 453 26.88 21.15 -0.05
C ASN B 453 28.20 20.41 -0.15
N ALA B 454 29.25 20.93 0.49
CA ALA B 454 30.51 20.20 0.55
C ALA B 454 30.51 19.12 1.61
N ILE B 455 29.55 19.13 2.54
CA ILE B 455 29.50 18.09 3.56
C ILE B 455 28.60 16.94 3.11
N SER B 456 27.55 17.25 2.34
CA SER B 456 26.66 16.24 1.83
C SER B 456 27.23 15.50 0.62
N SER B 457 28.31 16.02 0.04
CA SER B 457 29.02 15.32 -1.01
C SER B 457 30.13 14.42 -0.48
N PHE B 458 30.34 14.41 0.83
CA PHE B 458 31.36 13.58 1.46
C PHE B 458 30.77 12.26 1.95
N GLY B 459 29.50 12.28 2.36
CA GLY B 459 28.85 11.05 2.79
C GLY B 459 28.64 10.05 1.67
N SER B 460 28.38 10.54 0.46
CA SER B 460 28.13 9.65 -0.67
C SER B 460 29.35 8.79 -0.98
N LEU B 461 30.54 9.35 -0.87
CA LEU B 461 31.77 8.60 -1.05
C LEU B 461 32.02 7.62 0.09
N ILE B 462 31.34 7.79 1.22
CA ILE B 462 31.39 6.77 2.27
C ILE B 462 30.37 5.66 2.04
N SER B 463 29.22 5.97 1.43
CA SER B 463 28.21 4.97 1.14
C SER B 463 28.57 4.09 -0.05
N ILE B 464 29.24 4.65 -1.06
CA ILE B 464 29.62 3.82 -2.20
C ILE B 464 30.70 2.81 -1.79
N ILE B 465 31.58 3.19 -0.86
CA ILE B 465 32.53 2.23 -0.34
C ILE B 465 31.81 1.14 0.46
N SER B 466 30.70 1.49 1.12
CA SER B 466 29.88 0.47 1.76
C SER B 466 29.31 -0.50 0.72
N VAL B 467 28.91 0.03 -0.44
CA VAL B 467 28.39 -0.84 -1.51
C VAL B 467 29.49 -1.80 -1.99
N ILE B 468 30.71 -1.28 -2.16
CA ILE B 468 31.81 -2.14 -2.59
C ILE B 468 32.11 -3.22 -1.55
N LEU B 469 32.08 -2.84 -0.27
CA LEU B 469 32.25 -3.83 0.79
C LEU B 469 31.13 -4.86 0.78
N PHE B 470 29.91 -4.45 0.42
CA PHE B 470 28.81 -5.40 0.25
C PHE B 470 29.13 -6.41 -0.85
N ALA B 471 29.69 -5.93 -1.95
CA ALA B 471 30.11 -6.82 -3.02
C ALA B 471 31.13 -7.84 -2.53
N TYR B 472 32.12 -7.38 -1.77
CA TYR B 472 33.11 -8.33 -1.26
C TYR B 472 32.49 -9.28 -0.23
N VAL B 473 31.49 -8.83 0.53
CA VAL B 473 30.83 -9.72 1.47
C VAL B 473 30.12 -10.84 0.73
N ILE B 474 29.46 -10.51 -0.39
CA ILE B 474 28.83 -11.55 -1.19
C ILE B 474 29.87 -12.51 -1.75
N TYR B 475 31.01 -11.97 -2.19
CA TYR B 475 32.08 -12.84 -2.69
C TYR B 475 32.58 -13.80 -1.62
N ASP B 476 32.79 -13.31 -0.40
CA ASP B 476 33.22 -14.18 0.69
C ASP B 476 32.12 -15.13 1.12
N GLN B 477 30.85 -14.77 0.89
CA GLN B 477 29.77 -15.69 1.16
C GLN B 477 29.78 -16.86 0.19
N LEU B 478 29.94 -16.57 -1.11
CA LEU B 478 29.83 -17.64 -2.11
C LEU B 478 31.03 -18.56 -2.09
N VAL B 479 32.24 -18.02 -1.97
CA VAL B 479 33.47 -18.80 -1.90
C VAL B 479 33.84 -18.97 -0.43
N ASN B 480 34.23 -20.18 -0.05
CA ASN B 480 34.57 -20.58 1.33
C ASN B 480 33.51 -20.14 2.34
N GLY B 481 32.24 -20.23 1.95
CA GLY B 481 31.16 -19.91 2.86
C GLY B 481 30.77 -21.05 3.78
N LEU B 482 31.17 -22.28 3.45
CA LEU B 482 30.86 -23.41 4.31
C LEU B 482 31.66 -23.36 5.60
N THR B 483 32.87 -22.83 5.57
CA THR B 483 33.73 -22.76 6.74
C THR B 483 33.66 -21.42 7.45
N ASN B 484 32.53 -20.72 7.36
CA ASN B 484 32.32 -19.46 8.06
C ASN B 484 31.14 -19.56 9.01
N LYS B 485 30.85 -20.76 9.49
CA LYS B 485 29.82 -20.96 10.49
C LYS B 485 30.41 -21.26 11.87
N GLN B 486 31.72 -21.52 11.95
CA GLN B 486 32.38 -21.75 13.22
C GLN B 486 33.13 -20.53 13.73
N LEU B 487 33.19 -19.45 12.96
CA LEU B 487 33.92 -18.26 13.41
C LEU B 487 33.18 -17.57 14.55
N SER B 488 31.88 -17.38 14.40
CA SER B 488 31.09 -16.65 15.38
C SER B 488 29.76 -17.36 15.61
N THR B 489 29.16 -17.08 16.77
CA THR B 489 27.87 -17.63 17.13
C THR B 489 26.72 -16.83 16.55
N ASN B 490 26.99 -15.97 15.57
CA ASN B 490 25.92 -15.33 14.81
C ASN B 490 25.21 -16.34 13.93
N SER B 491 25.87 -17.45 13.61
CA SER B 491 25.26 -18.50 12.79
C SER B 491 24.02 -19.07 13.44
N LEU B 492 24.08 -19.28 14.76
CA LEU B 492 22.97 -19.89 15.49
C LEU B 492 21.70 -19.07 15.34
N PHE B 493 20.60 -19.75 15.05
CA PHE B 493 19.32 -19.08 14.85
C PHE B 493 18.74 -18.60 16.18
N LYS B 494 18.87 -19.41 17.23
CA LYS B 494 18.45 -19.03 18.57
C LYS B 494 19.43 -19.53 19.62
N ASN B 495 19.78 -18.65 20.54
CA ASN B 495 20.72 -18.91 21.62
C ASN B 495 20.05 -19.75 22.70
N PRO B 496 20.77 -20.71 23.28
CA PRO B 496 20.18 -21.52 24.37
C PRO B 496 19.77 -20.69 25.57
N ASP B 497 18.72 -21.15 26.25
CA ASP B 497 18.15 -20.42 27.37
C ASP B 497 19.01 -20.62 28.62
N PHE B 498 18.51 -20.16 29.75
CA PHE B 498 19.30 -20.14 30.98
C PHE B 498 19.53 -21.56 31.50
N ILE B 499 18.47 -22.36 31.58
CA ILE B 499 18.55 -23.70 32.14
C ILE B 499 18.78 -24.77 31.07
N GLU B 500 18.63 -24.43 29.79
CA GLU B 500 18.78 -25.39 28.72
C GLU B 500 20.25 -25.77 28.56
N SER B 501 20.59 -27.02 28.83
CA SER B 501 21.96 -27.48 28.71
C SER B 501 22.38 -27.56 27.25
N ASN B 502 23.71 -27.54 27.03
CA ASN B 502 24.22 -27.58 25.67
C ASN B 502 23.91 -28.91 25.00
N ILE B 503 24.00 -30.02 25.74
CA ILE B 503 23.75 -31.33 25.14
C ILE B 503 22.30 -31.43 24.69
N ILE B 504 21.36 -30.93 25.50
CA ILE B 504 19.97 -30.92 25.10
C ILE B 504 19.74 -29.94 23.96
N PHE B 505 20.46 -28.83 23.95
CA PHE B 505 20.31 -27.86 22.87
C PHE B 505 20.75 -28.44 21.53
N ASN B 506 21.82 -29.24 21.51
CA ASN B 506 22.28 -29.81 20.25
C ASN B 506 21.27 -30.79 19.68
N ASP B 507 20.47 -31.44 20.52
CA ASP B 507 19.45 -32.35 20.02
C ASP B 507 18.24 -31.62 19.47
N ASN B 508 17.82 -30.53 20.14
CA ASN B 508 16.65 -29.75 19.77
C ASN B 508 17.12 -28.32 19.56
N SER B 509 17.50 -27.99 18.32
CA SER B 509 18.18 -26.74 18.05
C SER B 509 17.23 -25.64 17.57
N ILE B 510 16.37 -25.94 16.61
CA ILE B 510 15.54 -24.93 15.96
C ILE B 510 14.19 -24.87 16.64
N LYS B 511 13.87 -23.72 17.24
CA LYS B 511 12.56 -23.43 17.78
C LYS B 511 12.02 -22.22 17.04
N SER B 512 10.93 -22.40 16.30
CA SER B 512 10.44 -21.37 15.40
C SER B 512 8.94 -21.19 15.59
N SER B 513 8.43 -20.15 14.96
CA SER B 513 6.99 -19.92 14.88
C SER B 513 6.49 -19.93 13.45
N SER B 514 7.29 -20.41 12.49
CA SER B 514 6.90 -20.50 11.09
C SER B 514 7.65 -21.66 10.45
N ILE B 515 7.16 -22.08 9.29
CA ILE B 515 7.72 -23.22 8.55
C ILE B 515 9.03 -22.78 7.89
N ASP B 516 9.31 -21.48 7.92
CA ASP B 516 10.44 -20.92 7.18
C ASP B 516 11.77 -21.53 7.60
N PHE B 517 12.04 -21.55 8.90
CA PHE B 517 13.35 -21.96 9.39
C PHE B 517 13.42 -23.42 9.79
N LEU B 518 12.45 -24.24 9.37
CA LEU B 518 12.50 -25.67 9.61
C LEU B 518 12.84 -26.46 8.35
N LEU B 519 12.82 -25.83 7.18
CA LEU B 519 13.12 -26.50 5.94
C LEU B 519 14.62 -26.81 5.87
N THR B 520 14.99 -27.69 4.93
CA THR B 520 16.38 -28.08 4.79
C THR B 520 17.22 -26.90 4.33
N SER B 521 18.55 -27.10 4.34
CA SER B 521 19.51 -25.99 4.28
C SER B 521 19.38 -25.25 2.95
N PRO B 522 19.51 -25.93 1.81
CA PRO B 522 18.83 -25.45 0.61
C PRO B 522 17.49 -26.14 0.45
N PRO B 523 16.39 -25.39 0.35
CA PRO B 523 15.07 -26.02 0.24
C PRO B 523 14.93 -26.90 -0.98
N LEU B 524 14.24 -28.04 -0.83
CA LEU B 524 14.01 -28.93 -1.96
C LEU B 524 13.16 -28.23 -3.01
N PRO B 525 13.33 -28.60 -4.28
CA PRO B 525 12.47 -28.03 -5.33
C PRO B 525 11.00 -28.28 -5.06
N HIS B 526 10.67 -29.52 -4.70
CA HIS B 526 9.32 -29.86 -4.24
C HIS B 526 9.38 -30.04 -2.73
N THR B 527 8.88 -29.05 -1.98
CA THR B 527 9.07 -29.06 -0.54
C THR B 527 7.97 -29.82 0.18
N PHE B 528 6.73 -29.69 -0.25
CA PHE B 528 5.58 -30.30 0.44
C PHE B 528 5.01 -31.38 -0.45
N ASN B 529 5.20 -32.64 -0.06
CA ASN B 529 4.57 -33.76 -0.75
C ASN B 529 3.25 -34.08 -0.05
N THR B 530 3.33 -34.42 1.23
CA THR B 530 2.14 -34.58 2.04
C THR B 530 1.82 -33.24 2.71
N PRO B 531 0.55 -32.90 2.88
CA PRO B 531 0.21 -31.58 3.42
C PRO B 531 0.70 -31.39 4.84
N ALA B 532 0.96 -30.13 5.18
CA ALA B 532 1.32 -29.77 6.54
C ALA B 532 0.07 -29.70 7.41
N ILE B 533 0.26 -29.92 8.72
CA ILE B 533 -0.84 -29.99 9.66
C ILE B 533 -0.67 -28.90 10.71
N GLN B 534 -1.75 -28.19 11.00
CA GLN B 534 -1.81 -27.20 12.06
C GLN B 534 -3.05 -27.44 12.90
N SER B 535 -2.93 -27.18 14.20
CA SER B 535 -4.04 -27.37 15.12
C SER B 535 -5.08 -26.27 14.95
N ASP C 1 15.33 38.50 2.37
CA ASP C 1 16.72 38.86 2.53
C ASP C 1 17.65 37.84 1.89
N VAL C 2 18.93 38.16 1.83
CA VAL C 2 19.93 37.33 1.15
C VAL C 2 20.24 36.10 1.99
N PRO C 3 20.51 34.94 1.38
CA PRO C 3 20.94 33.77 2.15
C PRO C 3 22.26 34.03 2.87
N THR C 4 22.41 33.40 4.03
CA THR C 4 23.65 33.46 4.78
C THR C 4 24.48 32.21 4.52
N PRO C 5 25.81 32.31 4.60
CA PRO C 5 26.67 31.18 4.18
C PRO C 5 26.39 29.86 4.87
N TRP C 6 26.54 29.79 6.19
CA TRP C 6 26.22 28.57 6.92
C TRP C 6 24.89 28.75 7.64
N GLY C 7 23.81 28.71 6.87
CA GLY C 7 22.50 28.91 7.43
C GLY C 7 21.95 27.69 8.11
N ILE C 8 21.13 27.92 9.14
CA ILE C 8 20.56 26.83 9.91
C ILE C 8 19.05 26.98 10.06
N PHE C 9 18.54 28.21 9.89
CA PHE C 9 17.16 28.48 10.26
C PHE C 9 16.60 29.48 9.23
N PHE C 10 15.34 29.89 9.39
CA PHE C 10 14.64 30.70 8.42
C PHE C 10 15.34 32.04 8.19
N GLN C 11 15.06 32.64 7.03
CA GLN C 11 15.49 33.99 6.76
C GLN C 11 14.64 34.97 7.56
N ASP C 12 15.07 36.23 7.62
CA ASP C 12 14.36 37.23 8.39
C ASP C 12 13.06 37.62 7.68
N SER C 13 12.05 37.92 8.49
CA SER C 13 10.72 38.21 7.99
C SER C 13 10.53 39.70 7.74
N ALA C 14 9.65 40.02 6.80
CA ALA C 14 9.27 41.40 6.56
C ALA C 14 7.76 41.55 6.35
N THR C 15 6.98 40.50 6.62
CA THR C 15 5.55 40.51 6.45
C THR C 15 4.93 39.75 7.62
N PRO C 16 3.72 40.12 8.05
CA PRO C 16 3.06 39.37 9.13
C PRO C 16 2.83 37.91 8.82
N ASN C 17 2.58 37.57 7.56
CA ASN C 17 2.31 36.18 7.20
C ASN C 17 3.49 35.27 7.51
N MET C 18 4.71 35.71 7.20
CA MET C 18 5.88 34.88 7.48
C MET C 18 6.08 34.73 8.98
N GLU C 19 5.78 35.77 9.75
CA GLU C 19 5.84 35.66 11.20
C GLU C 19 4.86 34.64 11.74
N GLY C 20 3.62 34.63 11.24
CA GLY C 20 2.70 33.59 11.63
C GLY C 20 3.17 32.21 11.26
N ILE C 21 3.78 32.07 10.07
CA ILE C 21 4.32 30.78 9.66
C ILE C 21 5.40 30.31 10.62
N ILE C 22 6.31 31.21 10.98
CA ILE C 22 7.40 30.86 11.89
C ILE C 22 6.85 30.46 13.26
N GLU C 23 5.86 31.21 13.76
CA GLU C 23 5.29 30.88 15.05
C GLU C 23 4.62 29.50 15.03
N LEU C 24 3.89 29.19 13.94
CA LEU C 24 3.25 27.89 13.85
C LEU C 24 4.28 26.76 13.81
N HIS C 25 5.37 26.93 13.04
CA HIS C 25 6.39 25.90 12.96
C HIS C 25 7.05 25.68 14.33
N ASN C 26 7.37 26.77 15.02
CA ASN C 26 7.99 26.64 16.34
C ASN C 26 7.01 26.09 17.37
N ASN C 27 5.71 26.20 17.12
CA ASN C 27 4.74 25.56 17.99
C ASN C 27 4.69 24.05 17.78
N ILE C 28 4.76 23.60 16.52
CA ILE C 28 4.70 22.16 16.25
C ILE C 28 5.98 21.47 16.71
N MET C 29 7.12 22.16 16.61
CA MET C 29 8.39 21.55 16.96
C MET C 29 8.43 21.11 18.42
N PHE C 30 7.67 21.79 19.28
CA PHE C 30 7.52 21.41 20.68
C PHE C 30 7.13 19.94 20.83
N TYR C 31 5.95 19.60 20.29
CA TYR C 31 5.46 18.23 20.41
C TYR C 31 6.34 17.24 19.67
N LEU C 32 6.88 17.65 18.52
CA LEU C 32 7.77 16.72 17.81
C LEU C 32 9.01 16.37 18.61
N VAL C 33 9.66 17.36 19.24
CA VAL C 33 10.80 17.08 20.09
C VAL C 33 10.42 16.24 21.30
N LEU C 34 9.25 16.48 21.90
CA LEU C 34 8.81 15.63 23.02
C LEU C 34 8.71 14.17 22.61
N ILE C 35 8.03 13.89 21.50
CA ILE C 35 7.88 12.50 21.06
C ILE C 35 9.23 11.86 20.72
N LEU C 36 10.11 12.59 20.04
CA LEU C 36 11.42 12.02 19.72
C LEU C 36 12.23 11.70 20.98
N THR C 37 12.20 12.60 21.97
CA THR C 37 12.91 12.32 23.21
C THR C 37 12.36 11.09 23.91
N PHE C 38 11.04 10.92 23.93
CA PHE C 38 10.45 9.75 24.56
C PHE C 38 10.90 8.46 23.89
N VAL C 39 10.84 8.43 22.55
CA VAL C 39 11.23 7.22 21.83
C VAL C 39 12.70 6.90 22.07
N SER C 40 13.56 7.92 22.01
CA SER C 40 14.99 7.70 22.20
C SER C 40 15.29 7.20 23.61
N TYR C 41 14.60 7.75 24.61
CA TYR C 41 14.84 7.29 25.98
C TYR C 41 14.43 5.83 26.16
N ILE C 42 13.30 5.43 25.57
CA ILE C 42 12.91 4.04 25.73
C ILE C 42 13.90 3.12 25.02
N LEU C 43 14.41 3.53 23.85
CA LEU C 43 15.44 2.72 23.22
C LEU C 43 16.70 2.61 24.09
N TYR C 44 17.09 3.71 24.73
CA TYR C 44 18.25 3.66 25.61
C TYR C 44 18.02 2.72 26.79
N THR C 45 16.83 2.77 27.38
CA THR C 45 16.53 1.87 28.50
C THR C 45 16.59 0.41 28.04
N ILE C 46 16.04 0.12 26.86
CA ILE C 46 16.07 -1.24 26.33
C ILE C 46 17.50 -1.71 26.14
N ILE C 47 18.35 -0.85 25.57
CA ILE C 47 19.74 -1.24 25.34
C ILE C 47 20.51 -1.41 26.65
N TYR C 48 20.25 -0.57 27.65
CA TYR C 48 21.05 -0.56 28.86
C TYR C 48 20.63 -1.59 29.89
N ASN C 49 19.35 -1.96 29.94
CA ASN C 49 18.87 -2.87 30.97
C ASN C 49 18.72 -4.32 30.51
N TYR C 50 18.04 -4.55 29.39
CA TYR C 50 17.61 -5.90 28.99
C TYR C 50 18.49 -6.48 27.90
N SER C 51 19.74 -6.04 27.80
CA SER C 51 20.64 -6.48 26.74
C SER C 51 21.33 -7.76 27.20
N ASN C 52 20.98 -8.87 26.56
CA ASN C 52 21.56 -10.18 26.88
C ASN C 52 21.29 -10.55 28.34
N ALA C 53 20.00 -10.69 28.65
CA ALA C 53 19.54 -10.95 30.01
C ALA C 53 19.09 -12.40 30.13
N THR C 54 19.15 -12.91 31.35
CA THR C 54 18.84 -14.31 31.60
C THR C 54 17.34 -14.59 31.58
N ILE C 55 16.53 -13.65 32.04
CA ILE C 55 15.09 -13.86 32.20
C ILE C 55 14.35 -13.27 31.01
N VAL C 56 13.52 -14.07 30.37
CA VAL C 56 12.71 -13.64 29.23
C VAL C 56 11.25 -13.72 29.63
N HIS C 57 10.55 -12.58 29.55
CA HIS C 57 9.16 -12.47 29.95
C HIS C 57 8.27 -12.75 28.75
N LYS C 58 8.14 -14.04 28.40
CA LYS C 58 7.42 -14.43 27.20
C LYS C 58 5.92 -14.56 27.42
N TYR C 59 5.37 -13.95 28.48
CA TYR C 59 3.95 -14.08 28.78
C TYR C 59 3.25 -12.73 28.91
N MET C 60 3.93 -11.62 28.65
CA MET C 60 3.29 -10.29 28.61
C MET C 60 3.09 -9.95 27.15
N ASN C 61 1.87 -10.15 26.65
CA ASN C 61 1.65 -10.01 25.21
C ASN C 61 0.33 -9.35 24.87
N HIS C 62 -0.50 -8.98 25.86
CA HIS C 62 -1.83 -8.51 25.50
C HIS C 62 -1.96 -7.04 25.85
N GLY C 63 -2.00 -6.67 27.12
CA GLY C 63 -2.22 -5.27 27.45
C GLY C 63 -3.65 -4.85 27.17
N GLN C 64 -4.31 -4.15 28.07
CA GLN C 64 -5.55 -3.55 27.60
C GLN C 64 -5.68 -2.08 27.94
N LEU C 65 -5.23 -1.67 29.12
CA LEU C 65 -5.27 -0.26 29.47
C LEU C 65 -4.19 0.52 28.74
N ILE C 66 -3.04 -0.11 28.50
CA ILE C 66 -1.95 0.61 27.87
C ILE C 66 -2.24 0.84 26.40
N GLU C 67 -2.97 -0.07 25.75
CA GLU C 67 -3.26 0.08 24.33
C GLU C 67 -4.28 1.17 24.05
N ILE C 68 -5.03 1.61 25.07
CA ILE C 68 -5.90 2.76 24.86
C ILE C 68 -5.13 4.06 25.10
N VAL C 69 -3.93 3.98 25.68
CA VAL C 69 -3.18 5.18 26.02
C VAL C 69 -2.11 5.55 25.00
N TRP C 70 -1.84 4.70 24.00
CA TRP C 70 -1.15 5.21 22.80
C TRP C 70 -2.08 5.31 21.60
N THR C 71 -3.38 5.39 21.82
CA THR C 71 -4.32 5.74 20.76
C THR C 71 -5.17 6.95 21.08
N THR C 72 -5.19 7.40 22.34
CA THR C 72 -5.89 8.62 22.72
C THR C 72 -4.95 9.81 22.93
N LEU C 73 -3.75 9.56 23.45
CA LEU C 73 -2.78 10.63 23.65
C LEU C 73 -2.35 11.27 22.33
N PRO C 74 -1.95 10.50 21.32
CA PRO C 74 -1.59 11.12 20.04
C PRO C 74 -2.71 11.89 19.38
N ALA C 75 -3.97 11.51 19.61
CA ALA C 75 -5.08 12.25 19.01
C ALA C 75 -5.18 13.66 19.58
N VAL C 76 -4.97 13.80 20.89
CA VAL C 76 -5.02 15.10 21.53
C VAL C 76 -3.95 16.03 20.97
N ILE C 77 -2.76 15.48 20.70
CA ILE C 77 -1.69 16.26 20.11
C ILE C 77 -2.10 16.78 18.74
N LEU C 78 -2.73 15.93 17.92
CA LEU C 78 -3.16 16.36 16.60
C LEU C 78 -4.22 17.45 16.69
N LEU C 79 -5.17 17.32 17.61
CA LEU C 79 -6.18 18.38 17.76
C LEU C 79 -5.55 19.70 18.20
N ILE C 80 -4.62 19.64 19.16
CA ILE C 80 -3.96 20.84 19.63
C ILE C 80 -3.19 21.51 18.51
N ILE C 81 -2.50 20.73 17.69
CA ILE C 81 -1.80 21.30 16.54
C ILE C 81 -2.79 21.91 15.55
N ALA C 82 -3.91 21.22 15.31
CA ALA C 82 -4.81 21.61 14.24
C ALA C 82 -5.62 22.85 14.56
N PHE C 83 -5.77 23.21 15.84
CA PHE C 83 -6.47 24.45 16.14
C PHE C 83 -5.77 25.68 15.54
N PRO C 84 -4.52 25.98 15.91
CA PRO C 84 -3.85 27.17 15.34
C PRO C 84 -3.68 27.10 13.83
N SER C 85 -3.49 25.91 13.26
CA SER C 85 -3.35 25.81 11.81
C SER C 85 -4.60 26.28 11.10
N PHE C 86 -5.78 25.86 11.58
CA PHE C 86 -7.02 26.30 10.95
C PHE C 86 -7.25 27.78 11.17
N ILE C 87 -6.93 28.29 12.36
CA ILE C 87 -7.09 29.72 12.61
C ILE C 87 -6.23 30.53 11.65
N LEU C 88 -4.98 30.12 11.46
CA LEU C 88 -4.10 30.83 10.55
C LEU C 88 -4.57 30.69 9.09
N LEU C 89 -5.09 29.52 8.71
CA LEU C 89 -5.53 29.32 7.34
C LEU C 89 -6.69 30.23 7.00
N TYR C 90 -7.68 30.33 7.89
CA TYR C 90 -8.84 31.15 7.57
C TYR C 90 -8.62 32.64 7.82
N LEU C 91 -7.80 33.00 8.80
CA LEU C 91 -7.69 34.41 9.18
C LEU C 91 -6.93 35.23 8.14
N CYS C 92 -5.70 34.84 7.85
CA CYS C 92 -4.78 35.67 7.08
C CYS C 92 -5.11 35.60 5.59
N ASP C 93 -5.61 36.72 5.07
CA ASP C 93 -5.75 36.93 3.63
C ASP C 93 -6.08 38.40 3.40
N GLU C 94 -6.36 38.77 2.15
CA GLU C 94 -6.67 40.15 1.79
C GLU C 94 -8.16 40.44 2.06
N VAL C 95 -8.46 40.62 3.34
CA VAL C 95 -9.83 40.83 3.77
C VAL C 95 -10.38 42.16 3.25
N ILE C 96 -9.58 43.22 3.30
CA ILE C 96 -10.09 44.57 3.06
C ILE C 96 -9.12 45.33 2.16
N SER C 97 -9.66 45.95 1.10
CA SER C 97 -9.05 47.05 0.34
C SER C 97 -7.62 46.79 -0.13
N PRO C 98 -7.43 45.92 -1.12
CA PRO C 98 -6.11 45.87 -1.77
C PRO C 98 -5.78 47.21 -2.41
N ALA C 99 -4.50 47.55 -2.44
CA ALA C 99 -4.07 48.90 -2.76
C ALA C 99 -3.23 49.02 -4.02
N MET C 100 -2.79 47.91 -4.60
CA MET C 100 -2.02 47.96 -5.84
C MET C 100 -2.16 46.62 -6.55
N THR C 101 -1.79 46.62 -7.83
CA THR C 101 -1.83 45.40 -8.64
C THR C 101 -0.61 45.38 -9.54
N ILE C 102 0.13 44.27 -9.51
CA ILE C 102 1.29 44.06 -10.36
C ILE C 102 1.15 42.69 -11.00
N LYS C 103 1.10 42.67 -12.33
CA LYS C 103 1.06 41.41 -13.07
C LYS C 103 2.48 40.95 -13.35
N ALA C 104 2.80 39.73 -12.92
CA ALA C 104 4.12 39.14 -13.11
C ALA C 104 3.96 37.93 -14.03
N ILE C 105 4.20 38.14 -15.32
CA ILE C 105 4.09 37.09 -16.32
C ILE C 105 5.43 36.39 -16.41
N GLY C 106 5.40 35.06 -16.35
CA GLY C 106 6.62 34.30 -16.42
C GLY C 106 6.81 33.63 -17.77
N LEU C 107 7.69 34.19 -18.59
CA LEU C 107 8.04 33.60 -19.87
C LEU C 107 9.01 32.44 -19.65
N GLN C 108 9.66 32.01 -20.72
CA GLN C 108 10.51 30.83 -20.63
C GLN C 108 11.64 31.03 -19.61
N TRP C 109 12.55 31.96 -19.88
CA TRP C 109 13.71 32.12 -19.01
C TRP C 109 13.96 33.57 -18.62
N TYR C 110 12.90 34.35 -18.46
CA TYR C 110 12.99 35.69 -17.88
C TYR C 110 11.61 36.07 -17.37
N TRP C 111 11.50 37.27 -16.80
CA TRP C 111 10.22 37.71 -16.24
C TRP C 111 9.75 38.98 -16.92
N LYS C 112 8.43 39.20 -16.91
CA LYS C 112 7.84 40.42 -17.44
C LYS C 112 6.91 41.00 -16.38
N TYR C 113 7.07 42.29 -16.07
CA TYR C 113 6.25 42.96 -15.07
C TYR C 113 5.43 44.05 -15.71
N GLU C 114 4.16 44.11 -15.35
CA GLU C 114 3.23 45.15 -15.79
C GLU C 114 2.52 45.74 -14.59
N TYR C 115 2.34 47.05 -14.60
CA TYR C 115 1.63 47.76 -13.53
C TYR C 115 0.26 48.14 -14.03
N SER C 116 -0.77 47.48 -13.52
CA SER C 116 -2.13 47.62 -14.03
C SER C 116 -2.71 49.01 -13.79
N ASP C 117 -2.14 49.79 -12.89
CA ASP C 117 -2.57 51.16 -12.70
C ASP C 117 -1.66 52.08 -13.51
N PHE C 118 -1.78 53.39 -13.29
CA PHE C 118 -0.95 54.37 -13.99
C PHE C 118 -1.20 54.36 -15.49
N ILE C 119 -2.46 54.18 -15.88
CA ILE C 119 -2.86 54.05 -17.28
C ILE C 119 -3.23 55.42 -17.83
N ASN C 120 -2.66 55.75 -18.99
CA ASN C 120 -3.10 56.92 -19.73
C ASN C 120 -4.31 56.57 -20.59
N ASP C 121 -4.87 57.59 -21.24
CA ASP C 121 -6.03 57.38 -22.10
C ASP C 121 -5.72 56.56 -23.33
N ASP C 122 -4.45 56.45 -23.72
CA ASP C 122 -4.06 55.75 -24.94
C ASP C 122 -3.47 54.36 -24.69
N GLY C 123 -3.30 53.96 -23.43
CA GLY C 123 -2.66 52.69 -23.13
C GLY C 123 -1.15 52.81 -23.05
N GLU C 124 -0.69 53.71 -22.18
CA GLU C 124 0.74 53.99 -22.06
C GLU C 124 1.38 53.11 -21.00
N ILE C 125 0.63 52.11 -20.51
CA ILE C 125 0.88 51.39 -19.25
C ILE C 125 2.33 50.96 -19.07
N VAL C 126 2.90 51.31 -17.92
CA VAL C 126 4.31 51.06 -17.63
C VAL C 126 4.55 49.56 -17.50
N GLU C 127 5.54 49.06 -18.24
CA GLU C 127 5.89 47.65 -18.18
C GLU C 127 7.38 47.51 -18.46
N PHE C 128 7.97 46.43 -17.95
CA PHE C 128 9.37 46.18 -18.25
C PHE C 128 9.68 44.70 -18.12
N GLU C 129 10.93 44.35 -18.45
CA GLU C 129 11.38 42.97 -18.51
C GLU C 129 12.60 42.79 -17.62
N SER C 130 12.64 41.68 -16.89
CA SER C 130 13.72 41.37 -15.97
C SER C 130 14.48 40.15 -16.45
N TYR C 131 15.79 40.33 -16.63
CA TYR C 131 16.72 39.29 -17.05
C TYR C 131 17.74 39.07 -15.94
N VAL C 132 18.61 38.07 -16.13
CA VAL C 132 19.67 37.81 -15.18
C VAL C 132 20.98 38.36 -15.74
N ILE C 133 21.72 39.06 -14.88
CA ILE C 133 23.00 39.63 -15.31
C ILE C 133 24.05 38.52 -15.32
N PRO C 134 24.70 38.25 -16.45
CA PRO C 134 25.64 37.14 -16.52
C PRO C 134 26.87 37.38 -15.66
N GLU C 135 27.61 36.30 -15.41
CA GLU C 135 28.76 36.37 -14.53
C GLU C 135 29.88 37.22 -15.12
N GLU C 136 30.02 37.23 -16.45
CA GLU C 136 31.13 37.96 -17.06
C GLU C 136 30.95 39.46 -16.96
N LEU C 137 29.70 39.93 -16.88
CA LEU C 137 29.40 41.36 -16.88
C LEU C 137 29.13 41.92 -15.50
N LEU C 138 29.31 41.12 -14.45
CA LEU C 138 29.05 41.60 -13.11
C LEU C 138 30.04 42.69 -12.70
N GLU C 139 29.53 43.69 -12.00
CA GLU C 139 30.37 44.71 -11.41
C GLU C 139 30.83 44.24 -10.04
N ASP C 140 31.73 45.02 -9.43
CA ASP C 140 32.33 44.63 -8.16
C ASP C 140 31.29 44.69 -7.06
N GLY C 141 30.96 43.54 -6.48
CA GLY C 141 30.10 43.47 -5.31
C GLY C 141 28.71 42.92 -5.54
N GLN C 142 28.39 42.49 -6.76
CA GLN C 142 27.05 41.99 -7.02
C GLN C 142 26.98 40.48 -6.81
N LEU C 143 25.77 40.00 -6.55
CA LEU C 143 25.55 38.61 -6.20
C LEU C 143 25.41 37.77 -7.47
N ARG C 144 25.93 36.55 -7.42
CA ARG C 144 25.91 35.66 -8.59
C ARG C 144 24.64 34.84 -8.61
N LEU C 145 24.00 34.79 -9.78
CA LEU C 145 22.74 34.11 -10.03
C LEU C 145 21.58 34.65 -9.21
N LEU C 146 21.68 35.87 -8.68
CA LEU C 146 20.57 36.50 -8.00
C LEU C 146 20.40 37.98 -8.32
N ASP C 147 21.22 38.55 -9.20
CA ASP C 147 21.17 39.96 -9.49
C ASP C 147 20.58 40.19 -10.88
N VAL C 148 19.69 41.17 -10.99
CA VAL C 148 18.99 41.45 -12.23
C VAL C 148 19.39 42.84 -12.73
N ASP C 149 18.92 43.18 -13.93
CA ASP C 149 19.16 44.51 -14.47
C ASP C 149 17.98 45.45 -14.24
N ALA C 150 16.77 44.90 -14.18
CA ALA C 150 15.58 45.66 -13.80
C ALA C 150 14.90 44.94 -12.64
N SER C 151 14.53 45.71 -11.62
CA SER C 151 14.02 45.14 -10.37
C SER C 151 12.72 45.82 -9.98
N VAL C 152 11.84 45.07 -9.33
CA VAL C 152 10.55 45.64 -8.95
C VAL C 152 10.74 46.60 -7.80
N VAL C 153 10.03 47.73 -7.84
CA VAL C 153 10.11 48.76 -6.81
C VAL C 153 8.72 48.99 -6.26
N VAL C 154 8.59 48.92 -4.94
CA VAL C 154 7.30 49.08 -4.28
C VAL C 154 7.44 49.97 -3.05
N PRO C 155 6.38 50.66 -2.65
CA PRO C 155 6.44 51.45 -1.42
C PRO C 155 6.32 50.58 -0.18
N VAL C 156 6.68 51.19 0.95
CA VAL C 156 6.52 50.54 2.25
C VAL C 156 5.15 50.88 2.80
N ASP C 157 4.58 49.95 3.57
CA ASP C 157 3.28 50.13 4.19
C ASP C 157 2.17 50.34 3.16
N THR C 158 2.18 49.52 2.11
CA THR C 158 1.12 49.55 1.10
C THR C 158 0.86 48.12 0.65
N HIS C 159 -0.41 47.72 0.67
CA HIS C 159 -0.77 46.37 0.26
C HIS C 159 -0.50 46.19 -1.23
N ILE C 160 0.21 45.13 -1.58
CA ILE C 160 0.55 44.83 -2.97
C ILE C 160 -0.07 43.49 -3.33
N ARG C 161 -0.85 43.46 -4.40
CA ARG C 161 -1.51 42.24 -4.85
C ARG C 161 -0.87 41.76 -6.14
N PHE C 162 -0.30 40.57 -6.11
CA PHE C 162 0.37 39.98 -7.25
C PHE C 162 -0.58 39.06 -7.98
N ILE C 163 -0.71 39.27 -9.29
CA ILE C 163 -1.44 38.38 -10.19
C ILE C 163 -0.41 37.69 -11.07
N VAL C 164 -0.37 36.36 -11.01
CA VAL C 164 0.69 35.56 -11.62
C VAL C 164 0.06 34.66 -12.66
N SER C 165 0.68 34.64 -13.85
CA SER C 165 0.33 33.73 -14.93
C SER C 165 1.60 33.26 -15.63
N SER C 166 1.45 32.54 -16.75
CA SER C 166 2.60 32.07 -17.51
C SER C 166 2.22 31.99 -18.97
N ALA C 167 3.24 31.93 -19.84
CA ALA C 167 3.02 31.86 -21.27
C ALA C 167 3.54 30.59 -21.93
N ASP C 168 4.56 29.95 -21.35
CA ASP C 168 5.12 28.74 -21.95
C ASP C 168 4.96 27.51 -21.07
N VAL C 169 5.44 27.55 -19.84
CA VAL C 169 5.43 26.38 -18.97
C VAL C 169 5.10 26.79 -17.53
N ILE C 170 5.11 25.83 -16.62
CA ILE C 170 4.67 26.06 -15.25
C ILE C 170 5.83 26.58 -14.41
N HIS C 171 5.69 27.79 -13.90
CA HIS C 171 6.71 28.48 -13.12
C HIS C 171 6.26 28.62 -11.67
N ASP C 172 7.06 29.33 -10.87
CA ASP C 172 6.75 29.51 -9.46
C ASP C 172 7.32 30.85 -9.01
N PHE C 173 6.44 31.73 -8.54
CA PHE C 173 6.86 33.02 -8.02
C PHE C 173 7.17 32.89 -6.53
N CYS C 174 8.43 33.08 -6.14
CA CYS C 174 8.84 32.80 -4.78
C CYS C 174 9.79 33.89 -4.28
N VAL C 175 9.38 34.60 -3.24
CA VAL C 175 10.26 35.47 -2.47
C VAL C 175 10.19 35.01 -1.02
N PRO C 176 11.19 34.24 -0.53
CA PRO C 176 11.09 33.62 0.80
C PRO C 176 10.73 34.55 1.95
N ALA C 177 11.41 35.69 2.05
CA ALA C 177 11.22 36.58 3.20
C ALA C 177 9.80 37.12 3.27
N LEU C 178 9.20 37.38 2.11
CA LEU C 178 7.84 37.92 2.04
C LEU C 178 6.76 36.85 2.15
N GLY C 179 7.13 35.58 2.09
CA GLY C 179 6.14 34.52 2.16
C GLY C 179 5.22 34.44 0.96
N VAL C 180 5.77 34.54 -0.25
CA VAL C 180 4.99 34.49 -1.48
C VAL C 180 5.46 33.31 -2.30
N LYS C 181 4.56 32.35 -2.57
CA LYS C 181 4.88 31.20 -3.42
C LYS C 181 3.59 30.71 -4.08
N VAL C 182 3.38 31.12 -5.33
CA VAL C 182 2.30 30.59 -6.14
C VAL C 182 2.83 30.16 -7.50
N ASP C 183 2.10 29.26 -8.15
CA ASP C 183 2.48 28.72 -9.44
C ASP C 183 1.99 29.65 -10.55
N ALA C 184 2.45 29.37 -11.77
CA ALA C 184 2.07 30.14 -12.96
C ALA C 184 1.75 29.12 -14.06
N SER C 185 0.49 28.73 -14.14
CA SER C 185 0.06 27.78 -15.15
C SER C 185 -0.36 28.51 -16.42
N PRO C 186 -0.41 27.82 -17.55
CA PRO C 186 -0.62 28.49 -18.83
C PRO C 186 -2.05 28.97 -19.09
N GLY C 187 -3.01 28.62 -18.26
CA GLY C 187 -4.39 28.95 -18.56
C GLY C 187 -5.23 29.45 -17.40
N ARG C 188 -4.60 30.05 -16.40
CA ARG C 188 -5.33 30.58 -15.25
C ARG C 188 -4.55 31.71 -14.62
N LEU C 189 -5.25 32.49 -13.80
CA LEU C 189 -4.66 33.61 -13.08
C LEU C 189 -4.67 33.31 -11.59
N ASN C 190 -3.49 33.34 -10.96
CA ASN C 190 -3.39 33.14 -9.53
C ASN C 190 -3.08 34.48 -8.87
N GLN C 191 -3.38 34.61 -7.59
CA GLN C 191 -3.20 35.88 -6.92
C GLN C 191 -2.81 35.71 -5.46
N THR C 192 -1.96 36.61 -4.98
CA THR C 192 -1.61 36.71 -3.56
C THR C 192 -1.41 38.16 -3.17
N SER C 193 -1.12 38.37 -1.89
CA SER C 193 -0.96 39.70 -1.33
C SER C 193 0.26 39.74 -0.43
N ALA C 194 0.87 40.92 -0.32
CA ALA C 194 2.02 41.12 0.54
C ALA C 194 2.05 42.54 1.07
N LEU C 195 2.51 42.68 2.31
CA LEU C 195 2.74 43.98 2.94
C LEU C 195 4.15 43.99 3.51
N ILE C 196 4.90 45.05 3.21
CA ILE C 196 6.30 45.16 3.59
C ILE C 196 6.42 46.23 4.67
N GLN C 197 7.06 45.88 5.78
CA GLN C 197 7.15 46.76 6.93
C GLN C 197 8.44 47.56 7.00
N ARG C 198 9.51 47.12 6.33
CA ARG C 198 10.78 47.79 6.40
C ARG C 198 11.42 47.88 5.02
N GLU C 199 12.29 48.86 4.85
CA GLU C 199 12.98 49.07 3.59
C GLU C 199 14.16 48.12 3.44
N GLY C 200 14.44 47.73 2.20
CA GLY C 200 15.57 46.88 1.93
C GLY C 200 15.46 46.23 0.56
N VAL C 201 16.29 45.21 0.36
CA VAL C 201 16.33 44.45 -0.89
C VAL C 201 16.02 43.00 -0.58
N TYR C 202 15.09 42.41 -1.33
CA TYR C 202 14.54 41.09 -1.05
C TYR C 202 14.70 40.24 -2.29
N TYR C 203 15.37 39.09 -2.15
CA TYR C 203 15.74 38.24 -3.26
C TYR C 203 14.94 36.95 -3.27
N GLY C 204 14.80 36.38 -4.46
CA GLY C 204 14.07 35.14 -4.59
C GLY C 204 14.41 34.41 -5.87
N GLN C 205 13.96 33.17 -5.96
CA GLN C 205 14.29 32.29 -7.07
C GLN C 205 13.06 31.50 -7.48
N CYS C 206 13.11 30.94 -8.70
CA CYS C 206 12.01 30.09 -9.16
C CYS C 206 12.09 28.72 -8.51
N SER C 207 10.95 28.02 -8.52
CA SER C 207 10.86 26.71 -7.89
C SER C 207 10.53 25.59 -8.87
N GLU C 208 9.47 25.74 -9.68
CA GLU C 208 9.04 24.66 -10.55
C GLU C 208 9.92 24.57 -11.78
N LEU C 209 10.13 23.34 -12.24
CA LEU C 209 11.06 23.10 -13.35
C LEU C 209 10.46 23.58 -14.67
N CYS C 210 11.29 24.19 -15.51
CA CYS C 210 10.85 24.71 -16.79
C CYS C 210 11.78 24.38 -17.95
N GLY C 211 12.92 23.75 -17.70
CA GLY C 211 13.79 23.39 -18.80
C GLY C 211 15.27 23.58 -18.53
N VAL C 212 15.99 24.01 -19.55
CA VAL C 212 17.45 24.08 -19.50
C VAL C 212 17.91 25.08 -18.45
N MET C 213 17.54 26.34 -18.62
CA MET C 213 17.96 27.41 -17.70
C MET C 213 16.85 27.68 -16.69
N HIS C 214 16.76 26.78 -15.72
CA HIS C 214 15.88 26.92 -14.56
C HIS C 214 16.56 27.65 -13.41
N SER C 215 17.90 27.65 -13.38
CA SER C 215 18.65 28.25 -12.28
C SER C 215 19.02 29.70 -12.52
N ALA C 216 18.72 30.26 -13.69
CA ALA C 216 18.98 31.67 -13.97
C ALA C 216 17.64 32.36 -14.23
N MET C 217 16.96 32.73 -13.16
CA MET C 217 15.66 33.40 -13.20
C MET C 217 15.36 34.04 -11.85
N PRO C 218 16.11 35.04 -11.41
CA PRO C 218 15.91 35.58 -10.07
C PRO C 218 14.74 36.54 -10.02
N ILE C 219 14.39 36.94 -8.79
CA ILE C 219 13.40 37.97 -8.52
C ILE C 219 13.99 38.92 -7.50
N LYS C 220 13.88 40.22 -7.75
CA LYS C 220 14.45 41.22 -6.87
C LYS C 220 13.42 42.31 -6.59
N ILE C 221 13.14 42.52 -5.30
CA ILE C 221 12.10 43.44 -4.87
C ILE C 221 12.75 44.46 -3.95
N GLU C 222 12.58 45.74 -4.27
CA GLU C 222 13.01 46.81 -3.39
C GLU C 222 11.80 47.51 -2.80
N ALA C 223 11.93 47.93 -1.55
CA ALA C 223 10.86 48.60 -0.82
C ALA C 223 11.35 50.02 -0.50
N VAL C 224 11.15 50.93 -1.46
CA VAL C 224 11.54 52.32 -1.30
C VAL C 224 10.44 53.07 -0.56
N SER C 225 10.74 54.27 -0.09
CA SER C 225 9.74 55.12 0.51
C SER C 225 8.81 55.66 -0.58
N LEU C 226 7.78 56.39 -0.18
CA LEU C 226 6.80 56.89 -1.14
C LEU C 226 7.36 57.99 -2.03
N TYR C 227 8.22 58.84 -1.49
CA TYR C 227 8.82 59.91 -2.30
C TYR C 227 9.70 59.32 -3.41
N GLU C 228 10.51 58.33 -3.07
CA GLU C 228 11.35 57.68 -4.07
C GLU C 228 10.52 56.90 -5.09
N PHE C 229 9.44 56.29 -4.64
CA PHE C 229 8.56 55.60 -5.59
C PHE C 229 7.94 56.58 -6.56
N ILE C 230 7.50 57.74 -6.07
CA ILE C 230 6.88 58.73 -6.94
C ILE C 230 7.91 59.28 -7.93
N ASN C 231 9.17 59.42 -7.49
CA ASN C 231 10.20 59.87 -8.43
C ASN C 231 10.53 58.80 -9.47
N TRP C 232 10.62 57.54 -9.04
CA TRP C 232 10.97 56.47 -9.96
C TRP C 232 9.88 56.22 -11.00
N LEU C 233 8.61 56.25 -10.58
CA LEU C 233 7.50 56.02 -11.50
C LEU C 233 7.38 57.12 -12.54
N ASP C 234 7.93 58.30 -12.28
CA ASP C 234 7.92 59.42 -13.23
C ASP C 234 9.17 59.46 -14.07
N GLU C 235 9.93 58.37 -14.12
CA GLU C 235 11.12 58.27 -14.96
C GLU C 235 10.99 57.17 -16.00
N GLN C 236 10.46 56.01 -15.62
CA GLN C 236 10.29 54.90 -16.55
C GLN C 236 9.29 55.25 -17.64
N MET D 1 -7.03 -40.41 3.98
CA MET D 1 -5.80 -40.73 3.28
C MET D 1 -5.36 -42.16 3.57
N ARG D 2 -6.32 -43.01 3.92
CA ARG D 2 -6.05 -44.42 4.19
C ARG D 2 -6.66 -45.34 3.13
N ILE D 3 -7.04 -44.80 1.97
CA ILE D 3 -7.39 -45.64 0.84
C ILE D 3 -6.19 -46.51 0.49
N GLN D 4 -6.45 -47.65 -0.14
CA GLN D 4 -5.44 -48.69 -0.30
C GLN D 4 -4.23 -48.22 -1.07
N ASN D 5 -4.40 -47.85 -2.35
CA ASN D 5 -3.30 -47.34 -3.17
C ASN D 5 -3.52 -45.85 -3.42
N ARG D 6 -3.05 -45.03 -2.48
CA ARG D 6 -3.12 -43.58 -2.63
C ARG D 6 -1.77 -42.94 -2.92
N GLU D 7 -0.67 -43.69 -2.83
CA GLU D 7 0.62 -43.12 -3.14
C GLU D 7 0.89 -43.05 -4.64
N ASN D 8 0.10 -43.76 -5.44
CA ASN D 8 0.26 -43.74 -6.89
C ASN D 8 -0.40 -42.52 -7.54
N LEU D 9 -1.12 -41.71 -6.77
CA LEU D 9 -1.75 -40.51 -7.29
C LEU D 9 -1.36 -39.33 -6.41
N GLN D 10 -1.44 -38.13 -6.97
CA GLN D 10 -1.00 -36.92 -6.30
C GLN D 10 -1.79 -36.70 -5.01
N LEU D 11 -1.15 -36.15 -3.99
CA LEU D 11 -1.70 -36.10 -2.64
C LEU D 11 -2.32 -34.74 -2.31
N PHE D 12 -2.48 -33.85 -3.28
CA PHE D 12 -3.07 -32.55 -3.04
C PHE D 12 -3.65 -32.01 -4.33
N PRO D 13 -4.78 -31.31 -4.27
CA PRO D 13 -5.49 -30.95 -5.50
C PRO D 13 -5.06 -29.62 -6.10
N PHE D 14 -3.86 -29.57 -6.66
CA PHE D 14 -3.36 -28.36 -7.29
C PHE D 14 -2.55 -28.75 -8.51
N HIS D 15 -2.33 -27.77 -9.38
CA HIS D 15 -1.69 -27.99 -10.68
C HIS D 15 -0.20 -27.69 -10.59
N LEU D 16 0.62 -28.64 -11.04
CA LEU D 16 2.06 -28.43 -11.20
C LEU D 16 2.33 -28.30 -12.69
N VAL D 17 2.36 -27.05 -13.16
CA VAL D 17 2.42 -26.80 -14.60
C VAL D 17 3.77 -27.21 -15.15
N THR D 18 3.75 -27.78 -16.35
CA THR D 18 5.00 -28.12 -17.03
C THR D 18 5.65 -26.88 -17.61
N ASN D 19 6.93 -27.00 -17.94
CA ASN D 19 7.70 -25.88 -18.44
C ASN D 19 7.19 -25.44 -19.81
N SER D 20 6.99 -24.13 -19.97
CA SER D 20 6.51 -23.58 -21.23
C SER D 20 7.38 -22.41 -21.68
N PRO D 21 7.50 -22.20 -22.98
CA PRO D 21 8.36 -21.12 -23.50
C PRO D 21 7.64 -19.82 -23.85
N TRP D 22 6.34 -19.73 -23.62
CA TRP D 22 5.52 -18.62 -24.08
C TRP D 22 5.71 -17.31 -23.31
N PRO D 23 5.92 -17.33 -21.97
CA PRO D 23 6.17 -16.08 -21.25
C PRO D 23 7.32 -15.26 -21.78
N LEU D 24 8.41 -15.92 -22.17
CA LEU D 24 9.55 -15.20 -22.74
C LEU D 24 9.22 -14.64 -24.11
N THR D 25 8.48 -15.40 -24.92
CA THR D 25 8.19 -14.96 -26.28
C THR D 25 7.24 -13.76 -26.29
N THR D 26 6.24 -13.76 -25.41
CA THR D 26 5.36 -12.59 -25.34
C THR D 26 6.14 -11.34 -24.92
N SER D 27 7.08 -11.50 -23.99
CA SER D 27 7.90 -10.37 -23.57
C SER D 27 8.77 -9.86 -24.71
N LEU D 28 9.39 -10.77 -25.47
CA LEU D 28 10.17 -10.36 -26.62
C LEU D 28 9.32 -9.71 -27.70
N ALA D 29 8.04 -10.10 -27.83
CA ALA D 29 7.17 -9.43 -28.79
C ALA D 29 6.78 -8.04 -28.33
N LEU D 30 6.48 -7.88 -27.04
CA LEU D 30 6.18 -6.56 -26.50
C LEU D 30 7.36 -5.61 -26.57
N MET D 31 8.59 -6.11 -26.39
CA MET D 31 9.75 -5.23 -26.54
C MET D 31 9.85 -4.68 -27.96
N SER D 32 9.69 -5.55 -28.95
CA SER D 32 9.74 -5.11 -30.34
C SER D 32 8.61 -4.13 -30.65
N LEU D 33 7.40 -4.41 -30.16
CA LEU D 33 6.30 -3.48 -30.39
C LEU D 33 6.57 -2.12 -29.78
N ALA D 34 7.06 -2.09 -28.53
CA ALA D 34 7.30 -0.82 -27.86
C ALA D 34 8.36 -0.01 -28.59
N LEU D 35 9.51 -0.62 -28.89
CA LEU D 35 10.57 0.13 -29.55
C LEU D 35 10.18 0.56 -30.95
N THR D 36 9.55 -0.32 -31.74
CA THR D 36 9.17 0.05 -33.09
C THR D 36 8.09 1.11 -33.12
N LEU D 37 7.12 1.10 -32.20
CA LEU D 37 6.13 2.16 -32.18
C LEU D 37 6.72 3.47 -31.68
N GLY D 38 7.64 3.41 -30.72
CA GLY D 38 8.27 4.62 -30.25
C GLY D 38 9.19 5.25 -31.26
N LEU D 39 9.74 4.46 -32.18
CA LEU D 39 10.57 5.01 -33.25
C LEU D 39 9.77 5.44 -34.46
N THR D 40 8.80 4.63 -34.91
CA THR D 40 8.11 4.89 -36.17
C THR D 40 7.36 6.21 -36.18
N MET D 41 6.96 6.73 -35.03
CA MET D 41 6.25 7.99 -34.95
C MET D 41 7.16 9.20 -35.13
N HIS D 42 8.47 9.00 -35.19
CA HIS D 42 9.41 10.12 -35.32
C HIS D 42 10.45 9.86 -36.39
N GLY D 43 10.09 9.14 -37.45
CA GLY D 43 11.06 8.74 -38.45
C GLY D 43 11.81 7.48 -38.03
N TYR D 44 13.00 7.27 -38.59
CA TYR D 44 13.91 6.20 -38.23
C TYR D 44 13.45 4.82 -38.73
N ILE D 45 12.23 4.72 -39.24
CA ILE D 45 11.74 3.46 -39.78
C ILE D 45 11.38 3.62 -41.25
N GLY D 46 10.40 4.47 -41.54
CA GLY D 46 9.92 4.64 -42.89
C GLY D 46 8.75 3.74 -43.24
N ASN D 47 9.00 2.43 -43.32
CA ASN D 47 7.95 1.49 -43.71
C ASN D 47 7.17 1.02 -42.49
N HIS D 48 5.85 0.92 -42.65
CA HIS D 48 4.96 0.54 -41.56
C HIS D 48 4.58 -0.94 -41.57
N LEU D 49 5.45 -1.80 -42.06
CA LEU D 49 5.18 -3.24 -42.06
C LEU D 49 5.84 -3.96 -40.89
N TRP D 50 6.48 -3.23 -39.98
CA TRP D 50 7.11 -3.87 -38.84
C TRP D 50 6.20 -3.88 -37.63
N LEU D 51 5.50 -2.76 -37.39
CA LEU D 51 4.55 -2.68 -36.29
C LEU D 51 3.45 -3.73 -36.42
N PHE D 52 3.06 -4.02 -37.66
CA PHE D 52 2.03 -5.03 -37.88
C PHE D 52 2.55 -6.43 -37.52
N LEU D 53 3.81 -6.73 -37.83
CA LEU D 53 4.41 -7.98 -37.37
C LEU D 53 4.42 -8.05 -35.85
N ALA D 54 4.77 -6.95 -35.19
CA ALA D 54 4.79 -6.96 -33.72
C ALA D 54 3.40 -7.27 -33.16
N ILE D 55 2.37 -6.59 -33.65
CA ILE D 55 1.02 -6.83 -33.14
C ILE D 55 0.58 -8.26 -33.42
N SER D 56 0.81 -8.75 -34.65
CA SER D 56 0.38 -10.10 -35.00
C SER D 56 1.07 -11.13 -34.13
N LEU D 57 2.36 -10.94 -33.86
CA LEU D 57 3.07 -11.86 -32.98
C LEU D 57 2.54 -11.82 -31.55
N VAL D 58 2.17 -10.64 -31.04
CA VAL D 58 1.63 -10.58 -29.67
C VAL D 58 0.33 -11.38 -29.58
N LEU D 59 -0.59 -11.15 -30.54
CA LEU D 59 -1.84 -11.91 -30.51
C LEU D 59 -1.61 -13.40 -30.71
N SER D 60 -0.67 -13.78 -31.58
CA SER D 60 -0.38 -15.20 -31.76
C SER D 60 0.16 -15.82 -30.50
N SER D 61 1.00 -15.09 -29.76
CA SER D 61 1.50 -15.61 -28.49
C SER D 61 0.37 -15.83 -27.49
N ILE D 62 -0.57 -14.89 -27.41
CA ILE D 62 -1.70 -15.10 -26.50
C ILE D 62 -2.51 -16.33 -26.89
N PHE D 63 -2.76 -16.51 -28.20
CA PHE D 63 -3.50 -17.68 -28.65
C PHE D 63 -2.76 -18.97 -28.31
N LEU D 64 -1.44 -18.96 -28.42
CA LEU D 64 -0.65 -20.15 -28.10
C LEU D 64 -0.59 -20.42 -26.60
N TRP D 65 -0.69 -19.39 -25.75
CA TRP D 65 -0.95 -19.67 -24.35
C TRP D 65 -2.27 -20.42 -24.18
N VAL D 66 -3.34 -19.90 -24.80
CA VAL D 66 -4.65 -20.48 -24.56
C VAL D 66 -4.76 -21.91 -25.08
N ARG D 67 -4.00 -22.25 -26.13
CA ARG D 67 -3.96 -23.66 -26.56
C ARG D 67 -3.50 -24.58 -25.43
N ASP D 68 -2.36 -24.27 -24.83
CA ASP D 68 -1.88 -25.12 -23.74
C ASP D 68 -2.76 -25.02 -22.52
N VAL D 69 -3.52 -23.95 -22.36
CA VAL D 69 -4.48 -23.88 -21.25
C VAL D 69 -5.70 -24.74 -21.51
N VAL D 70 -6.04 -25.02 -22.77
CA VAL D 70 -7.19 -25.87 -23.08
C VAL D 70 -6.83 -27.34 -23.25
N ILE D 71 -5.57 -27.65 -23.56
CA ILE D 71 -5.14 -29.05 -23.62
C ILE D 71 -4.87 -29.64 -22.25
N GLU D 72 -4.74 -28.80 -21.22
CA GLU D 72 -4.52 -29.27 -19.87
C GLU D 72 -5.80 -29.44 -19.08
N GLY D 73 -6.95 -29.11 -19.66
CA GLY D 73 -8.20 -29.17 -18.93
C GLY D 73 -9.23 -30.13 -19.49
N THR D 74 -9.17 -30.37 -20.80
CA THR D 74 -10.12 -31.25 -21.45
C THR D 74 -9.52 -32.58 -21.93
N TYR D 75 -8.18 -32.66 -22.02
CA TYR D 75 -7.56 -33.91 -22.44
C TYR D 75 -6.74 -34.53 -21.33
N LEU D 76 -5.77 -33.79 -20.78
CA LEU D 76 -4.96 -34.32 -19.69
C LEU D 76 -5.80 -34.49 -18.44
N GLY D 77 -6.62 -33.51 -18.11
CA GLY D 77 -7.58 -33.64 -17.03
C GLY D 77 -7.07 -33.21 -15.67
N ASP D 78 -6.49 -32.01 -15.59
CA ASP D 78 -6.05 -31.45 -14.31
C ASP D 78 -6.79 -30.13 -14.08
N HIS D 79 -8.03 -30.23 -13.61
CA HIS D 79 -8.77 -29.09 -13.11
C HIS D 79 -9.73 -29.64 -12.04
N THR D 80 -9.25 -29.63 -10.80
CA THR D 80 -10.03 -30.13 -9.68
C THR D 80 -11.00 -29.04 -9.23
N ILE D 81 -11.61 -29.21 -8.06
CA ILE D 81 -12.58 -28.22 -7.62
C ILE D 81 -11.87 -27.00 -7.03
N ALA D 82 -10.57 -27.09 -6.81
CA ALA D 82 -9.82 -25.93 -6.31
C ALA D 82 -9.34 -25.03 -7.43
N VAL D 83 -8.75 -25.60 -8.48
CA VAL D 83 -8.18 -24.79 -9.55
C VAL D 83 -9.25 -23.99 -10.28
N ARG D 84 -10.45 -24.52 -10.44
CA ARG D 84 -11.54 -23.78 -11.05
C ARG D 84 -11.93 -22.55 -10.24
N LYS D 85 -12.01 -22.69 -8.91
CA LYS D 85 -12.24 -21.55 -8.05
C LYS D 85 -11.13 -20.52 -8.14
N GLY D 86 -9.88 -20.96 -8.22
CA GLY D 86 -8.79 -20.02 -8.42
C GLY D 86 -8.90 -19.25 -9.72
N LEU D 87 -9.25 -19.95 -10.80
CA LEU D 87 -9.42 -19.28 -12.09
C LEU D 87 -10.55 -18.26 -12.03
N ASN D 88 -11.65 -18.59 -11.35
CA ASN D 88 -12.75 -17.64 -11.23
C ASN D 88 -12.34 -16.39 -10.47
N ILE D 89 -11.62 -16.57 -9.35
CA ILE D 89 -11.15 -15.42 -8.59
C ILE D 89 -10.22 -14.56 -9.44
N GLY D 90 -9.34 -15.20 -10.21
CA GLY D 90 -8.45 -14.47 -11.08
C GLY D 90 -9.18 -13.64 -12.12
N PHE D 91 -10.17 -14.23 -12.78
CA PHE D 91 -10.91 -13.48 -13.78
C PHE D 91 -11.65 -12.31 -13.15
N MET D 92 -12.20 -12.51 -11.96
CA MET D 92 -12.82 -11.38 -11.27
C MET D 92 -11.83 -10.26 -11.00
N LEU D 93 -10.63 -10.59 -10.52
CA LEU D 93 -9.64 -9.57 -10.21
C LEU D 93 -9.06 -8.90 -11.44
N PHE D 94 -9.15 -9.53 -12.62
CA PHE D 94 -8.79 -8.83 -13.85
C PHE D 94 -9.91 -7.93 -14.36
N VAL D 95 -11.17 -8.38 -14.26
CA VAL D 95 -12.29 -7.57 -14.71
C VAL D 95 -12.38 -6.30 -13.86
N LEU D 96 -12.10 -6.44 -12.55
CA LEU D 96 -12.14 -5.28 -11.66
C LEU D 96 -11.11 -4.23 -12.08
N SER D 97 -9.90 -4.65 -12.43
CA SER D 97 -8.90 -3.71 -12.91
C SER D 97 -9.30 -3.12 -14.26
N GLU D 98 -9.95 -3.91 -15.10
CA GLU D 98 -10.44 -3.39 -16.38
C GLU D 98 -11.56 -2.38 -16.23
N ILE D 99 -12.27 -2.37 -15.10
CA ILE D 99 -13.34 -1.40 -14.87
C ILE D 99 -12.78 -0.07 -14.38
N LEU D 100 -11.59 -0.04 -13.80
CA LEU D 100 -11.05 1.18 -13.22
C LEU D 100 -10.24 2.02 -14.20
N ILE D 101 -10.01 1.54 -15.42
CA ILE D 101 -9.52 2.40 -16.49
C ILE D 101 -10.62 3.27 -17.06
N PHE D 102 -11.88 2.88 -16.86
CA PHE D 102 -13.02 3.69 -17.30
C PHE D 102 -13.39 4.77 -16.30
N ALA D 103 -13.19 4.52 -15.00
CA ALA D 103 -13.48 5.55 -14.00
C ALA D 103 -12.58 6.76 -14.20
N ALA D 104 -11.32 6.53 -14.56
CA ALA D 104 -10.41 7.64 -14.82
C ALA D 104 -10.88 8.48 -16.00
N LEU D 105 -11.34 7.83 -17.06
CA LEU D 105 -11.84 8.57 -18.22
C LEU D 105 -13.13 9.31 -17.90
N PHE D 106 -14.00 8.72 -17.08
CA PHE D 106 -15.20 9.44 -16.65
C PHE D 106 -14.84 10.65 -15.82
N TRP D 107 -13.85 10.54 -14.94
CA TRP D 107 -13.39 11.66 -14.12
C TRP D 107 -12.68 12.71 -14.94
N SER D 108 -12.08 12.34 -16.08
CA SER D 108 -11.54 13.31 -17.00
C SER D 108 -12.62 13.96 -17.85
N TYR D 109 -13.86 13.51 -17.76
CA TYR D 109 -14.96 14.17 -18.45
C TYR D 109 -15.76 15.06 -17.53
N PHE D 110 -15.84 14.72 -16.24
CA PHE D 110 -16.52 15.56 -15.26
C PHE D 110 -15.64 16.69 -14.74
N HIS D 111 -14.32 16.60 -14.90
CA HIS D 111 -13.41 17.66 -14.52
C HIS D 111 -13.34 18.77 -15.56
N SER D 112 -13.82 18.50 -16.77
CA SER D 112 -13.93 19.51 -17.81
C SER D 112 -15.36 19.86 -18.15
N ALA D 113 -16.32 18.97 -17.83
CA ALA D 113 -17.72 19.27 -18.07
C ALA D 113 -18.20 20.41 -17.19
N MET D 114 -17.90 20.33 -15.90
CA MET D 114 -18.37 21.32 -14.92
C MET D 114 -17.25 22.31 -14.60
N GLY D 115 -17.26 23.42 -15.33
CA GLY D 115 -16.22 24.42 -15.18
C GLY D 115 -15.37 24.65 -16.42
N PRO D 116 -15.97 24.66 -17.61
CA PRO D 116 -15.16 24.69 -18.84
C PRO D 116 -14.33 25.97 -18.93
N THR D 117 -13.17 25.86 -19.56
CA THR D 117 -12.17 26.92 -19.56
C THR D 117 -12.66 28.14 -20.34
N ILE D 118 -11.90 29.23 -20.21
CA ILE D 118 -12.27 30.50 -20.83
C ILE D 118 -12.14 30.42 -22.35
N GLU D 119 -11.12 29.68 -22.82
CA GLU D 119 -10.78 29.63 -24.25
C GLU D 119 -11.96 29.19 -25.09
N ILE D 120 -12.51 28.01 -24.81
CA ILE D 120 -13.83 27.65 -25.33
C ILE D 120 -14.84 28.55 -24.65
N GLY D 121 -15.74 29.16 -25.42
CA GLY D 121 -16.85 29.90 -24.86
C GLY D 121 -17.63 29.02 -23.90
N CYS D 122 -17.93 29.51 -22.70
CA CYS D 122 -18.38 28.63 -21.64
C CYS D 122 -19.71 27.99 -21.99
N GLN D 123 -19.64 26.75 -22.45
CA GLN D 123 -20.75 25.95 -22.95
C GLN D 123 -20.22 24.57 -23.25
N TRP D 124 -20.92 23.51 -22.89
CA TRP D 124 -20.58 22.20 -23.41
C TRP D 124 -21.30 22.02 -24.73
N PRO D 125 -21.22 20.83 -25.34
CA PRO D 125 -20.51 20.68 -26.61
C PRO D 125 -20.49 21.99 -27.39
N PRO D 126 -19.30 22.52 -27.64
CA PRO D 126 -19.16 23.95 -27.93
C PRO D 126 -19.71 24.34 -29.29
N VAL D 127 -19.67 25.65 -29.55
CA VAL D 127 -20.13 26.18 -30.83
C VAL D 127 -19.29 25.58 -31.96
N GLY D 128 -19.94 25.28 -33.07
CA GLY D 128 -19.28 24.68 -34.21
C GLY D 128 -19.10 23.19 -34.16
N ILE D 129 -19.57 22.54 -33.09
CA ILE D 129 -19.45 21.08 -32.93
C ILE D 129 -20.86 20.55 -32.68
N THR D 130 -21.45 19.91 -33.68
CA THR D 130 -22.76 19.29 -33.53
C THR D 130 -22.57 17.88 -32.97
N SER D 131 -23.26 17.59 -31.87
CA SER D 131 -23.11 16.30 -31.20
C SER D 131 -23.83 15.22 -32.01
N ILE D 132 -23.90 14.02 -31.45
CA ILE D 132 -24.54 12.88 -32.10
C ILE D 132 -25.92 12.73 -31.47
N LYS D 133 -26.95 12.71 -32.30
CA LYS D 133 -28.32 12.70 -31.81
C LYS D 133 -28.59 11.40 -31.05
N PRO D 134 -29.16 11.47 -29.84
CA PRO D 134 -29.36 10.26 -29.04
C PRO D 134 -30.68 9.55 -29.33
N THR D 135 -31.38 9.95 -30.40
CA THR D 135 -32.59 9.27 -30.83
C THR D 135 -32.39 8.63 -32.21
N GLU D 136 -31.14 8.27 -32.51
CA GLU D 136 -30.75 7.73 -33.81
C GLU D 136 -30.00 6.43 -33.52
N LEU D 137 -29.22 5.93 -34.48
CA LEU D 137 -28.43 4.71 -34.43
C LEU D 137 -27.78 4.42 -33.07
N PRO D 138 -27.36 5.43 -32.30
CA PRO D 138 -26.88 5.17 -30.93
C PRO D 138 -27.91 4.59 -29.95
N LEU D 139 -29.14 4.32 -30.38
CA LEU D 139 -30.13 3.63 -29.57
C LEU D 139 -30.38 2.20 -30.03
N LEU D 140 -30.28 1.95 -31.33
CA LEU D 140 -30.33 0.60 -31.84
C LEU D 140 -29.21 -0.24 -31.24
N ASN D 141 -28.06 0.38 -30.98
CA ASN D 141 -26.97 -0.31 -30.30
C ASN D 141 -27.38 -0.76 -28.90
N THR D 142 -28.06 0.11 -28.16
CA THR D 142 -28.50 -0.26 -26.81
C THR D 142 -29.52 -1.39 -26.86
N ILE D 143 -30.46 -1.32 -27.80
CA ILE D 143 -31.44 -2.39 -27.93
C ILE D 143 -30.74 -3.71 -28.30
N ILE D 144 -29.77 -3.67 -29.20
CA ILE D 144 -29.03 -4.87 -29.56
C ILE D 144 -28.26 -5.44 -28.38
N LEU D 145 -27.61 -4.61 -27.59
CA LEU D 145 -26.89 -5.12 -26.41
C LEU D 145 -27.83 -5.73 -25.39
N LEU D 146 -28.98 -5.11 -25.12
CA LEU D 146 -29.92 -5.71 -24.19
C LEU D 146 -30.47 -7.03 -24.72
N ALA D 147 -30.70 -7.12 -26.03
CA ALA D 147 -31.14 -8.40 -26.59
C ALA D 147 -30.07 -9.47 -26.47
N SER D 148 -28.81 -9.09 -26.72
CA SER D 148 -27.72 -10.06 -26.61
C SER D 148 -27.56 -10.53 -25.17
N GLY D 149 -27.85 -9.66 -24.21
CA GLY D 149 -27.79 -10.08 -22.82
C GLY D 149 -28.75 -11.20 -22.48
N ALA D 150 -29.89 -11.26 -23.16
CA ALA D 150 -30.88 -12.30 -22.93
C ALA D 150 -30.67 -13.52 -23.83
N THR D 151 -30.10 -13.32 -25.01
CA THR D 151 -29.86 -14.45 -25.91
C THR D 151 -28.74 -15.36 -25.42
N VAL D 152 -27.90 -14.89 -24.49
CA VAL D 152 -26.82 -15.72 -23.97
C VAL D 152 -27.20 -16.49 -22.72
N THR D 153 -28.22 -16.03 -21.99
CA THR D 153 -28.73 -16.79 -20.87
C THR D 153 -29.60 -17.96 -21.31
N TRP D 154 -30.11 -17.93 -22.53
CA TRP D 154 -30.80 -19.07 -23.12
C TRP D 154 -29.83 -20.15 -23.59
N ALA D 155 -28.57 -19.80 -23.80
CA ALA D 155 -27.54 -20.79 -24.13
C ALA D 155 -26.97 -21.45 -22.88
N HIS D 156 -26.88 -20.72 -21.78
CA HIS D 156 -26.41 -21.28 -20.53
C HIS D 156 -27.47 -22.10 -19.81
N HIS D 157 -28.73 -21.98 -20.21
CA HIS D 157 -29.81 -22.80 -19.66
C HIS D 157 -30.18 -23.96 -20.58
N SER D 158 -29.47 -24.11 -21.70
CA SER D 158 -29.67 -25.24 -22.58
C SER D 158 -28.53 -26.24 -22.53
N ILE D 159 -27.39 -25.89 -21.92
CA ILE D 159 -26.32 -26.83 -21.67
C ILE D 159 -26.46 -27.50 -20.31
N LEU D 160 -27.36 -26.99 -19.46
CA LEU D 160 -27.62 -27.60 -18.16
C LEU D 160 -28.77 -28.57 -18.18
N TYR D 161 -29.67 -28.47 -19.15
CA TYR D 161 -30.78 -29.39 -19.32
C TYR D 161 -30.50 -30.41 -20.42
N LYS D 162 -29.27 -30.42 -20.94
CA LYS D 162 -28.82 -31.40 -21.92
C LYS D 162 -29.57 -31.24 -23.25
N ASP D 163 -29.48 -30.05 -23.83
CA ASP D 163 -29.93 -29.79 -25.19
C ASP D 163 -28.77 -29.21 -25.97
N ARG D 164 -28.29 -29.94 -26.99
CA ARG D 164 -27.18 -29.45 -27.78
C ARG D 164 -27.64 -28.42 -28.81
N GLN D 165 -28.59 -28.79 -29.67
CA GLN D 165 -29.23 -27.82 -30.56
C GLN D 165 -30.17 -26.95 -29.71
N GLY D 166 -29.66 -25.78 -29.37
CA GLY D 166 -30.30 -24.90 -28.41
C GLY D 166 -29.22 -24.22 -27.61
N THR D 167 -28.02 -24.76 -27.70
CA THR D 167 -26.81 -24.12 -27.21
C THR D 167 -25.92 -23.62 -28.34
N LEU D 168 -26.04 -24.19 -29.53
CA LEU D 168 -25.35 -23.70 -30.72
C LEU D 168 -26.08 -22.54 -31.35
N VAL D 169 -27.41 -22.55 -31.32
CA VAL D 169 -28.19 -21.46 -31.92
C VAL D 169 -28.06 -20.18 -31.10
N GLY D 170 -28.10 -20.29 -29.78
CA GLY D 170 -28.00 -19.12 -28.93
C GLY D 170 -26.67 -18.42 -29.07
N LEU D 171 -25.59 -19.20 -29.10
CA LEU D 171 -24.25 -18.64 -29.28
C LEU D 171 -24.08 -18.02 -30.65
N PHE D 172 -24.63 -18.65 -31.70
CA PHE D 172 -24.58 -18.07 -33.03
C PHE D 172 -25.30 -16.74 -33.09
N ILE D 173 -26.51 -16.68 -32.51
CA ILE D 173 -27.27 -15.43 -32.54
C ILE D 173 -26.55 -14.36 -31.74
N THR D 174 -25.98 -14.72 -30.59
CA THR D 174 -25.25 -13.74 -29.79
C THR D 174 -24.04 -13.21 -30.55
N THR D 175 -23.33 -14.09 -31.25
CA THR D 175 -22.19 -13.64 -32.05
C THR D 175 -22.64 -12.71 -33.16
N LEU D 176 -23.77 -13.02 -33.78
CA LEU D 176 -24.25 -12.11 -34.83
C LEU D 176 -24.89 -10.87 -34.27
N LEU D 177 -25.12 -10.74 -32.96
CA LEU D 177 -25.65 -9.52 -32.38
C LEU D 177 -24.56 -8.64 -31.78
N ILE D 178 -23.30 -9.06 -31.82
CA ILE D 178 -22.17 -8.20 -31.49
C ILE D 178 -21.43 -7.74 -32.73
N ILE D 179 -21.66 -8.39 -33.88
CA ILE D 179 -21.16 -7.87 -35.15
C ILE D 179 -21.99 -6.71 -35.66
N LEU D 180 -23.29 -6.72 -35.45
CA LEU D 180 -24.12 -5.57 -35.80
C LEU D 180 -23.83 -4.36 -34.95
N PHE D 181 -23.47 -4.54 -33.68
CA PHE D 181 -23.05 -3.41 -32.85
C PHE D 181 -21.80 -2.76 -33.43
N VAL D 182 -20.80 -3.57 -33.79
CA VAL D 182 -19.57 -3.04 -34.36
C VAL D 182 -19.84 -2.36 -35.69
N GLY D 183 -20.69 -2.95 -36.53
CA GLY D 183 -21.05 -2.31 -37.78
C GLY D 183 -21.75 -0.98 -37.56
N CYS D 184 -22.67 -0.94 -36.61
CA CYS D 184 -23.39 0.31 -36.33
C CYS D 184 -22.44 1.37 -35.82
N GLN D 185 -21.46 0.99 -35.01
CA GLN D 185 -20.54 1.97 -34.45
C GLN D 185 -19.37 2.27 -35.38
N VAL D 186 -19.25 1.58 -36.51
CA VAL D 186 -18.29 1.95 -37.55
C VAL D 186 -18.90 2.83 -38.63
N LEU D 187 -20.23 2.86 -38.75
CA LEU D 187 -20.91 3.83 -39.60
C LEU D 187 -21.27 5.11 -38.87
N GLU D 188 -21.09 5.16 -37.55
CA GLU D 188 -21.27 6.39 -36.79
C GLU D 188 -19.95 7.14 -36.59
N TYR D 189 -18.85 6.57 -37.07
CA TYR D 189 -17.59 7.29 -37.17
C TYR D 189 -17.31 7.79 -38.57
N THR D 190 -18.10 7.36 -39.56
CA THR D 190 -17.97 7.83 -40.92
C THR D 190 -19.01 8.88 -41.27
N TRP D 191 -20.00 9.08 -40.42
CA TRP D 191 -21.06 10.07 -40.61
C TRP D 191 -21.03 11.09 -39.47
N ALA D 192 -19.82 11.52 -39.11
CA ALA D 192 -19.61 12.45 -38.02
C ALA D 192 -18.96 13.73 -38.54
N THR D 193 -19.13 14.80 -37.76
CA THR D 193 -18.67 16.12 -38.18
C THR D 193 -17.76 16.76 -37.13
N PHE D 194 -17.05 15.94 -36.35
CA PHE D 194 -16.09 16.46 -35.38
C PHE D 194 -15.00 15.43 -35.19
N THR D 195 -13.75 15.87 -35.33
CA THR D 195 -12.59 15.00 -35.28
C THR D 195 -11.97 15.02 -33.89
N ILE D 196 -10.86 14.30 -33.75
CA ILE D 196 -10.24 14.12 -32.45
C ILE D 196 -9.55 15.38 -31.94
N ALA D 197 -9.23 16.32 -32.82
CA ALA D 197 -8.37 17.44 -32.46
C ALA D 197 -9.06 18.80 -32.48
N ASP D 198 -10.39 18.84 -32.57
CA ASP D 198 -11.10 20.11 -32.75
C ASP D 198 -11.66 20.61 -31.43
N SER D 199 -11.41 19.85 -30.35
CA SER D 199 -11.92 20.21 -29.04
C SER D 199 -11.46 19.21 -27.98
N VAL D 200 -11.78 19.48 -26.72
CA VAL D 200 -11.51 18.50 -25.66
C VAL D 200 -12.72 17.58 -25.59
N PHE D 201 -13.81 17.98 -26.24
CA PHE D 201 -14.98 17.13 -26.37
C PHE D 201 -14.79 16.01 -27.37
N GLY D 202 -13.98 16.21 -28.40
CA GLY D 202 -13.73 15.19 -29.38
C GLY D 202 -12.55 14.31 -29.00
N SER D 203 -11.86 14.69 -27.93
CA SER D 203 -10.74 13.91 -27.44
C SER D 203 -11.12 12.91 -26.36
N ILE D 204 -12.20 13.16 -25.63
CA ILE D 204 -12.68 12.22 -24.62
C ILE D 204 -13.88 11.43 -25.10
N PHE D 205 -14.62 11.91 -26.10
CA PHE D 205 -15.70 11.13 -26.67
C PHE D 205 -15.17 10.00 -27.54
N TYR D 206 -14.04 10.23 -28.21
CA TYR D 206 -13.38 9.21 -29.01
C TYR D 206 -12.36 8.43 -28.21
N ALA D 207 -12.29 8.67 -26.91
CA ALA D 207 -11.37 7.94 -26.06
C ALA D 207 -12.06 7.10 -25.00
N GLY D 208 -13.39 7.09 -24.96
CA GLY D 208 -14.12 6.22 -24.06
C GLY D 208 -15.02 5.28 -24.85
N THR D 209 -15.38 5.68 -26.06
CA THR D 209 -16.11 4.84 -26.98
C THR D 209 -15.20 4.15 -27.98
N GLY D 210 -13.89 4.30 -27.83
CA GLY D 210 -12.94 3.64 -28.69
C GLY D 210 -12.27 2.50 -27.95
N LEU D 211 -12.14 2.65 -26.63
CA LEU D 211 -11.74 1.54 -25.79
C LEU D 211 -12.82 0.48 -25.72
N HIS D 212 -14.09 0.89 -25.76
CA HIS D 212 -15.20 -0.05 -25.78
C HIS D 212 -15.17 -0.90 -27.05
N PHE D 213 -14.82 -0.28 -28.19
CA PHE D 213 -14.70 -1.01 -29.45
C PHE D 213 -13.67 -2.14 -29.35
N ILE D 214 -12.49 -1.82 -28.82
CA ILE D 214 -11.43 -2.80 -28.70
C ILE D 214 -11.83 -3.87 -27.70
N HIS D 215 -12.49 -3.48 -26.60
CA HIS D 215 -12.94 -4.45 -25.62
C HIS D 215 -14.06 -5.33 -26.15
N MET D 216 -14.78 -4.89 -27.18
CA MET D 216 -15.90 -5.65 -27.70
C MET D 216 -15.56 -6.51 -28.90
N VAL D 217 -14.43 -6.26 -29.56
CA VAL D 217 -13.94 -7.26 -30.53
C VAL D 217 -13.54 -8.54 -29.80
N MET D 218 -13.04 -8.42 -28.58
CA MET D 218 -12.69 -9.60 -27.79
C MET D 218 -13.90 -10.46 -27.50
N LEU D 219 -15.08 -9.84 -27.35
CA LEU D 219 -16.29 -10.63 -27.17
C LEU D 219 -16.58 -11.50 -28.39
N ILE D 220 -16.41 -10.95 -29.60
CA ILE D 220 -16.62 -11.74 -30.80
C ILE D 220 -15.63 -12.89 -30.86
N VAL D 221 -14.37 -12.64 -30.55
CA VAL D 221 -13.40 -13.73 -30.55
C VAL D 221 -13.73 -14.79 -29.51
N MET D 222 -14.09 -14.39 -28.28
CA MET D 222 -14.39 -15.35 -27.23
C MET D 222 -15.63 -16.16 -27.54
N LEU D 223 -16.64 -15.56 -28.17
CA LEU D 223 -17.83 -16.31 -28.54
C LEU D 223 -17.59 -17.24 -29.72
N ALA D 224 -16.73 -16.85 -30.66
CA ALA D 224 -16.35 -17.78 -31.71
C ALA D 224 -15.61 -18.99 -31.13
N ILE D 225 -14.72 -18.77 -30.16
CA ILE D 225 -13.95 -19.88 -29.58
C ILE D 225 -14.83 -20.70 -28.64
N CYS D 226 -16.00 -20.19 -28.28
CA CYS D 226 -16.95 -20.96 -27.48
C CYS D 226 -17.96 -21.72 -28.31
N TYR D 227 -18.29 -21.24 -29.50
CA TYR D 227 -19.08 -22.04 -30.43
C TYR D 227 -18.25 -23.14 -31.09
N ALA D 228 -17.02 -22.86 -31.49
CA ALA D 228 -16.17 -23.86 -32.11
C ALA D 228 -15.73 -24.95 -31.16
N ARG D 229 -15.68 -24.67 -29.86
CA ARG D 229 -15.32 -25.67 -28.87
C ARG D 229 -16.52 -26.41 -28.33
N MET D 230 -17.73 -26.02 -28.71
CA MET D 230 -18.95 -26.76 -28.40
C MET D 230 -19.41 -27.61 -29.57
N TYR D 231 -19.07 -27.20 -30.80
CA TYR D 231 -19.33 -28.04 -31.95
C TYR D 231 -18.57 -29.36 -31.89
N PHE D 232 -17.42 -29.37 -31.21
CA PHE D 232 -16.53 -30.52 -31.20
C PHE D 232 -16.56 -31.27 -29.87
N TYR D 233 -17.60 -31.08 -29.06
CA TYR D 233 -17.76 -31.83 -27.82
C TYR D 233 -16.62 -31.62 -26.84
N HIS D 234 -16.46 -30.40 -26.36
CA HIS D 234 -15.48 -30.14 -25.31
C HIS D 234 -16.12 -29.79 -23.97
N PHE D 235 -17.43 -29.54 -23.93
CA PHE D 235 -18.10 -29.00 -22.75
C PHE D 235 -19.03 -30.06 -22.18
N THR D 236 -18.92 -30.30 -20.87
CA THR D 236 -19.83 -31.22 -20.19
C THR D 236 -20.94 -30.42 -19.50
N SER D 237 -21.91 -31.15 -18.96
CA SER D 237 -23.10 -30.53 -18.39
C SER D 237 -22.86 -29.84 -17.06
N ASN D 238 -21.70 -30.05 -16.43
CA ASN D 238 -21.37 -29.35 -15.19
C ASN D 238 -19.95 -28.82 -15.14
N HIS D 239 -19.14 -29.02 -16.19
CA HIS D 239 -17.76 -28.54 -16.23
C HIS D 239 -17.61 -27.69 -17.48
N HIS D 240 -17.94 -26.41 -17.37
CA HIS D 240 -17.79 -25.48 -18.49
C HIS D 240 -17.39 -24.12 -17.91
N LEU D 241 -16.08 -23.84 -17.89
CA LEU D 241 -15.57 -22.61 -17.32
C LEU D 241 -15.23 -21.59 -18.40
N GLY D 242 -15.65 -21.83 -19.64
CA GLY D 242 -15.44 -20.88 -20.70
C GLY D 242 -16.68 -20.06 -20.96
N LEU D 243 -17.85 -20.70 -20.86
CA LEU D 243 -19.11 -19.96 -20.99
C LEU D 243 -19.28 -18.97 -19.84
N GLU D 244 -18.93 -19.38 -18.62
CA GLU D 244 -19.16 -18.52 -17.46
C GLU D 244 -18.33 -17.25 -17.54
N THR D 245 -17.07 -17.36 -17.96
CA THR D 245 -16.23 -16.18 -18.10
C THR D 245 -16.67 -15.28 -19.23
N THR D 246 -17.11 -15.85 -20.36
CA THR D 246 -17.58 -15.04 -21.47
C THR D 246 -18.96 -14.46 -21.23
N ILE D 247 -19.68 -14.93 -20.20
CA ILE D 247 -20.94 -14.30 -19.82
C ILE D 247 -20.75 -13.21 -18.77
N LEU D 248 -19.74 -13.32 -17.91
CA LEU D 248 -19.43 -12.27 -16.95
C LEU D 248 -18.75 -11.08 -17.61
N TYR D 249 -18.32 -11.23 -18.85
CA TYR D 249 -17.68 -10.17 -19.60
C TYR D 249 -18.68 -9.41 -20.46
N LEU D 250 -19.75 -10.07 -20.89
CA LEU D 250 -20.77 -9.41 -21.68
C LEU D 250 -21.64 -8.50 -20.82
N HIS D 251 -22.01 -8.96 -19.64
CA HIS D 251 -22.85 -8.17 -18.75
C HIS D 251 -22.14 -6.90 -18.26
N VAL D 252 -20.86 -7.01 -17.94
CA VAL D 252 -20.09 -5.84 -17.53
C VAL D 252 -20.01 -4.81 -18.65
N LEU D 253 -19.77 -5.24 -19.89
CA LEU D 253 -19.72 -4.30 -20.99
C LEU D 253 -21.09 -3.69 -21.30
N ASP D 254 -22.17 -4.45 -21.11
CA ASP D 254 -23.49 -3.85 -21.27
C ASP D 254 -23.74 -2.79 -20.21
N ILE D 255 -23.36 -3.06 -18.96
CA ILE D 255 -23.52 -2.07 -17.91
C ILE D 255 -22.67 -0.84 -18.18
N ILE D 256 -21.46 -1.03 -18.70
CA ILE D 256 -20.62 0.11 -19.06
C ILE D 256 -21.22 0.91 -20.21
N TRP D 257 -21.79 0.25 -21.21
CA TRP D 257 -22.45 0.98 -22.29
C TRP D 257 -23.64 1.77 -21.79
N LEU D 258 -24.34 1.25 -20.79
CA LEU D 258 -25.48 2.00 -20.25
C LEU D 258 -25.07 3.22 -19.44
N PHE D 259 -23.76 3.47 -19.29
CA PHE D 259 -23.24 4.69 -18.69
C PHE D 259 -22.61 5.62 -19.71
N LEU D 260 -22.14 5.10 -20.85
CA LEU D 260 -21.60 5.92 -21.91
C LEU D 260 -22.70 6.49 -22.79
N TYR D 261 -23.94 6.10 -22.53
CA TYR D 261 -25.09 6.59 -23.27
C TYR D 261 -25.89 7.65 -22.52
N ILE D 262 -25.79 7.69 -21.18
CA ILE D 262 -26.47 8.71 -20.40
C ILE D 262 -25.56 9.87 -20.03
N VAL D 263 -24.24 9.68 -20.05
CA VAL D 263 -23.28 10.72 -19.67
C VAL D 263 -22.59 11.32 -20.88
N PHE D 264 -22.68 10.69 -22.04
CA PHE D 264 -22.02 11.15 -23.25
C PHE D 264 -23.00 11.58 -24.33
N TYR D 265 -24.14 10.90 -24.47
CA TYR D 265 -25.06 11.17 -25.56
C TYR D 265 -26.26 12.01 -25.17
N TRP D 266 -26.75 11.95 -23.94
CA TRP D 266 -27.84 12.83 -23.54
C TRP D 266 -27.34 14.10 -22.88
N TRP D 267 -26.57 13.95 -21.80
CA TRP D 267 -26.11 15.11 -21.05
C TRP D 267 -25.12 15.93 -21.88
N GLY D 268 -25.37 17.23 -21.95
CA GLY D 268 -24.52 18.12 -22.73
C GLY D 268 -24.53 19.57 -22.27
N GLN E 1 -6.06 -45.49 -20.89
CA GLN E 1 -5.20 -46.26 -21.77
C GLN E 1 -5.30 -47.75 -21.45
N PHE E 2 -6.10 -48.06 -20.44
CA PHE E 2 -6.33 -49.44 -20.02
C PHE E 2 -7.74 -49.57 -19.45
N LYS E 3 -7.99 -50.64 -18.70
CA LYS E 3 -9.33 -50.90 -18.18
C LYS E 3 -9.81 -49.77 -17.28
N THR E 4 -11.10 -49.46 -17.37
CA THR E 4 -11.71 -48.37 -16.63
C THR E 4 -12.18 -48.83 -15.27
N ALA E 5 -12.15 -47.92 -14.30
CA ALA E 5 -12.58 -48.21 -12.95
C ALA E 5 -14.07 -48.01 -12.77
N THR E 6 -14.62 -48.59 -11.70
CA THR E 6 -16.02 -48.44 -11.36
C THR E 6 -16.22 -47.88 -9.96
N SER E 7 -15.20 -47.94 -9.10
CA SER E 7 -15.24 -47.39 -7.76
C SER E 7 -13.80 -47.22 -7.30
N ILE E 8 -13.60 -46.56 -6.16
CA ILE E 8 -12.22 -46.42 -5.72
C ILE E 8 -11.86 -47.63 -4.88
N ALA E 9 -11.70 -48.77 -5.56
CA ALA E 9 -11.06 -49.96 -5.03
C ALA E 9 -10.24 -50.59 -6.14
N GLU E 10 -10.53 -50.17 -7.38
CA GLU E 10 -9.98 -50.74 -8.60
C GLU E 10 -9.13 -49.72 -9.32
N VAL E 11 -8.61 -48.74 -8.59
CA VAL E 11 -7.82 -47.68 -9.19
C VAL E 11 -6.37 -47.83 -8.76
N GLU E 12 -5.54 -48.35 -9.66
CA GLU E 12 -4.14 -48.61 -9.37
C GLU E 12 -3.21 -47.60 -10.02
N GLY E 13 -3.73 -46.47 -10.47
CA GLY E 13 -2.90 -45.47 -11.11
C GLY E 13 -3.75 -44.54 -11.97
N LEU E 14 -3.07 -43.85 -12.89
CA LEU E 14 -3.72 -42.97 -13.84
C LEU E 14 -4.12 -43.70 -15.11
N GLU E 15 -3.90 -45.00 -15.17
CA GLU E 15 -4.24 -45.81 -16.32
C GLU E 15 -5.66 -46.37 -16.26
N ASN E 16 -6.37 -46.15 -15.16
CA ASN E 16 -7.70 -46.71 -14.96
C ASN E 16 -8.77 -45.63 -14.90
N LEU E 17 -8.48 -44.43 -15.40
CA LEU E 17 -9.35 -43.28 -15.22
C LEU E 17 -9.53 -42.52 -16.54
N VAL E 18 -9.80 -43.25 -17.63
CA VAL E 18 -10.08 -42.64 -18.93
C VAL E 18 -11.58 -42.53 -19.20
N GLY E 19 -12.29 -43.65 -19.11
CA GLY E 19 -13.74 -43.62 -19.19
C GLY E 19 -14.25 -43.88 -20.59
N PRO E 20 -15.51 -44.30 -20.70
CA PRO E 20 -16.12 -44.52 -22.01
C PRO E 20 -16.43 -43.18 -22.66
N GLY E 21 -17.05 -43.25 -23.84
CA GLY E 21 -17.35 -42.07 -24.64
C GLY E 21 -18.83 -41.76 -24.68
N ALA E 22 -19.13 -40.48 -24.82
CA ALA E 22 -20.49 -40.04 -25.03
C ALA E 22 -20.93 -40.33 -26.46
N LYS E 23 -22.22 -40.12 -26.73
CA LYS E 23 -22.81 -40.46 -28.01
C LYS E 23 -23.07 -39.21 -28.82
N THR E 24 -23.08 -39.38 -30.15
CA THR E 24 -23.24 -38.26 -31.06
C THR E 24 -24.65 -37.70 -30.96
N GLY E 25 -24.77 -36.44 -30.56
CA GLY E 25 -26.06 -35.80 -30.47
C GLY E 25 -26.53 -35.60 -29.05
N THR E 26 -25.60 -35.59 -28.10
CA THR E 26 -25.94 -35.40 -26.70
C THR E 26 -24.83 -34.61 -26.02
N VAL E 27 -25.19 -33.94 -24.93
CA VAL E 27 -24.23 -33.20 -24.13
C VAL E 27 -23.60 -34.17 -23.14
N PRO E 28 -22.30 -34.45 -23.24
CA PRO E 28 -21.70 -35.49 -22.40
C PRO E 28 -21.68 -35.10 -20.93
N THR E 29 -21.77 -36.12 -20.07
CA THR E 29 -21.74 -35.94 -18.64
C THR E 29 -20.33 -36.12 -18.11
N ASP E 30 -20.18 -36.05 -16.79
CA ASP E 30 -18.87 -36.18 -16.16
C ASP E 30 -18.48 -37.61 -15.84
N LEU E 31 -19.39 -38.57 -16.01
CA LEU E 31 -19.04 -39.98 -15.92
C LEU E 31 -18.63 -40.54 -17.28
N GLU E 32 -18.65 -39.73 -18.32
CA GLU E 32 -18.24 -40.14 -19.65
C GLU E 32 -17.08 -39.32 -20.19
N GLN E 33 -16.64 -38.28 -19.47
CA GLN E 33 -15.49 -37.52 -19.89
C GLN E 33 -14.76 -36.91 -18.69
N ALA E 34 -13.76 -37.60 -18.18
CA ALA E 34 -12.85 -37.07 -17.18
C ALA E 34 -11.71 -38.06 -17.01
N THR E 35 -10.48 -37.55 -17.01
CA THR E 35 -9.32 -38.41 -17.09
C THR E 35 -8.46 -38.27 -15.85
N GLY E 36 -8.04 -37.07 -15.48
CA GLY E 36 -6.94 -36.95 -14.55
C GLY E 36 -7.35 -37.00 -13.10
N LEU E 37 -7.02 -35.95 -12.36
CA LEU E 37 -7.26 -35.92 -10.93
C LEU E 37 -8.66 -35.38 -10.67
N GLU E 38 -9.45 -35.21 -11.73
CA GLU E 38 -10.83 -34.78 -11.62
C GLU E 38 -11.81 -35.93 -11.52
N ARG E 39 -11.52 -37.06 -12.14
CA ARG E 39 -12.39 -38.22 -12.05
C ARG E 39 -12.20 -38.99 -10.75
N TYR E 40 -11.02 -38.89 -10.13
CA TYR E 40 -10.82 -39.48 -8.82
C TYR E 40 -11.75 -38.84 -7.80
N GLU E 41 -11.83 -37.51 -7.81
CA GLU E 41 -12.74 -36.80 -6.91
C GLU E 41 -14.19 -37.16 -7.19
N LEU E 42 -14.56 -37.26 -8.46
CA LEU E 42 -15.93 -37.61 -8.82
C LEU E 42 -16.28 -39.00 -8.33
N LEU E 43 -15.35 -39.94 -8.46
CA LEU E 43 -15.54 -41.30 -8.01
C LEU E 43 -15.48 -41.43 -6.50
N GLY E 44 -14.92 -40.43 -5.82
CA GLY E 44 -14.89 -40.46 -4.37
C GLY E 44 -16.10 -39.84 -3.73
N LYS E 45 -16.64 -38.78 -4.35
CA LYS E 45 -17.81 -38.12 -3.80
C LYS E 45 -19.11 -38.83 -4.15
N LEU E 46 -19.06 -39.85 -4.98
CA LEU E 46 -20.23 -40.68 -5.27
C LEU E 46 -20.40 -41.81 -4.28
N GLU E 47 -19.52 -41.92 -3.31
CA GLU E 47 -19.56 -42.97 -2.31
C GLU E 47 -19.57 -42.45 -0.88
N GLY E 48 -18.89 -41.33 -0.62
CA GLY E 48 -18.78 -40.82 0.72
C GLY E 48 -17.33 -40.72 1.15
N ILE E 49 -16.42 -41.05 0.24
CA ILE E 49 -14.99 -41.04 0.52
C ILE E 49 -14.41 -39.74 0.00
N GLU E 50 -13.81 -38.96 0.89
CA GLU E 50 -13.12 -37.73 0.53
C GLU E 50 -11.65 -38.04 0.32
N VAL E 51 -11.15 -37.78 -0.88
CA VAL E 51 -9.78 -38.12 -1.22
C VAL E 51 -8.79 -37.10 -0.68
N PHE E 52 -9.23 -35.89 -0.38
CA PHE E 52 -8.35 -34.81 0.07
C PHE E 52 -8.86 -34.32 1.42
N ASP E 53 -8.21 -34.77 2.49
CA ASP E 53 -8.69 -34.48 3.83
C ASP E 53 -8.37 -33.05 4.24
N GLU E 54 -9.23 -32.50 5.10
CA GLU E 54 -9.04 -31.15 5.61
C GLU E 54 -9.34 -31.11 7.11
N THR E 55 -8.87 -32.11 7.86
CA THR E 55 -9.14 -32.19 9.28
C THR E 55 -7.90 -31.78 10.07
N PRO E 56 -7.99 -30.78 10.94
CA PRO E 56 -6.82 -30.40 11.76
C PRO E 56 -6.40 -31.51 12.70
N LEU E 57 -5.25 -31.35 13.37
CA LEU E 57 -4.71 -32.45 14.16
C LEU E 57 -5.44 -32.60 15.48
N GLU E 58 -5.08 -33.65 16.20
CA GLU E 58 -5.73 -33.97 17.46
C GLU E 58 -5.32 -32.99 18.55
N ALA E 59 -6.30 -32.41 19.23
CA ALA E 59 -6.07 -31.47 20.32
C ALA E 59 -6.91 -31.86 21.52
N VAL E 60 -6.88 -33.15 21.86
CA VAL E 60 -7.70 -33.67 22.95
C VAL E 60 -6.82 -34.23 24.06
N ARG E 61 -5.73 -34.87 23.70
CA ARG E 61 -4.87 -35.54 24.67
C ARG E 61 -3.42 -35.14 24.41
N LYS E 62 -2.62 -35.17 25.48
CA LYS E 62 -1.23 -34.76 25.43
C LYS E 62 -0.35 -35.85 24.83
N GLY E 63 0.95 -35.77 25.02
CA GLY E 63 1.79 -36.86 24.54
C GLY E 63 2.96 -37.20 25.44
N THR E 64 3.03 -38.46 25.86
CA THR E 64 4.16 -38.94 26.61
C THR E 64 5.07 -39.79 25.70
N MET E 65 6.27 -40.06 26.18
CA MET E 65 7.20 -40.86 25.39
C MET E 65 6.72 -42.31 25.27
N LYS E 66 6.10 -42.85 26.31
CA LYS E 66 5.54 -44.19 26.22
C LYS E 66 4.35 -44.24 25.26
N ASP E 67 3.51 -43.20 25.28
CA ASP E 67 2.30 -43.13 24.45
C ASP E 67 2.30 -41.85 23.64
N PRO E 68 2.98 -41.81 22.49
CA PRO E 68 3.03 -40.58 21.70
C PRO E 68 1.91 -40.49 20.68
N ILE E 69 1.54 -39.24 20.36
CA ILE E 69 0.58 -39.00 19.30
C ILE E 69 1.18 -39.44 17.96
N LEU E 70 0.45 -40.28 17.24
CA LEU E 70 0.92 -40.85 15.99
C LEU E 70 0.35 -40.06 14.81
N ILE E 71 1.22 -39.33 14.11
CA ILE E 71 0.89 -38.65 12.87
C ILE E 71 1.18 -39.58 11.71
N ASP E 72 0.27 -39.65 10.76
CA ASP E 72 0.40 -40.54 9.61
C ASP E 72 1.04 -39.78 8.45
N SER E 73 2.09 -40.35 7.87
CA SER E 73 2.80 -39.63 6.82
C SER E 73 3.28 -40.60 5.76
N TYR E 74 3.18 -40.18 4.50
CA TYR E 74 3.62 -40.97 3.36
C TYR E 74 5.09 -40.76 3.04
N ASP E 75 5.78 -39.92 3.80
CA ASP E 75 7.21 -39.68 3.67
C ASP E 75 7.87 -39.91 5.02
N ASP E 76 9.14 -39.57 5.11
CA ASP E 76 9.88 -39.72 6.35
C ASP E 76 9.69 -38.56 7.31
N TYR E 77 9.02 -37.48 6.90
CA TYR E 77 8.81 -36.33 7.75
C TYR E 77 7.47 -35.66 7.43
N ARG E 78 6.91 -35.00 8.43
CA ARG E 78 5.70 -34.22 8.27
C ARG E 78 5.75 -33.05 9.24
N TYR E 79 5.51 -31.85 8.74
CA TYR E 79 5.53 -30.66 9.59
C TYR E 79 4.24 -30.60 10.39
N VAL E 80 4.37 -30.55 11.72
CA VAL E 80 3.24 -30.55 12.62
C VAL E 80 3.29 -29.28 13.47
N GLY E 81 2.17 -28.59 13.55
CA GLY E 81 2.10 -27.36 14.33
C GLY E 81 1.29 -27.54 15.59
N CYS E 82 1.85 -27.18 16.74
CA CYS E 82 1.19 -27.37 18.02
C CYS E 82 0.73 -26.04 18.59
N THR E 83 -0.50 -26.01 19.07
CA THR E 83 -1.09 -24.86 19.74
C THR E 83 -1.65 -25.19 21.12
N GLY E 84 -1.50 -26.43 21.59
CA GLY E 84 -1.81 -26.78 22.96
C GLY E 84 -2.85 -27.86 23.04
N VAL E 85 -3.14 -28.30 24.27
CA VAL E 85 -4.11 -29.35 24.53
C VAL E 85 -5.53 -28.80 24.48
N PRO E 86 -5.84 -27.66 25.14
CA PRO E 86 -7.11 -26.97 24.87
C PRO E 86 -7.28 -26.51 23.42
N ALA E 87 -6.20 -26.58 22.64
CA ALA E 87 -6.16 -26.32 21.19
C ALA E 87 -6.06 -24.84 20.83
N ASP E 88 -6.09 -23.94 21.81
CA ASP E 88 -5.66 -22.58 21.50
C ASP E 88 -4.94 -21.92 22.67
N SER E 89 -4.28 -22.69 23.53
CA SER E 89 -3.62 -22.10 24.67
C SER E 89 -2.15 -21.79 24.37
N HIS E 90 -1.39 -22.83 24.07
CA HIS E 90 -0.03 -22.73 23.60
C HIS E 90 0.01 -21.89 22.33
N ASN E 91 1.04 -21.06 22.15
CA ASN E 91 1.23 -20.42 20.85
C ASN E 91 1.65 -21.46 19.83
N ILE E 92 1.85 -21.05 18.59
CA ILE E 92 2.16 -21.97 17.50
C ILE E 92 3.64 -22.29 17.57
N GLU E 93 3.97 -23.58 17.67
CA GLU E 93 5.34 -24.03 17.50
C GLU E 93 5.37 -25.17 16.50
N TRP E 94 6.30 -25.09 15.55
CA TRP E 94 6.39 -26.04 14.46
C TRP E 94 7.45 -27.09 14.75
N LEU E 95 7.14 -28.33 14.40
CA LEU E 95 8.00 -29.47 14.66
C LEU E 95 8.10 -30.32 13.41
N LYS E 96 9.26 -30.97 13.23
CA LYS E 96 9.47 -31.91 12.13
C LYS E 96 9.81 -33.27 12.72
N PRO E 97 8.82 -34.09 13.04
CA PRO E 97 9.12 -35.46 13.45
C PRO E 97 9.68 -36.28 12.30
N THR E 98 10.54 -37.24 12.63
CA THR E 98 11.21 -38.08 11.65
C THR E 98 11.08 -39.53 12.10
N THR E 99 11.38 -40.47 11.20
CA THR E 99 11.33 -41.89 11.53
C THR E 99 12.51 -42.35 12.39
N GLU E 100 13.40 -41.44 12.77
CA GLU E 100 14.48 -41.75 13.69
C GLU E 100 14.47 -40.91 14.96
N LYS E 101 13.65 -39.87 15.03
CA LYS E 101 13.58 -39.03 16.21
C LYS E 101 12.17 -38.47 16.35
N ASN E 102 11.81 -38.10 17.57
CA ASN E 102 10.47 -37.61 17.89
C ASN E 102 10.52 -36.13 18.23
N ALA E 103 9.51 -35.39 17.79
CA ALA E 103 9.38 -34.01 18.21
C ALA E 103 8.85 -33.93 19.65
N ARG E 104 9.19 -32.83 20.33
CA ARG E 104 8.86 -32.74 21.75
C ARG E 104 8.24 -31.43 22.20
N CYS E 105 8.20 -30.38 21.37
CA CYS E 105 7.42 -29.19 21.72
C CYS E 105 7.86 -28.49 23.01
N TRP E 106 8.95 -27.74 22.95
CA TRP E 106 9.63 -27.12 24.09
C TRP E 106 8.73 -26.43 25.10
N GLU E 107 7.51 -26.02 24.75
CA GLU E 107 6.69 -25.28 25.70
C GLU E 107 5.70 -26.13 26.48
N CYS E 108 4.87 -26.93 25.80
CA CYS E 108 3.87 -27.72 26.54
C CYS E 108 4.38 -29.13 26.83
N GLY E 109 4.91 -29.82 25.83
CA GLY E 109 5.60 -31.07 26.10
C GLY E 109 5.08 -32.29 25.36
N SER E 110 4.18 -32.09 24.40
CA SER E 110 3.63 -33.22 23.67
C SER E 110 4.68 -33.83 22.76
N VAL E 111 4.67 -35.15 22.64
CA VAL E 111 5.59 -35.89 21.79
C VAL E 111 4.83 -36.42 20.59
N TYR E 112 5.50 -36.49 19.44
CA TYR E 112 4.88 -36.92 18.19
C TYR E 112 5.74 -37.98 17.53
N LYS E 113 5.09 -38.95 16.90
CA LYS E 113 5.74 -40.07 16.23
C LYS E 113 5.15 -40.25 14.84
N LEU E 114 5.88 -40.92 13.96
CA LEU E 114 5.44 -41.12 12.58
C LEU E 114 4.93 -42.53 12.36
N ASN E 115 3.78 -42.64 11.71
CA ASN E 115 3.31 -43.88 11.13
C ASN E 115 3.56 -43.80 9.63
N PHE E 116 4.48 -44.60 9.14
CA PHE E 116 4.92 -44.57 7.74
C PHE E 116 4.01 -45.48 6.93
N LEU E 117 3.30 -44.91 5.97
CA LEU E 117 2.34 -45.66 5.17
C LEU E 117 2.85 -45.87 3.75
N ASN F 1 41.44 -39.71 37.17
CA ASN F 1 41.47 -38.30 37.50
C ASN F 1 41.89 -37.47 36.30
N ALA F 2 42.84 -37.99 35.52
CA ALA F 2 43.36 -37.26 34.37
C ALA F 2 42.27 -37.03 33.33
N THR F 3 41.31 -37.95 33.24
CA THR F 3 40.25 -37.81 32.23
C THR F 3 39.36 -36.61 32.51
N VAL F 4 39.16 -36.27 33.78
CA VAL F 4 38.22 -35.22 34.16
C VAL F 4 38.94 -33.96 34.59
N THR F 5 40.12 -34.08 35.19
CA THR F 5 40.82 -32.91 35.71
C THR F 5 41.21 -31.96 34.60
N ASN F 6 40.91 -30.68 34.80
CA ASN F 6 41.23 -29.61 33.85
C ASN F 6 40.58 -29.88 32.49
N LEU F 7 39.25 -29.93 32.51
CA LEU F 7 38.46 -30.02 31.28
C LEU F 7 38.20 -28.66 30.67
N GLU F 8 38.57 -27.57 31.34
CA GLU F 8 38.33 -26.24 30.81
C GLU F 8 39.30 -25.87 29.69
N LYS F 9 40.37 -26.64 29.50
CA LYS F 9 41.37 -26.34 28.48
C LYS F 9 41.56 -27.48 27.49
N ARG F 10 40.69 -28.49 27.51
CA ARG F 10 40.85 -29.61 26.59
C ARG F 10 39.57 -30.07 25.91
N TRP F 11 38.38 -29.59 26.30
CA TRP F 11 37.15 -30.12 25.74
C TRP F 11 37.03 -29.83 24.25
N GLU F 12 37.40 -28.63 23.82
CA GLU F 12 37.16 -28.25 22.44
C GLU F 12 38.15 -28.85 21.46
N ASP F 13 39.17 -29.56 21.95
CA ASP F 13 40.15 -30.19 21.07
C ASP F 13 39.90 -31.68 20.88
N LEU F 14 39.29 -32.35 21.87
CA LEU F 14 39.03 -33.78 21.78
C LEU F 14 38.01 -34.06 20.68
N PRO F 15 38.09 -35.22 20.03
CA PRO F 15 37.11 -35.56 18.99
C PRO F 15 35.74 -35.83 19.59
N GLU F 16 34.80 -36.14 18.72
CA GLU F 16 33.43 -36.41 19.15
C GLU F 16 33.22 -37.85 19.59
N THR F 17 34.26 -38.69 19.51
CA THR F 17 34.19 -40.05 20.00
C THR F 17 34.87 -40.21 21.35
N ASP F 18 35.55 -39.18 21.84
CA ASP F 18 36.05 -39.16 23.20
C ASP F 18 35.24 -38.24 24.11
N GLN F 19 34.23 -37.56 23.56
CA GLN F 19 33.34 -36.71 24.34
C GLN F 19 32.10 -37.44 24.81
N LYS F 20 31.64 -38.44 24.08
CA LYS F 20 30.49 -39.23 24.48
C LYS F 20 30.86 -40.34 25.45
N ASP F 21 32.14 -40.57 25.67
CA ASP F 21 32.61 -41.51 26.69
C ASP F 21 32.77 -40.87 28.05
N ILE F 22 33.15 -39.59 28.09
CA ILE F 22 33.18 -38.87 29.36
C ILE F 22 31.77 -38.59 29.85
N ILE F 23 30.85 -38.24 28.95
CA ILE F 23 29.48 -37.98 29.38
C ILE F 23 28.80 -39.28 29.83
N SER F 24 29.10 -40.39 29.16
CA SER F 24 28.52 -41.68 29.50
C SER F 24 29.21 -42.33 30.70
N GLN F 25 30.25 -41.70 31.24
CA GLN F 25 30.86 -42.14 32.48
C GLN F 25 30.51 -41.26 33.67
N LEU F 26 30.00 -40.06 33.45
CA LEU F 26 29.49 -39.21 34.52
C LEU F 26 27.99 -39.36 34.71
N SER F 27 27.30 -40.10 33.86
CA SER F 27 25.88 -40.37 34.03
C SER F 27 25.64 -41.65 34.82
N GLU F 28 26.65 -42.49 34.97
CA GLU F 28 26.60 -43.63 35.88
C GLU F 28 27.40 -43.37 37.14
N ARG F 29 27.93 -42.16 37.29
CA ARG F 29 28.63 -41.74 38.49
C ARG F 29 27.85 -40.70 39.27
N GLN F 30 26.80 -40.11 38.69
CA GLN F 30 25.91 -39.22 39.41
C GLN F 30 24.74 -39.96 40.05
N LYS F 31 24.46 -41.19 39.62
CA LYS F 31 23.40 -41.96 40.25
C LYS F 31 23.74 -42.30 41.68
N LEU F 32 25.03 -42.35 42.02
CA LEU F 32 25.42 -42.57 43.40
C LEU F 32 24.98 -41.38 44.26
N PRO F 33 24.78 -41.59 45.56
CA PRO F 33 24.41 -40.47 46.42
C PRO F 33 25.48 -39.39 46.41
N TRP F 34 25.05 -38.14 46.24
CA TRP F 34 25.99 -37.04 46.26
C TRP F 34 26.62 -36.94 47.64
N LYS F 35 27.68 -36.14 47.73
CA LYS F 35 28.67 -36.06 48.81
C LYS F 35 29.68 -37.20 48.66
N ASP F 36 29.51 -38.06 47.66
CA ASP F 36 30.52 -39.07 47.32
C ASP F 36 31.21 -38.74 46.01
N LEU F 37 30.95 -37.56 45.45
CA LEU F 37 31.57 -37.12 44.22
C LEU F 37 32.77 -36.24 44.54
N THR F 38 33.88 -36.48 43.85
CA THR F 38 35.05 -35.64 44.01
C THR F 38 34.78 -34.25 43.43
N LEU F 39 35.57 -33.28 43.88
CA LEU F 39 35.37 -31.90 43.45
C LEU F 39 35.59 -31.74 41.96
N SER F 40 36.56 -32.47 41.41
CA SER F 40 36.82 -32.37 39.98
C SER F 40 35.63 -32.83 39.16
N GLU F 41 34.93 -33.87 39.61
CA GLU F 41 33.72 -34.30 38.92
C GLU F 41 32.63 -33.24 38.99
N LYS F 42 32.49 -32.56 40.13
CA LYS F 42 31.51 -31.48 40.22
C LYS F 42 31.84 -30.36 39.25
N LYS F 43 33.12 -30.01 39.13
CA LYS F 43 33.50 -28.96 38.19
C LYS F 43 33.26 -29.40 36.74
N ALA F 44 33.59 -30.65 36.42
CA ALA F 44 33.39 -31.15 35.07
C ALA F 44 31.92 -31.16 34.70
N ALA F 45 31.06 -31.59 35.63
CA ALA F 45 29.63 -31.67 35.34
C ALA F 45 29.06 -30.29 35.05
N TRP F 46 29.53 -29.27 35.79
CA TRP F 46 29.06 -27.91 35.51
C TRP F 46 29.63 -27.38 34.21
N TYR F 47 30.87 -27.73 33.87
CA TYR F 47 31.45 -27.21 32.63
C TYR F 47 30.81 -27.82 31.40
N ILE F 48 30.43 -29.10 31.48
CA ILE F 48 29.94 -29.80 30.29
C ILE F 48 28.59 -29.26 29.82
N SER F 49 27.71 -28.90 30.74
CA SER F 49 26.34 -28.54 30.36
C SER F 49 26.16 -27.04 30.31
N PHE F 50 26.54 -26.34 31.37
CA PHE F 50 26.43 -24.88 31.42
C PHE F 50 27.84 -24.30 31.48
N GLY F 51 28.39 -24.01 30.30
CA GLY F 51 29.73 -23.49 30.21
C GLY F 51 29.93 -22.72 28.93
N GLU F 52 30.99 -21.92 28.89
CA GLU F 52 31.26 -21.03 27.77
C GLU F 52 32.04 -21.75 26.66
N TRP F 53 31.41 -22.78 26.13
CA TRP F 53 31.93 -23.50 24.97
C TRP F 53 30.78 -23.84 24.05
N GLY F 54 31.11 -24.14 22.80
CA GLY F 54 30.11 -24.57 21.85
C GLY F 54 29.07 -23.52 21.56
N PRO F 55 27.80 -23.86 21.75
CA PRO F 55 26.72 -22.94 21.40
C PRO F 55 26.50 -21.83 22.41
N ARG F 56 27.44 -21.62 23.32
CA ARG F 56 27.32 -20.61 24.36
C ARG F 56 28.47 -19.61 24.31
N ARG F 57 29.10 -19.48 23.16
CA ARG F 57 30.17 -18.52 22.94
C ARG F 57 29.59 -17.16 22.61
N PRO F 58 30.38 -16.09 22.75
CA PRO F 58 29.83 -14.75 22.51
C PRO F 58 29.90 -14.37 21.04
N VAL F 59 28.93 -13.55 20.64
CA VAL F 59 28.88 -13.07 19.26
C VAL F 59 30.11 -12.23 18.94
N HIS F 60 30.48 -11.34 19.85
CA HIS F 60 31.60 -10.42 19.68
C HIS F 60 32.62 -10.68 20.78
N THR F 61 33.82 -11.10 20.40
CA THR F 61 34.90 -11.22 21.36
C THR F 61 35.64 -9.90 21.49
N LYS F 62 36.61 -9.86 22.41
CA LYS F 62 37.35 -8.63 22.65
C LYS F 62 38.21 -8.24 21.45
N GLU F 63 38.67 -9.23 20.69
CA GLU F 63 39.54 -8.98 19.55
C GLU F 63 38.78 -8.80 18.24
N ASP F 64 37.46 -8.60 18.29
CA ASP F 64 36.67 -8.33 17.10
C ASP F 64 36.11 -6.92 17.05
N LYS F 65 35.81 -6.33 18.20
CA LYS F 65 35.42 -4.92 18.22
C LYS F 65 36.54 -4.02 17.75
N LEU F 66 37.78 -4.33 18.11
CA LEU F 66 38.92 -3.58 17.58
C LEU F 66 38.99 -3.69 16.07
N TYR F 67 38.75 -4.89 15.54
CA TYR F 67 38.76 -5.10 14.09
C TYR F 67 37.69 -4.25 13.42
N ILE F 68 36.48 -4.23 13.97
CA ILE F 68 35.42 -3.42 13.39
C ILE F 68 35.75 -1.93 13.44
N PHE F 69 36.26 -1.45 14.57
CA PHE F 69 36.57 -0.03 14.71
C PHE F 69 37.68 0.38 13.74
N TRP F 70 38.73 -0.41 13.66
CA TRP F 70 39.84 -0.09 12.77
C TRP F 70 39.54 -0.43 11.32
N GLY F 71 38.41 -1.05 11.03
CA GLY F 71 37.96 -1.15 9.67
C GLY F 71 37.13 0.07 9.27
N THR F 72 36.32 0.56 10.20
CA THR F 72 35.55 1.77 9.92
C THR F 72 36.45 2.99 9.76
N VAL F 73 37.52 3.07 10.56
CA VAL F 73 38.44 4.20 10.41
C VAL F 73 39.11 4.17 9.04
N ILE F 74 39.46 2.99 8.55
CA ILE F 74 40.15 2.87 7.26
C ILE F 74 39.14 3.00 6.13
N GLY F 75 37.86 3.06 6.47
CA GLY F 75 36.85 3.25 5.45
C GLY F 75 36.40 4.70 5.41
N ILE F 76 36.69 5.44 6.47
CA ILE F 76 36.45 6.87 6.49
C ILE F 76 37.69 7.67 6.09
N VAL F 77 38.88 7.09 6.17
CA VAL F 77 40.09 7.78 5.74
C VAL F 77 40.32 7.69 4.24
N ILE F 78 39.70 6.72 3.56
CA ILE F 78 39.83 6.58 2.11
C ILE F 78 38.89 7.54 1.38
N SER F 79 37.66 7.68 1.86
CA SER F 79 36.74 8.64 1.27
C SER F 79 37.24 10.06 1.42
N ALA F 80 37.89 10.36 2.55
CA ALA F 80 38.47 11.68 2.75
C ALA F 80 39.58 11.95 1.73
N THR F 81 40.43 10.96 1.47
CA THR F 81 41.51 11.13 0.51
C THR F 81 41.00 11.22 -0.92
N ILE F 82 39.95 10.48 -1.27
CA ILE F 82 39.35 10.57 -2.61
C ILE F 82 38.64 11.89 -2.81
N PHE F 83 37.96 12.39 -1.77
CA PHE F 83 37.28 13.69 -1.86
C PHE F 83 38.27 14.84 -1.87
N GLY F 84 39.46 14.65 -1.29
CA GLY F 84 40.47 15.71 -1.35
C GLY F 84 40.97 15.94 -2.76
N ALA F 85 41.11 14.87 -3.54
CA ALA F 85 41.58 15.01 -4.92
C ALA F 85 40.59 15.80 -5.76
N PHE F 86 39.29 15.65 -5.49
CA PHE F 86 38.26 16.37 -6.23
C PHE F 86 38.02 17.77 -5.68
N ARG F 87 38.78 18.19 -4.68
CA ARG F 87 38.61 19.51 -4.11
C ARG F 87 39.70 20.49 -4.53
N TYR F 88 40.93 20.01 -4.73
CA TYR F 88 41.98 20.88 -5.26
C TYR F 88 41.67 21.25 -6.70
N ASN F 89 41.09 20.32 -7.46
CA ASN F 89 40.78 20.55 -8.87
C ASN F 89 39.32 20.96 -9.03
N ARG F 90 39.06 22.24 -8.75
CA ARG F 90 37.73 22.81 -8.84
C ARG F 90 37.74 24.04 -9.72
N ASN F 91 36.59 24.34 -10.32
CA ASN F 91 36.39 25.60 -11.02
C ASN F 91 35.93 26.64 -10.01
N VAL F 92 36.80 27.59 -9.70
CA VAL F 92 36.52 28.64 -8.72
C VAL F 92 36.03 29.86 -9.48
N PRO F 93 34.76 30.24 -9.35
CA PRO F 93 34.28 31.44 -10.03
C PRO F 93 34.89 32.70 -9.45
N LYS F 94 34.84 33.77 -10.24
CA LYS F 94 35.45 35.04 -9.83
C LYS F 94 34.80 35.59 -8.57
N THR F 95 33.51 35.33 -8.37
CA THR F 95 32.80 35.94 -7.24
C THR F 95 33.29 35.44 -5.90
N MET F 96 33.82 34.22 -5.83
CA MET F 96 34.16 33.61 -4.54
C MET F 96 35.61 33.94 -4.18
N ASN F 97 35.79 35.20 -3.78
CA ASN F 97 37.07 35.74 -3.34
C ASN F 97 36.79 36.79 -2.26
N ARG F 98 37.77 37.00 -1.37
CA ARG F 98 37.51 37.87 -0.23
C ARG F 98 37.29 39.32 -0.62
N GLU F 99 38.05 39.83 -1.58
CA GLU F 99 37.91 41.22 -1.98
C GLU F 99 36.62 41.47 -2.76
N TRP F 100 35.96 40.41 -3.22
CA TRP F 100 34.64 40.52 -3.81
C TRP F 100 33.52 40.34 -2.79
N GLN F 101 33.76 39.57 -1.73
CA GLN F 101 32.76 39.35 -0.69
C GLN F 101 32.80 40.41 0.39
N ALA F 102 33.72 41.36 0.33
CA ALA F 102 33.69 42.53 1.19
C ALA F 102 33.02 43.72 0.54
N ALA F 103 32.96 43.75 -0.79
CA ALA F 103 32.23 44.79 -1.49
C ALA F 103 30.73 44.57 -1.43
N SER F 104 30.29 43.30 -1.43
CA SER F 104 28.87 43.02 -1.32
C SER F 104 28.34 43.40 0.06
N ASP F 105 29.19 43.31 1.08
CA ASP F 105 28.77 43.69 2.42
C ASP F 105 28.44 45.17 2.52
N GLU F 106 29.20 46.04 1.86
CA GLU F 106 28.87 47.46 1.88
C GLU F 106 27.51 47.73 1.24
N TYR F 107 27.23 47.08 0.11
CA TYR F 107 25.94 47.23 -0.53
C TYR F 107 24.80 46.74 0.37
N LEU F 108 25.00 45.58 1.01
CA LEU F 108 23.97 45.07 1.90
C LEU F 108 23.87 45.88 3.18
N LYS F 109 24.87 46.70 3.48
CA LYS F 109 24.79 47.59 4.64
C LYS F 109 24.04 48.86 4.31
N SER F 110 24.29 49.43 3.12
CA SER F 110 23.60 50.65 2.73
C SER F 110 22.10 50.43 2.66
N LYS F 111 21.68 49.42 1.91
CA LYS F 111 20.30 48.93 1.96
C LYS F 111 20.23 47.95 3.13
N ASN F 112 19.71 48.44 4.26
CA ASN F 112 19.70 47.69 5.51
C ASN F 112 19.07 46.31 5.33
N ALA F 113 19.87 45.27 5.46
CA ALA F 113 19.44 43.91 5.17
C ALA F 113 19.83 43.00 6.31
N GLU F 114 18.93 42.10 6.69
CA GLU F 114 19.12 41.25 7.85
C GLU F 114 19.34 42.09 9.10
N PRO F 115 18.38 42.94 9.50
CA PRO F 115 18.56 43.74 10.72
C PRO F 115 18.72 42.85 11.95
N PHE F 116 18.02 41.73 11.90
CA PHE F 116 18.14 40.64 12.85
C PHE F 116 19.40 39.85 12.52
N THR F 117 19.42 38.58 12.94
CA THR F 117 20.61 37.81 13.32
C THR F 117 21.92 38.20 12.66
N GLY F 118 21.97 38.30 11.33
CA GLY F 118 23.17 38.84 10.73
C GLY F 118 23.21 38.76 9.22
N TYR F 119 24.04 39.62 8.64
CA TYR F 119 24.44 39.54 7.24
C TYR F 119 25.95 39.42 7.17
N SER F 120 26.42 38.47 6.36
CA SER F 120 27.85 38.36 6.12
C SER F 120 28.09 37.46 4.91
N GLN F 121 28.74 37.98 3.88
CA GLN F 121 28.99 37.22 2.66
C GLN F 121 30.43 36.74 2.56
N ILE F 122 31.16 36.72 3.67
CA ILE F 122 32.57 36.39 3.63
C ILE F 122 32.76 34.95 4.11
N GLN F 123 33.24 34.10 3.22
CA GLN F 123 33.61 32.73 3.57
C GLN F 123 34.90 32.35 2.87
N SER F 124 35.69 33.35 2.52
CA SER F 124 36.97 33.17 1.82
C SER F 124 36.84 32.33 0.55
N GLU G 1 -4.49 -12.77 36.00
CA GLU G 1 -5.67 -13.22 36.73
C GLU G 1 -5.30 -14.22 37.82
N GLU G 2 -4.22 -14.95 37.61
CA GLU G 2 -3.76 -15.95 38.56
C GLU G 2 -3.23 -15.29 39.82
N THR G 3 -3.47 -15.93 40.96
CA THR G 3 -3.01 -15.46 42.25
C THR G 3 -1.75 -16.22 42.65
N TYR G 4 -1.08 -15.72 43.70
CA TYR G 4 0.14 -16.36 44.17
C TYR G 4 -0.11 -17.77 44.66
N GLU G 5 -1.21 -17.97 45.40
CA GLU G 5 -1.51 -19.27 46.01
C GLU G 5 -2.01 -20.30 45.00
N GLU G 6 -2.30 -19.90 43.77
CA GLU G 6 -2.62 -20.86 42.71
C GLU G 6 -1.43 -21.18 41.84
N PHE G 7 -0.59 -20.17 41.56
CA PHE G 7 0.69 -20.40 40.90
C PHE G 7 1.55 -21.36 41.70
N SER G 8 1.65 -21.14 43.02
CA SER G 8 2.49 -21.95 43.89
C SER G 8 1.85 -23.28 44.28
N GLN G 9 0.76 -23.67 43.61
CA GLN G 9 0.22 -25.01 43.76
C GLN G 9 0.30 -25.72 42.42
N ARG G 10 -0.03 -25.00 41.35
CA ARG G 10 0.04 -25.60 40.02
C ARG G 10 1.47 -25.96 39.66
N TYR G 11 2.44 -25.11 40.01
CA TYR G 11 3.80 -25.50 39.65
C TYR G 11 4.37 -26.59 40.55
N GLU G 12 3.91 -26.69 41.79
CA GLU G 12 4.27 -27.86 42.60
C GLU G 12 3.74 -29.15 41.97
N LYS G 13 2.48 -29.13 41.53
CA LYS G 13 1.91 -30.31 40.89
C LYS G 13 2.65 -30.67 39.62
N GLU G 14 3.04 -29.68 38.82
CA GLU G 14 3.81 -29.98 37.62
C GLU G 14 5.19 -30.55 37.96
N PHE G 15 5.83 -30.01 39.00
CA PHE G 15 7.14 -30.53 39.37
C PHE G 15 7.08 -31.94 39.93
N ASP G 16 5.92 -32.37 40.46
CA ASP G 16 5.79 -33.70 41.02
C ASP G 16 5.38 -34.73 39.96
N GLU G 17 5.49 -34.39 38.68
CA GLU G 17 5.15 -35.36 37.64
C GLU G 17 6.10 -35.34 36.45
N ALA G 18 7.25 -34.66 36.53
CA ALA G 18 8.25 -34.77 35.47
C ALA G 18 8.94 -36.12 35.53
N TYR G 19 9.19 -36.71 34.36
CA TYR G 19 9.75 -38.04 34.28
C TYR G 19 11.10 -38.13 33.58
N ASP G 20 11.59 -37.04 32.97
CA ASP G 20 12.90 -37.03 32.36
C ASP G 20 13.55 -35.68 32.66
N LEU G 21 14.77 -35.48 32.16
CA LEU G 21 15.48 -34.22 32.33
C LEU G 21 14.96 -33.11 31.43
N PHE G 22 14.53 -33.47 30.22
CA PHE G 22 13.95 -32.48 29.31
C PHE G 22 12.72 -31.85 29.93
N GLU G 23 11.85 -32.65 30.54
CA GLU G 23 10.66 -32.10 31.17
C GLU G 23 11.00 -31.27 32.39
N VAL G 24 12.00 -31.69 33.17
CA VAL G 24 12.39 -30.92 34.35
C VAL G 24 12.89 -29.55 33.95
N GLN G 25 13.74 -29.48 32.92
CA GLN G 25 14.23 -28.20 32.47
C GLN G 25 13.15 -27.38 31.79
N ARG G 26 12.20 -28.01 31.10
CA ARG G 26 11.08 -27.28 30.54
C ARG G 26 10.25 -26.63 31.64
N VAL G 27 9.94 -27.37 32.70
CA VAL G 27 9.15 -26.80 33.78
C VAL G 27 9.90 -25.72 34.54
N LEU G 28 11.22 -25.88 34.74
CA LEU G 28 11.98 -24.81 35.36
C LEU G 28 12.06 -23.56 34.50
N ASN G 29 12.18 -23.72 33.18
CA ASN G 29 12.35 -22.56 32.30
C ASN G 29 11.08 -21.77 32.11
N ASN G 30 9.91 -22.39 32.18
CA ASN G 30 8.64 -21.68 32.10
C ASN G 30 8.15 -21.20 33.46
N CYS G 31 8.89 -21.48 34.53
CA CYS G 31 8.57 -20.98 35.85
C CYS G 31 9.31 -19.68 36.15
N PHE G 32 10.57 -19.59 35.74
CA PHE G 32 11.33 -18.34 35.84
C PHE G 32 11.10 -17.42 34.65
N SER G 33 9.85 -17.20 34.27
CA SER G 33 9.53 -16.28 33.18
C SER G 33 8.24 -15.54 33.46
N TYR G 34 7.90 -15.34 34.72
CA TYR G 34 6.70 -14.64 35.15
C TYR G 34 7.12 -13.41 35.94
N ASP G 35 6.13 -12.72 36.52
CA ASP G 35 6.40 -11.60 37.40
C ASP G 35 6.60 -12.02 38.85
N ILE G 36 6.23 -13.26 39.19
CA ILE G 36 6.31 -13.75 40.57
C ILE G 36 7.60 -14.55 40.73
N VAL G 37 8.41 -14.19 41.72
CA VAL G 37 9.56 -15.04 42.05
C VAL G 37 9.05 -16.31 42.71
N PRO G 38 9.57 -17.48 42.39
CA PRO G 38 9.05 -18.72 42.97
C PRO G 38 9.26 -18.76 44.49
N SER G 39 8.30 -19.37 45.17
CA SER G 39 8.34 -19.48 46.62
C SER G 39 9.35 -20.53 47.03
N PRO G 40 9.79 -20.51 48.30
CA PRO G 40 10.74 -21.52 48.77
C PRO G 40 10.19 -22.94 48.73
N ALA G 41 8.87 -23.11 48.76
CA ALA G 41 8.30 -24.45 48.70
C ALA G 41 8.41 -25.05 47.30
N VAL G 42 8.19 -24.22 46.27
CA VAL G 42 8.30 -24.72 44.89
C VAL G 42 9.73 -25.14 44.57
N ILE G 43 10.70 -24.30 44.96
CA ILE G 43 12.10 -24.66 44.75
C ILE G 43 12.51 -25.89 45.54
N GLY G 44 11.82 -26.18 46.64
CA GLY G 44 12.07 -27.41 47.37
C GLY G 44 11.66 -28.62 46.59
N LYS G 45 10.57 -28.49 45.82
CA LYS G 45 10.15 -29.58 44.94
C LYS G 45 11.05 -29.68 43.72
N ALA G 46 11.57 -28.54 43.24
CA ALA G 46 12.44 -28.57 42.07
C ALA G 46 13.71 -29.37 42.33
N LEU G 47 14.29 -29.22 43.52
CA LEU G 47 15.50 -29.96 43.83
C LEU G 47 15.25 -31.46 43.95
N ASN G 48 14.13 -31.87 44.55
CA ASN G 48 13.79 -33.29 44.56
C ASN G 48 13.54 -33.82 43.15
N ALA G 49 12.93 -33.01 42.29
CA ALA G 49 12.74 -33.42 40.91
C ALA G 49 14.08 -33.57 40.19
N CYS G 50 15.04 -32.71 40.48
CA CYS G 50 16.37 -32.86 39.91
C CYS G 50 17.13 -34.03 40.49
N ARG G 51 16.78 -34.47 41.70
CA ARG G 51 17.36 -35.68 42.27
C ARG G 51 16.77 -36.96 41.70
N ARG G 52 15.48 -36.98 41.40
CA ARG G 52 14.88 -38.18 40.79
C ARG G 52 15.44 -38.42 39.39
N VAL G 53 15.59 -37.35 38.61
CA VAL G 53 16.12 -37.49 37.26
C VAL G 53 17.64 -37.62 37.26
N ASN G 54 18.28 -37.48 38.42
CA ASN G 54 19.72 -37.69 38.56
C ASN G 54 20.55 -36.70 37.75
N ASP G 55 20.44 -35.41 38.07
CA ASP G 55 21.25 -34.38 37.43
C ASP G 55 21.83 -33.45 38.48
N TYR G 56 23.08 -33.05 38.29
CA TYR G 56 23.76 -32.17 39.25
C TYR G 56 23.81 -30.72 38.80
N ALA G 57 24.15 -30.49 37.52
CA ALA G 57 24.30 -29.13 37.03
C ALA G 57 23.00 -28.34 37.16
N THR G 58 21.85 -29.01 37.04
CA THR G 58 20.59 -28.31 37.18
C THR G 58 20.29 -27.94 38.62
N ALA G 59 20.75 -28.73 39.59
CA ALA G 59 20.54 -28.38 40.99
C ALA G 59 21.40 -27.20 41.42
N VAL G 60 22.50 -26.94 40.73
CA VAL G 60 23.34 -25.78 41.05
C VAL G 60 22.93 -24.57 40.23
N ARG G 61 22.44 -24.78 39.01
CA ARG G 61 22.06 -23.64 38.19
C ARG G 61 20.72 -23.04 38.63
N VAL G 62 19.93 -23.79 39.40
CA VAL G 62 18.71 -23.21 39.95
C VAL G 62 19.03 -22.10 40.94
N PHE G 63 20.02 -22.32 41.81
CA PHE G 63 20.39 -21.31 42.78
C PHE G 63 21.05 -20.10 42.12
N GLU G 64 21.58 -20.26 40.92
CA GLU G 64 22.17 -19.15 40.17
C GLU G 64 21.13 -18.34 39.42
N GLY G 65 19.85 -18.71 39.50
CA GLY G 65 18.80 -17.93 38.88
C GLY G 65 18.10 -17.03 39.88
N LEU G 66 18.06 -17.46 41.14
CA LEU G 66 17.50 -16.64 42.19
C LEU G 66 18.31 -15.36 42.37
N LYS G 67 19.63 -15.42 42.16
CA LYS G 67 20.45 -14.23 42.28
C LYS G 67 20.11 -13.18 41.25
N HIS G 68 19.66 -13.60 40.07
CA HIS G 68 19.28 -12.66 39.01
C HIS G 68 17.82 -12.24 39.10
N LYS G 69 16.94 -13.11 39.61
CA LYS G 69 15.54 -12.76 39.74
C LYS G 69 15.29 -11.80 40.91
N VAL G 70 15.92 -12.06 42.05
CA VAL G 70 15.68 -11.24 43.23
C VAL G 70 16.18 -9.81 43.01
N GLU G 71 15.43 -8.85 43.54
CA GLU G 71 15.73 -7.43 43.37
C GLU G 71 16.96 -6.99 44.13
N THR G 72 17.11 -7.37 45.40
CA THR G 72 18.23 -6.93 46.20
C THR G 72 19.03 -8.12 46.71
N LYS G 73 20.02 -7.86 47.57
CA LYS G 73 20.88 -8.92 48.07
C LYS G 73 20.42 -9.49 49.41
N GLU G 74 19.67 -8.73 50.21
CA GLU G 74 19.15 -9.28 51.45
C GLU G 74 18.14 -10.39 51.18
N GLN G 75 17.30 -10.22 50.16
CA GLN G 75 16.34 -11.27 49.81
C GLN G 75 17.04 -12.54 49.36
N TYR G 76 18.13 -12.41 48.61
CA TYR G 76 18.89 -13.59 48.19
C TYR G 76 19.47 -14.32 49.39
N ASP G 77 19.99 -13.57 50.38
CA ASP G 77 20.51 -14.20 51.59
C ASP G 77 19.41 -14.71 52.51
N ALA G 78 18.17 -14.28 52.31
CA ALA G 78 17.05 -14.84 53.05
C ALA G 78 16.48 -16.09 52.39
N TYR G 79 16.64 -16.22 51.08
CA TYR G 79 16.27 -17.46 50.40
C TYR G 79 17.23 -18.59 50.74
N LEU G 80 18.47 -18.27 51.06
CA LEU G 80 19.50 -19.25 51.34
C LEU G 80 19.55 -19.65 52.81
N GLU G 81 18.68 -19.09 53.65
CA GLU G 81 18.60 -19.49 55.05
C GLU G 81 17.34 -20.28 55.37
N GLU G 82 16.40 -20.37 54.43
CA GLU G 82 15.28 -21.30 54.54
C GLU G 82 15.47 -22.54 53.70
N LEU G 83 16.21 -22.44 52.60
CA LEU G 83 16.60 -23.60 51.80
C LEU G 83 18.01 -24.06 52.17
N LYS G 84 18.21 -24.37 53.45
CA LYS G 84 19.50 -24.82 53.93
C LYS G 84 19.53 -26.29 54.33
N ASP G 85 18.47 -26.80 54.94
CA ASP G 85 18.43 -28.22 55.25
C ASP G 85 18.22 -29.07 54.01
N VAL G 86 17.52 -28.53 53.00
CA VAL G 86 17.40 -29.23 51.72
C VAL G 86 18.76 -29.34 51.05
N ARG G 87 19.61 -28.33 51.21
CA ARG G 87 20.93 -28.35 50.58
C ARG G 87 21.89 -29.27 51.32
N GLU G 88 21.90 -29.21 52.65
CA GLU G 88 22.88 -29.99 53.40
C GLU G 88 22.50 -31.44 53.55
N GLU G 89 21.37 -31.88 53.02
CA GLU G 89 21.02 -33.30 52.96
C GLU G 89 21.29 -33.89 51.59
N LEU G 90 20.89 -33.18 50.52
CA LEU G 90 21.17 -33.64 49.17
C LEU G 90 22.66 -33.56 48.86
N GLY G 91 23.28 -32.43 49.18
CA GLY G 91 24.68 -32.20 48.87
C GLY G 91 24.95 -31.15 47.82
N ILE G 92 24.00 -30.23 47.56
CA ILE G 92 24.17 -29.23 46.52
C ILE G 92 25.10 -28.12 47.01
N ASP G 93 26.06 -27.74 46.17
CA ASP G 93 26.99 -26.67 46.46
C ASP G 93 26.76 -25.53 45.47
N LEU G 94 26.76 -24.29 45.97
CA LEU G 94 26.54 -23.15 45.11
C LEU G 94 27.78 -22.90 44.24
N LYS G 95 27.57 -22.13 43.16
CA LYS G 95 28.65 -21.88 42.22
C LYS G 95 29.79 -21.10 42.86
N GLU G 96 29.47 -20.16 43.75
CA GLU G 96 30.52 -19.36 44.38
C GLU G 96 31.27 -20.11 45.47
N GLU G 97 30.90 -21.37 45.74
CA GLU G 97 31.71 -22.23 46.58
C GLU G 97 32.57 -23.20 45.78
N LEU G 98 32.26 -23.43 44.51
CA LEU G 98 33.07 -24.26 43.63
C LEU G 98 34.13 -23.47 42.89
N PHE G 99 33.83 -22.25 42.49
CA PHE G 99 34.69 -21.47 41.61
C PHE G 99 34.90 -22.22 40.29
N PRO G 100 33.82 -22.47 39.53
CA PRO G 100 33.89 -23.34 38.34
C PRO G 100 34.76 -22.77 37.24
N THR H 1 -12.49 -41.85 -35.90
CA THR H 1 -13.84 -42.42 -35.95
C THR H 1 -14.90 -41.34 -35.96
N ALA H 2 -15.86 -41.45 -35.03
CA ALA H 2 -16.92 -40.46 -34.90
C ALA H 2 -16.38 -39.17 -34.31
N THR H 3 -17.25 -38.21 -34.03
CA THR H 3 -16.84 -36.93 -33.47
C THR H 3 -16.27 -37.04 -32.07
N GLU H 4 -16.47 -38.18 -31.40
CA GLU H 4 -15.87 -38.44 -30.09
C GLU H 4 -14.50 -39.11 -30.24
N LYS H 5 -13.53 -38.32 -30.67
CA LYS H 5 -12.13 -38.66 -30.54
C LYS H 5 -11.57 -38.30 -29.19
N ILE H 6 -12.39 -37.72 -28.30
CA ILE H 6 -11.94 -37.21 -27.02
C ILE H 6 -11.46 -38.36 -26.15
N ILE H 7 -11.91 -39.57 -26.44
CA ILE H 7 -11.53 -40.74 -25.64
C ILE H 7 -10.38 -41.42 -26.36
N GLU H 8 -9.87 -40.78 -27.41
CA GLU H 8 -8.69 -41.26 -28.11
C GLU H 8 -7.51 -40.31 -28.05
N LEU H 9 -7.73 -39.01 -27.98
CA LEU H 9 -6.66 -38.06 -27.74
C LEU H 9 -6.34 -37.93 -26.25
N GLN H 10 -7.17 -38.48 -25.38
CA GLN H 10 -6.87 -38.56 -23.96
C GLN H 10 -6.01 -39.76 -23.60
N LYS H 11 -5.89 -40.73 -24.51
CA LYS H 11 -4.92 -41.80 -24.37
C LYS H 11 -3.61 -41.48 -25.08
N PHE H 12 -3.52 -40.33 -25.73
CA PHE H 12 -2.34 -39.92 -26.48
C PHE H 12 -1.54 -38.85 -25.77
N TYR H 13 -2.19 -37.81 -25.26
CA TYR H 13 -1.47 -36.77 -24.54
C TYR H 13 -0.91 -37.29 -23.22
N GLN H 14 -1.50 -38.34 -22.68
CA GLN H 14 -0.88 -39.13 -21.62
C GLN H 14 -0.04 -40.22 -22.28
N SER H 15 1.16 -40.45 -21.75
CA SER H 15 2.13 -41.32 -22.39
C SER H 15 2.53 -40.78 -23.75
N THR H 16 3.11 -39.58 -23.79
CA THR H 16 3.47 -38.94 -25.06
C THR H 16 4.97 -38.92 -25.27
N ASN H 17 5.73 -38.59 -24.23
CA ASN H 17 7.19 -38.49 -24.20
C ASN H 17 7.71 -37.21 -24.85
N LYS H 18 6.85 -36.29 -25.24
CA LYS H 18 7.23 -34.99 -25.76
C LYS H 18 6.44 -33.90 -25.05
N PRO H 19 6.90 -32.65 -25.10
CA PRO H 19 6.15 -31.57 -24.48
C PRO H 19 4.77 -31.40 -25.11
N ILE H 20 3.84 -30.92 -24.30
CA ILE H 20 2.44 -30.87 -24.70
C ILE H 20 2.17 -29.89 -25.83
N TYR H 21 3.11 -29.01 -26.15
CA TYR H 21 2.91 -28.03 -27.22
C TYR H 21 3.50 -28.50 -28.55
N ALA H 22 4.11 -29.68 -28.59
CA ALA H 22 4.67 -30.20 -29.83
C ALA H 22 4.44 -31.69 -29.98
N ALA H 23 3.33 -32.20 -29.43
CA ALA H 23 3.06 -33.63 -29.43
C ALA H 23 2.21 -34.07 -30.61
N HIS H 24 1.16 -33.31 -30.94
CA HIS H 24 0.32 -33.66 -32.06
C HIS H 24 1.09 -33.47 -33.37
N PRO H 25 0.76 -34.25 -34.40
CA PRO H 25 1.43 -34.06 -35.70
C PRO H 25 0.85 -32.90 -36.50
N ARG H 26 0.65 -31.77 -35.82
CA ARG H 26 0.23 -30.51 -36.45
C ARG H 26 0.95 -29.30 -35.90
N SER H 27 1.70 -29.43 -34.81
CA SER H 27 2.34 -28.27 -34.19
C SER H 27 3.43 -27.67 -35.05
N LYS H 28 3.88 -28.37 -36.10
CA LYS H 28 4.86 -27.79 -37.01
C LYS H 28 4.31 -26.53 -37.66
N TYR H 29 3.08 -26.61 -38.17
CA TYR H 29 2.51 -25.50 -38.93
C TYR H 29 2.29 -24.27 -38.05
N TYR H 30 2.14 -24.47 -36.74
CA TYR H 30 1.98 -23.35 -35.82
C TYR H 30 3.32 -22.82 -35.31
N LEU H 31 4.30 -23.70 -35.11
CA LEU H 31 5.53 -23.33 -34.43
C LEU H 31 6.66 -22.91 -35.37
N ILE H 32 6.62 -23.30 -36.64
CA ILE H 32 7.70 -22.89 -37.54
C ILE H 32 7.52 -21.43 -37.93
N PRO H 33 6.37 -21.02 -38.45
CA PRO H 33 6.19 -19.59 -38.77
C PRO H 33 6.36 -18.64 -37.59
N TYR H 34 5.86 -19.01 -36.42
CA TYR H 34 5.95 -18.11 -35.27
C TYR H 34 7.39 -17.89 -34.84
N PHE H 35 8.14 -18.99 -34.63
CA PHE H 35 9.54 -18.87 -34.24
C PHE H 35 10.40 -18.28 -35.35
N GLY H 36 9.98 -18.42 -36.60
CA GLY H 36 10.73 -17.83 -37.69
C GLY H 36 10.56 -16.34 -37.77
N LEU H 37 9.32 -15.86 -37.66
CA LEU H 37 9.06 -14.43 -37.73
C LEU H 37 9.46 -13.70 -36.45
N LEU H 38 9.49 -14.38 -35.31
CA LEU H 38 9.95 -13.73 -34.09
C LEU H 38 11.41 -13.32 -34.18
N GLY H 39 12.26 -14.17 -34.76
CA GLY H 39 13.66 -13.83 -34.91
C GLY H 39 13.95 -12.79 -35.97
N VAL H 40 12.97 -12.48 -36.80
CA VAL H 40 13.09 -11.37 -37.73
C VAL H 40 12.59 -10.08 -37.09
N SER H 41 11.48 -10.15 -36.35
CA SER H 41 10.96 -8.96 -35.67
C SER H 41 11.94 -8.47 -34.60
N VAL H 42 12.55 -9.41 -33.84
CA VAL H 42 13.49 -9.00 -32.81
C VAL H 42 14.84 -8.59 -33.37
N ALA H 43 15.15 -8.97 -34.61
CA ALA H 43 16.36 -8.49 -35.27
C ALA H 43 16.13 -7.22 -36.08
N ALA H 44 14.88 -6.81 -36.26
CA ALA H 44 14.57 -5.54 -36.90
C ALA H 44 14.40 -4.39 -35.92
N THR H 45 14.17 -4.67 -34.63
CA THR H 45 14.10 -3.64 -33.61
C THR H 45 15.44 -3.39 -32.94
N LEU H 46 16.47 -4.14 -33.30
CA LEU H 46 17.80 -3.91 -32.77
C LEU H 46 18.75 -3.35 -33.83
N PHE H 47 18.34 -3.31 -35.09
CA PHE H 47 19.08 -2.60 -36.13
C PHE H 47 18.63 -1.16 -36.27
N TYR H 48 17.40 -0.84 -35.88
CA TYR H 48 16.89 0.52 -35.92
C TYR H 48 16.97 1.23 -34.58
N THR H 49 17.29 0.51 -33.50
CA THR H 49 17.52 1.13 -32.20
C THR H 49 19.00 1.30 -31.91
N GLY H 50 19.87 0.91 -32.82
CA GLY H 50 21.29 1.20 -32.72
C GLY H 50 21.68 2.13 -33.84
N ARG H 51 20.91 2.08 -34.92
CA ARG H 51 21.02 3.01 -36.02
C ARG H 51 20.43 4.37 -35.69
N ALA H 52 19.56 4.46 -34.69
CA ALA H 52 18.98 5.72 -34.25
C ALA H 52 19.86 6.44 -33.24
N CYS H 53 20.60 5.69 -32.43
CA CYS H 53 21.56 6.30 -31.50
C CYS H 53 22.66 7.04 -32.25
N PHE H 54 23.00 6.61 -33.46
CA PHE H 54 24.02 7.25 -34.27
C PHE H 54 23.49 8.42 -35.08
N GLY H 55 22.20 8.72 -34.97
CA GLY H 55 21.62 9.86 -35.65
C GLY H 55 21.14 9.62 -37.06
N ILE H 56 21.26 8.40 -37.58
CA ILE H 56 20.87 8.11 -38.95
C ILE H 56 19.35 7.96 -39.02
N LYS H 57 18.73 8.69 -39.93
CA LYS H 57 17.30 8.62 -40.19
C LYS H 57 17.07 8.11 -41.60
N ASP H 58 15.83 7.68 -41.87
CA ASP H 58 15.45 7.22 -43.19
C ASP H 58 14.50 8.20 -43.86
N ASP I 1 20.87 -34.13 -6.99
CA ASP I 1 22.04 -33.26 -6.89
C ASP I 1 21.75 -32.06 -6.01
N VAL I 2 20.70 -32.16 -5.18
CA VAL I 2 20.34 -31.07 -4.29
C VAL I 2 21.45 -30.86 -3.27
N GLY I 3 21.82 -29.60 -3.08
CA GLY I 3 22.92 -29.26 -2.20
C GLY I 3 23.14 -27.78 -2.11
N PRO I 4 24.31 -27.38 -1.60
CA PRO I 4 24.53 -25.95 -1.31
C PRO I 4 24.82 -25.10 -2.54
N TYR I 5 25.24 -25.70 -3.65
CA TYR I 5 25.52 -24.94 -4.88
C TYR I 5 24.62 -25.47 -6.01
N SER I 6 23.35 -25.66 -5.72
CA SER I 6 22.43 -26.28 -6.67
C SER I 6 21.30 -25.38 -7.14
N ASN I 7 21.01 -24.28 -6.45
CA ASN I 7 19.96 -23.37 -6.87
C ASN I 7 20.50 -22.07 -7.45
N LEU I 8 21.76 -22.02 -7.86
CA LEU I 8 22.37 -20.84 -8.45
C LEU I 8 22.54 -21.00 -9.96
N PRO I 9 22.16 -19.98 -10.74
CA PRO I 9 22.33 -20.10 -12.19
C PRO I 9 23.77 -20.20 -12.66
N PHE I 10 24.74 -19.79 -11.85
CA PHE I 10 26.14 -19.75 -12.25
C PHE I 10 26.95 -20.74 -11.45
N LYS I 11 28.12 -21.09 -11.99
CA LYS I 11 28.99 -22.08 -11.39
C LYS I 11 30.07 -21.41 -10.56
N VAL I 12 30.36 -21.97 -9.39
CA VAL I 12 31.28 -21.33 -8.45
C VAL I 12 32.47 -22.20 -8.08
N LYS I 13 32.43 -23.51 -8.31
CA LYS I 13 33.56 -24.37 -8.00
C LYS I 13 33.82 -25.34 -9.14
N ASN I 14 35.06 -25.80 -9.25
CA ASN I 14 35.48 -26.65 -10.36
C ASN I 14 35.27 -25.94 -11.68
N ARG I 15 35.99 -24.84 -11.89
CA ARG I 15 35.75 -23.95 -13.01
C ARG I 15 37.08 -23.56 -13.63
N ARG I 16 37.10 -23.40 -14.96
CA ARG I 16 38.36 -23.11 -15.64
C ARG I 16 38.85 -21.71 -15.31
N VAL I 17 38.07 -20.69 -15.68
CA VAL I 17 38.38 -19.31 -15.33
C VAL I 17 37.91 -19.06 -13.89
N PRO I 18 38.74 -18.49 -13.03
CA PRO I 18 38.34 -18.26 -11.64
C PRO I 18 37.13 -17.34 -11.52
N TYR I 19 36.35 -17.54 -10.46
CA TYR I 19 35.09 -16.82 -10.29
C TYR I 19 35.30 -15.32 -10.11
N ALA I 20 36.50 -14.92 -9.71
CA ALA I 20 36.77 -13.50 -9.44
C ALA I 20 36.54 -12.64 -10.68
N VAL I 21 36.92 -13.14 -11.85
CA VAL I 21 36.72 -12.39 -13.10
C VAL I 21 35.23 -12.16 -13.37
N PRO I 22 34.40 -13.20 -13.38
CA PRO I 22 32.97 -12.97 -13.58
C PRO I 22 32.34 -12.11 -12.51
N HIS I 23 32.79 -12.20 -11.26
CA HIS I 23 32.18 -11.39 -10.23
C HIS I 23 32.57 -9.92 -10.40
N PHE I 24 33.84 -9.65 -10.70
CA PHE I 24 34.30 -8.28 -10.86
C PHE I 24 33.66 -7.63 -12.08
N LEU I 25 33.52 -8.38 -13.18
CA LEU I 25 33.02 -7.79 -14.41
C LEU I 25 31.58 -7.31 -14.26
N PHE I 26 30.78 -8.02 -13.47
CA PHE I 26 29.39 -7.66 -13.27
C PHE I 26 29.27 -6.27 -12.64
N PHE I 27 29.97 -6.06 -11.53
CA PHE I 27 29.93 -4.76 -10.85
C PHE I 27 30.63 -3.69 -11.68
N ALA I 28 31.68 -4.05 -12.43
CA ALA I 28 32.35 -3.07 -13.26
C ALA I 28 31.41 -2.54 -14.34
N ILE I 29 30.71 -3.43 -15.04
CA ILE I 29 29.76 -3.00 -16.06
C ILE I 29 28.63 -2.20 -15.43
N GLY I 30 28.15 -2.66 -14.28
CA GLY I 30 27.05 -1.97 -13.62
C GLY I 30 27.40 -0.54 -13.23
N MET I 31 28.61 -0.33 -12.73
CA MET I 31 29.04 1.00 -12.31
C MET I 31 29.76 1.77 -13.41
N GLY I 32 29.86 1.19 -14.61
CA GLY I 32 30.44 1.92 -15.72
C GLY I 32 29.47 2.29 -16.82
N ILE I 33 28.31 1.63 -16.86
CA ILE I 33 27.30 1.99 -17.86
C ILE I 33 26.83 3.43 -17.73
N PRO I 34 26.50 3.95 -16.54
CA PRO I 34 25.95 5.32 -16.47
C PRO I 34 26.96 6.42 -16.74
N PHE I 35 28.22 6.10 -17.06
CA PHE I 35 29.17 7.10 -17.56
C PHE I 35 29.26 7.14 -19.07
N PHE I 36 28.99 6.02 -19.74
CA PHE I 36 29.00 6.02 -21.19
C PHE I 36 27.91 6.90 -21.77
N ALA I 37 26.73 6.91 -21.13
CA ALA I 37 25.65 7.79 -21.58
C ALA I 37 26.05 9.25 -21.46
N CYS I 38 26.67 9.62 -20.34
CA CYS I 38 27.13 10.99 -20.16
C CYS I 38 28.18 11.36 -21.20
N TYR I 39 29.11 10.44 -21.48
CA TYR I 39 30.11 10.71 -22.51
C TYR I 39 29.47 10.92 -23.87
N VAL I 40 28.49 10.08 -24.22
CA VAL I 40 27.85 10.20 -25.52
C VAL I 40 27.12 11.54 -25.65
N GLN I 41 26.36 11.91 -24.61
CA GLN I 41 25.60 13.16 -24.71
C GLN I 41 26.48 14.38 -24.55
N LEU I 42 27.67 14.24 -23.96
CA LEU I 42 28.60 15.36 -23.92
C LEU I 42 29.33 15.54 -25.24
N LYS I 43 29.65 14.43 -25.92
CA LYS I 43 30.31 14.51 -27.21
C LYS I 43 29.33 14.73 -28.36
N ARG I 44 28.03 14.67 -28.12
CA ARG I 44 27.05 14.97 -29.14
C ARG I 44 26.63 16.44 -29.13
N SER I 45 27.14 17.24 -28.20
CA SER I 45 26.75 18.64 -28.11
C SER I 45 27.97 19.55 -27.95
N GLY I 46 29.02 19.29 -28.72
CA GLY I 46 30.16 20.18 -28.77
C GLY I 46 31.11 20.08 -27.59
N SER I 47 30.59 20.26 -26.37
CA SER I 47 31.45 20.37 -25.20
C SER I 47 32.23 19.09 -24.93
N ILE I 48 33.55 19.15 -25.16
CA ILE I 48 34.55 18.10 -24.90
C ILE I 48 34.05 16.67 -25.02
N SER J 1 7.00 -10.90 54.37
CA SER J 1 8.41 -11.01 54.72
C SER J 1 9.30 -10.79 53.51
N LEU J 2 10.54 -11.28 53.59
CA LEU J 2 11.52 -11.10 52.54
C LEU J 2 11.55 -12.26 51.55
N THR J 3 10.66 -13.23 51.70
CA THR J 3 10.60 -14.38 50.79
C THR J 3 9.31 -14.38 49.98
N ARG J 4 8.79 -13.20 49.64
CA ARG J 4 7.52 -13.06 48.92
C ARG J 4 7.61 -11.82 48.06
N ILE J 5 7.97 -12.00 46.79
CA ILE J 5 8.09 -10.91 45.82
C ILE J 5 7.11 -11.19 44.69
N GLN J 6 6.25 -10.22 44.39
CA GLN J 6 5.15 -10.44 43.45
C GLN J 6 5.26 -9.61 42.19
N GLY J 7 5.37 -8.29 42.32
CA GLY J 7 5.39 -7.44 41.14
C GLY J 7 6.59 -6.52 41.09
N SER J 8 7.44 -6.68 40.09
CA SER J 8 8.62 -5.83 39.99
C SER J 8 8.75 -5.22 38.60
N VAL J 9 8.26 -5.92 37.58
CA VAL J 9 8.35 -5.40 36.21
C VAL J 9 7.44 -4.20 36.03
N LYS J 10 6.26 -4.21 36.65
CA LYS J 10 5.31 -3.12 36.49
C LYS J 10 5.86 -1.81 37.06
N ARG J 11 6.54 -1.89 38.20
CA ARG J 11 7.15 -0.69 38.76
C ARG J 11 8.26 -0.17 37.85
N ARG J 12 9.01 -1.07 37.22
CA ARG J 12 10.01 -0.64 36.25
C ARG J 12 9.36 0.08 35.08
N ILE J 13 8.22 -0.44 34.60
CA ILE J 13 7.54 0.20 33.49
C ILE J 13 7.06 1.60 33.89
N LEU J 14 6.48 1.72 35.07
CA LEU J 14 6.00 3.03 35.51
C LEU J 14 7.13 4.01 35.77
N THR J 15 8.29 3.53 36.20
CA THR J 15 9.43 4.43 36.39
C THR J 15 10.07 4.82 35.07
N ASP J 16 9.98 3.96 34.05
CA ASP J 16 10.54 4.27 32.75
C ASP J 16 9.60 5.05 31.85
N ILE J 17 8.31 5.11 32.19
CA ILE J 17 7.38 5.96 31.44
C ILE J 17 7.17 7.31 32.09
N SER J 18 7.47 7.45 33.39
CA SER J 18 7.37 8.71 34.08
C SER J 18 8.68 9.47 34.12
N VAL J 19 9.72 8.94 33.47
CA VAL J 19 10.99 9.63 33.33
C VAL J 19 11.32 9.94 31.88
N GLY J 20 10.71 9.24 30.92
CA GLY J 20 10.88 9.55 29.53
C GLY J 20 9.95 10.66 29.09
N LEU J 21 9.01 11.03 29.96
CA LEU J 21 8.11 12.15 29.72
C LEU J 21 8.56 13.43 30.42
N THR J 22 9.03 13.33 31.67
CA THR J 22 9.60 14.50 32.32
C THR J 22 10.84 14.99 31.58
N LEU J 23 11.69 14.06 31.15
CA LEU J 23 12.87 14.43 30.38
C LEU J 23 12.47 15.07 29.05
N GLY J 24 11.46 14.51 28.40
CA GLY J 24 11.01 15.07 27.13
C GLY J 24 10.46 16.47 27.28
N PHE J 25 9.62 16.68 28.30
CA PHE J 25 9.10 18.01 28.57
C PHE J 25 10.21 18.98 28.99
N GLY J 26 11.28 18.47 29.57
CA GLY J 26 12.41 19.34 29.88
C GLY J 26 13.10 19.85 28.63
N PHE J 27 13.30 18.98 27.65
CA PHE J 27 13.94 19.34 26.40
C PHE J 27 13.01 20.06 25.45
N ALA J 28 11.72 20.14 25.78
CA ALA J 28 10.76 20.90 24.99
C ALA J 28 10.35 22.21 25.63
N SER J 29 10.63 22.39 26.93
CA SER J 29 10.41 23.66 27.60
C SER J 29 11.62 24.58 27.49
N TYR J 30 12.65 24.15 26.76
CA TYR J 30 13.78 25.00 26.44
C TYR J 30 13.70 25.56 25.02
N TRP J 31 13.03 24.87 24.11
CA TRP J 31 12.80 25.37 22.77
C TRP J 31 11.78 26.49 22.72
N TRP J 32 10.98 26.66 23.78
CA TRP J 32 9.91 27.64 23.79
C TRP J 32 10.16 28.76 24.78
N TRP J 33 11.17 28.61 25.64
CA TRP J 33 11.50 29.72 26.53
C TRP J 33 12.97 30.11 26.47
N GLY J 34 13.77 29.58 25.55
CA GLY J 34 15.13 30.04 25.38
C GLY J 34 15.56 30.17 23.94
N VAL J 35 14.70 29.75 23.00
CA VAL J 35 15.07 29.74 21.59
C VAL J 35 14.05 30.52 20.76
N HIS J 36 12.81 30.59 21.23
CA HIS J 36 11.74 31.23 20.48
C HIS J 36 11.35 32.59 21.06
N LYS J 37 11.06 32.64 22.37
CA LYS J 37 10.59 33.88 22.97
C LYS J 37 11.59 35.02 22.87
N PRO J 38 12.88 34.84 23.17
CA PRO J 38 13.83 35.95 23.00
C PRO J 38 13.93 36.45 21.56
N THR J 39 13.77 35.58 20.57
CA THR J 39 13.76 36.05 19.19
C THR J 39 12.58 36.97 18.91
N VAL J 40 11.40 36.62 19.43
CA VAL J 40 10.23 37.48 19.25
C VAL J 40 10.44 38.81 19.95
N ALA J 41 11.02 38.78 21.16
CA ALA J 41 11.28 40.02 21.88
C ALA J 41 12.25 40.91 21.11
N HIS J 42 13.33 40.33 20.59
CA HIS J 42 14.30 41.09 19.81
C HIS J 42 13.66 41.69 18.57
N ARG J 43 12.83 40.91 17.89
CA ARG J 43 12.14 41.40 16.69
C ARG J 43 11.24 42.58 17.03
N GLU J 44 10.49 42.48 18.13
CA GLU J 44 9.60 43.59 18.49
C GLU J 44 10.39 44.83 18.90
N ASN J 45 11.46 44.66 19.68
CA ASN J 45 12.25 45.83 20.07
C ASN J 45 12.90 46.49 18.86
N TYR J 46 13.21 45.72 17.81
CA TYR J 46 13.70 46.37 16.60
C TYR J 46 12.64 47.25 15.95
N TYR J 47 11.38 46.84 15.95
CA TYR J 47 10.32 47.61 15.31
C TYR J 47 9.79 48.73 16.19
N ILE J 48 10.07 48.73 17.48
CA ILE J 48 9.66 49.85 18.33
C ILE J 48 10.82 50.84 18.44
N GLU J 49 11.82 50.68 17.59
CA GLU J 49 12.92 51.64 17.49
C GLU J 49 13.14 52.19 16.08
N LEU J 50 12.84 51.42 15.04
CA LEU J 50 12.84 51.93 13.68
C LEU J 50 11.70 52.91 13.42
N ALA J 51 10.66 52.90 14.25
CA ALA J 51 9.51 53.78 14.09
C ALA J 51 9.71 55.11 14.81
N LYS J 52 10.43 55.09 15.94
CA LYS J 52 10.68 56.33 16.67
C LYS J 52 11.56 57.28 15.88
N LYS J 53 12.50 56.72 15.10
CA LYS J 53 13.31 57.57 14.23
C LYS J 53 12.45 58.25 13.18
N LYS J 54 11.51 57.51 12.59
CA LYS J 54 10.61 58.11 11.61
C LYS J 54 9.73 59.17 12.25
N LYS J 55 9.26 58.92 13.48
CA LYS J 55 8.43 59.92 14.16
C LYS J 55 9.22 61.19 14.43
N ALA J 56 10.48 61.07 14.81
CA ALA J 56 11.31 62.23 15.05
C ALA J 56 11.62 62.96 13.76
#